data_5E1Q
#
_entry.id   5E1Q
#
_cell.length_a   60.620
_cell.length_b   100.624
_cell.length_c   237.079
_cell.angle_alpha   90.000
_cell.angle_beta   90.000
_cell.angle_gamma   90.000
#
_symmetry.space_group_name_H-M   'P 21 21 21'
#
loop_
_entity.id
_entity.type
_entity.pdbx_description
1 polymer 'Retaining alpha-galactosidase'
2 branched alpha-D-galactopyranose-(1-1)-[beta-D-galactopyranose-(1-4)]beta-D-glucopyranose
3 non-polymer 'CALCIUM ION'
4 non-polymer GLYCEROL
5 water water
#
_entity_poly.entity_id   1
_entity_poly.type   'polypeptide(L)'
_entity_poly.pdbx_seq_one_letter_code
;MNHKVHHHHHHIEGRHMELSPDGNLKTTITIGDRLTYDITCNGRQILTPSPISMTLDNGTVWGENAKLSGTSRKSVDEMI
PSPFYRASELRNHYNGLTLRFKKDWNVEFRAYNDGIAYRFVNQGKKPFRVVTEVSDYCFPSDMTASVPYVKSGKDGDYNS
QFFNSFENTYTTDKLSKLNKQRLMFLPLVVDAGDGVKVCITESDLENYPGLYLSASEGANRLSSMHAPYPKRTVQGGHNQ
LQMLVKEHEDYIAKVDKPRNFPWRIAVVTTTDKDLAATNLSYLLGAPSRMSDLSWIKPGKVAWDWWNDWNLDGVDFVTGV
NNPTYKAYIDFASANGIEYVILDEGWAVNLQADLMQVVKEIDLKELVDYAASKNVGIILWAGYHAFERDMENVCRHYAEM
GVKGFKVGFMDRDDQEMTAFNYRAAEMCAKYKLILDLHGTHKPAGLNRTYPNVLNFEGVNGLEQMKWSSPSVDQVKYDVM
IPFIRQVSGPMDYTQGAMRNASKGNYYPCYSEPMSQGTRCRQLALYVVFESPFNMLCDTPSNYMREPESTAFIAEIPTVW
DESIVLDGKMGEYIVTARRKGDVWYVGGITDWSARDIEVDCSFLGDKSYHATLFKDGVNAHRAGRDYKCESFPIKKDGKL
KVHLAPGGGFALKIK
;
_entity_poly.pdbx_strand_id   A,B
#
loop_
_chem_comp.id
_chem_comp.type
_chem_comp.name
_chem_comp.formula
BGC D-saccharide, beta linking beta-D-glucopyranose 'C6 H12 O6'
CA non-polymer 'CALCIUM ION' 'Ca 2'
GAL D-saccharide, beta linking beta-D-galactopyranose 'C6 H12 O6'
GLA D-saccharide, alpha linking alpha-D-galactopyranose 'C6 H12 O6'
GOL non-polymer GLYCEROL 'C3 H8 O3'
#
# COMPACT_ATOMS: atom_id res chain seq x y z
N GLY A 14 -8.65 -26.38 -9.89
CA GLY A 14 -8.04 -25.19 -9.32
C GLY A 14 -6.65 -25.45 -8.78
N ARG A 15 -5.65 -25.36 -9.64
CA ARG A 15 -4.26 -25.59 -9.24
C ARG A 15 -3.40 -24.33 -9.42
N HIS A 16 -2.79 -23.88 -8.32
CA HIS A 16 -1.97 -22.68 -8.35
C HIS A 16 -0.55 -22.97 -7.89
N MET A 17 0.44 -22.51 -8.66
CA MET A 17 1.83 -22.76 -8.28
C MET A 17 2.54 -21.46 -8.00
N GLU A 18 3.43 -21.50 -7.03
CA GLU A 18 4.28 -20.35 -6.74
C GLU A 18 5.69 -20.81 -6.46
N LEU A 19 6.66 -20.08 -7.02
CA LEU A 19 8.08 -20.43 -6.88
C LEU A 19 8.89 -19.36 -6.16
N SER A 20 9.94 -19.77 -5.47
CA SER A 20 10.87 -18.85 -4.83
C SER A 20 11.64 -18.10 -5.92
N PRO A 21 12.18 -16.93 -5.59
CA PRO A 21 12.91 -16.17 -6.63
C PRO A 21 14.01 -16.96 -7.33
N ASP A 22 14.71 -17.86 -6.62
CA ASP A 22 15.77 -18.63 -7.25
C ASP A 22 15.24 -19.91 -7.89
N GLY A 23 13.95 -20.18 -7.75
CA GLY A 23 13.33 -21.32 -8.41
C GLY A 23 13.54 -22.68 -7.74
N ASN A 24 14.24 -22.72 -6.62
CA ASN A 24 14.52 -24.01 -6.00
C ASN A 24 13.39 -24.48 -5.07
N LEU A 25 12.59 -23.55 -4.57
CA LEU A 25 11.46 -23.89 -3.73
C LEU A 25 10.14 -23.58 -4.41
N LYS A 26 9.22 -24.53 -4.43
CA LYS A 26 7.91 -24.22 -5.01
C LYS A 26 6.80 -24.92 -4.23
N THR A 27 5.66 -24.24 -4.17
CA THR A 27 4.50 -24.78 -3.51
C THR A 27 3.36 -24.89 -4.50
N THR A 28 2.64 -26.00 -4.44
CA THR A 28 1.48 -26.19 -5.28
C THR A 28 0.22 -26.16 -4.41
N ILE A 29 -0.66 -25.20 -4.71
CA ILE A 29 -1.88 -25.02 -3.94
C ILE A 29 -3.08 -25.59 -4.69
N THR A 30 -3.76 -26.56 -4.09
CA THR A 30 -4.88 -27.19 -4.79
C THR A 30 -6.19 -26.82 -4.10
N ILE A 31 -7.16 -26.33 -4.88
CA ILE A 31 -8.47 -25.99 -4.34
C ILE A 31 -9.49 -27.05 -4.71
N GLY A 32 -9.86 -27.90 -3.75
CA GLY A 32 -10.84 -28.94 -3.98
C GLY A 32 -11.84 -29.03 -2.85
N ASP A 33 -12.25 -30.25 -2.47
CA ASP A 33 -13.08 -30.42 -1.26
C ASP A 33 -12.37 -29.77 -0.10
N ARG A 34 -11.05 -29.87 -0.11
CA ARG A 34 -10.22 -29.21 0.87
C ARG A 34 -9.24 -28.27 0.16
N LEU A 35 -8.65 -27.36 0.92
CA LEU A 35 -7.62 -26.46 0.43
C LEU A 35 -6.26 -26.94 0.90
N THR A 36 -5.37 -27.26 -0.04
CA THR A 36 -4.06 -27.83 0.34
C THR A 36 -2.88 -27.11 -0.30
N TYR A 37 -1.71 -27.29 0.30
CA TYR A 37 -0.46 -26.83 -0.29
C TYR A 37 0.64 -27.85 -0.04
N ASP A 38 1.61 -27.90 -0.94
CA ASP A 38 2.73 -28.79 -0.76
C ASP A 38 4.03 -28.01 -0.87
N ILE A 39 5.14 -28.68 -0.66
CA ILE A 39 6.44 -28.05 -0.83
C ILE A 39 7.38 -28.97 -1.56
N THR A 40 7.99 -28.44 -2.61
CA THR A 40 9.01 -29.14 -3.37
C THR A 40 10.33 -28.38 -3.26
N CYS A 41 11.41 -29.09 -2.98
CA CYS A 41 12.73 -28.49 -2.91
C CYS A 41 13.65 -29.15 -3.93
N ASN A 42 14.12 -28.36 -4.90
CA ASN A 42 14.96 -28.86 -5.99
C ASN A 42 14.43 -30.11 -6.66
N GLY A 43 13.11 -30.15 -6.85
CA GLY A 43 12.49 -31.27 -7.52
C GLY A 43 11.95 -32.33 -6.57
N ARG A 44 12.45 -32.35 -5.32
CA ARG A 44 12.05 -33.35 -4.36
C ARG A 44 10.91 -32.85 -3.48
N GLN A 45 9.86 -33.65 -3.39
CA GLN A 45 8.69 -33.27 -2.60
C GLN A 45 8.93 -33.56 -1.11
N ILE A 46 9.07 -32.50 -0.32
CA ILE A 46 9.35 -32.70 1.09
C ILE A 46 8.11 -32.48 1.96
N LEU A 47 7.10 -31.81 1.42
CA LEU A 47 5.80 -31.75 2.10
C LEU A 47 4.75 -32.17 1.10
N THR A 48 3.97 -33.19 1.41
CA THR A 48 2.91 -33.64 0.50
C THR A 48 1.71 -32.69 0.69
N PRO A 49 0.67 -32.76 -0.19
CA PRO A 49 -0.43 -31.81 -0.03
C PRO A 49 -1.00 -31.73 1.38
N SER A 50 -0.81 -30.58 2.03
CA SER A 50 -1.19 -30.41 3.42
C SER A 50 -2.37 -29.45 3.57
N PRO A 51 -3.48 -29.93 4.13
CA PRO A 51 -4.71 -29.15 4.29
C PRO A 51 -4.65 -28.05 5.35
N ILE A 52 -5.26 -26.92 5.01
CA ILE A 52 -5.41 -25.79 5.92
C ILE A 52 -6.88 -25.38 5.95
N SER A 53 -7.35 -24.92 7.12
CA SER A 53 -8.72 -24.45 7.22
C SER A 53 -8.94 -23.72 8.53
N MET A 54 -10.02 -22.96 8.60
CA MET A 54 -10.46 -22.33 9.83
C MET A 54 -11.96 -22.53 9.99
N THR A 55 -12.37 -23.11 11.11
CA THR A 55 -13.78 -23.40 11.35
C THR A 55 -14.38 -22.28 12.18
N LEU A 56 -15.49 -21.71 11.72
CA LEU A 56 -16.10 -20.60 12.45
C LEU A 56 -17.33 -21.04 13.24
N ASP A 57 -17.74 -20.21 14.20
CA ASP A 57 -18.84 -20.60 15.08
C ASP A 57 -20.18 -20.58 14.35
N ASN A 58 -20.25 -19.90 13.20
CA ASN A 58 -21.48 -19.92 12.42
C ASN A 58 -21.53 -21.10 11.46
N GLY A 59 -20.63 -22.06 11.62
CA GLY A 59 -20.66 -23.25 10.79
C GLY A 59 -19.82 -23.14 9.54
N THR A 60 -19.49 -21.91 9.15
CA THR A 60 -18.63 -21.67 8.00
C THR A 60 -17.24 -22.25 8.23
N VAL A 61 -16.74 -22.97 7.25
CA VAL A 61 -15.38 -23.51 7.32
C VAL A 61 -14.53 -23.00 6.16
N TRP A 62 -13.73 -21.97 6.40
CA TRP A 62 -12.81 -21.47 5.37
C TRP A 62 -11.84 -22.53 4.92
N GLY A 63 -11.99 -23.00 3.69
CA GLY A 63 -11.06 -23.96 3.15
C GLY A 63 -11.70 -25.26 2.74
N GLU A 64 -12.95 -25.45 3.13
CA GLU A 64 -13.72 -26.58 2.60
C GLU A 64 -14.68 -26.09 1.52
N ASN A 65 -14.59 -26.71 0.35
CA ASN A 65 -15.38 -26.33 -0.81
C ASN A 65 -15.26 -24.85 -1.12
N ALA A 66 -14.03 -24.34 -1.00
CA ALA A 66 -13.77 -22.92 -1.13
C ALA A 66 -14.09 -22.42 -2.54
N LYS A 67 -14.73 -21.25 -2.61
CA LYS A 67 -15.07 -20.64 -3.89
C LYS A 67 -14.18 -19.44 -4.17
N LEU A 68 -13.23 -19.62 -5.08
CA LEU A 68 -12.28 -18.57 -5.47
C LEU A 68 -12.96 -17.44 -6.24
N SER A 69 -12.77 -16.21 -5.81
CA SER A 69 -13.38 -15.06 -6.48
C SER A 69 -12.35 -14.23 -7.22
N GLY A 70 -11.07 -14.40 -6.88
CA GLY A 70 -10.00 -13.72 -7.56
C GLY A 70 -8.60 -14.02 -7.05
N THR A 71 -7.57 -13.64 -7.81
CA THR A 71 -6.18 -13.78 -7.38
C THR A 71 -5.37 -12.53 -7.68
N SER A 72 -4.24 -12.38 -7.00
CA SER A 72 -3.26 -11.35 -7.36
C SER A 72 -1.87 -11.86 -7.02
N ARG A 73 -0.88 -11.49 -7.82
CA ARG A 73 0.50 -11.90 -7.61
C ARG A 73 1.39 -10.68 -7.59
N LYS A 74 2.50 -10.79 -6.88
CA LYS A 74 3.50 -9.73 -6.87
C LYS A 74 4.87 -10.32 -6.62
N SER A 75 5.91 -9.61 -7.05
CA SER A 75 7.29 -9.99 -6.80
C SER A 75 7.96 -8.86 -6.05
N VAL A 76 8.36 -9.14 -4.83
CA VAL A 76 8.86 -8.12 -3.90
C VAL A 76 10.33 -8.35 -3.56
N ASP A 77 11.12 -7.27 -3.63
CA ASP A 77 12.50 -7.30 -3.14
C ASP A 77 12.78 -5.98 -2.42
N GLU A 78 12.77 -6.02 -1.10
CA GLU A 78 12.89 -4.81 -0.28
C GLU A 78 13.70 -5.06 0.98
N MET A 79 14.24 -3.98 1.55
CA MET A 79 14.97 -4.05 2.81
C MET A 79 14.07 -3.59 3.96
N ILE A 80 13.95 -4.43 4.98
CA ILE A 80 13.15 -4.09 6.16
C ILE A 80 14.11 -3.65 7.26
N PRO A 81 13.94 -2.43 7.79
CA PRO A 81 14.78 -2.00 8.91
C PRO A 81 14.56 -2.89 10.13
N SER A 82 15.68 -3.31 10.71
CA SER A 82 15.65 -4.21 11.86
C SER A 82 16.52 -3.70 13.01
N PRO A 83 16.11 -2.61 13.66
CA PRO A 83 16.87 -2.05 14.78
C PRO A 83 16.87 -2.98 15.99
N PHE A 84 17.89 -2.84 16.83
CA PHE A 84 18.03 -3.65 18.05
C PHE A 84 17.97 -5.15 17.74
N TYR A 85 18.67 -5.58 16.70
CA TYR A 85 18.66 -6.98 16.30
C TYR A 85 20.00 -7.43 15.66
N ARG A 86 19.95 -8.28 14.64
CA ARG A 86 21.16 -8.89 14.07
C ARG A 86 21.77 -8.13 12.90
N ALA A 87 21.08 -7.11 12.40
CA ALA A 87 21.56 -6.36 11.26
C ALA A 87 20.85 -5.02 11.19
N SER A 88 21.41 -4.08 10.43
CA SER A 88 20.77 -2.77 10.31
C SER A 88 19.45 -2.93 9.57
N GLU A 89 19.44 -3.85 8.61
CA GLU A 89 18.23 -4.18 7.87
C GLU A 89 18.28 -5.59 7.30
N LEU A 90 17.10 -6.14 7.00
CA LEU A 90 16.98 -7.52 6.54
C LEU A 90 16.34 -7.58 5.14
N ARG A 91 16.82 -8.48 4.28
CA ARG A 91 16.29 -8.55 2.94
C ARG A 91 15.01 -9.38 2.85
N ASN A 92 13.98 -8.74 2.30
CA ASN A 92 12.67 -9.34 2.16
C ASN A 92 12.43 -9.59 0.67
N HIS A 93 12.68 -10.82 0.23
CA HIS A 93 12.74 -11.14 -1.21
C HIS A 93 11.87 -12.36 -1.50
N TYR A 94 10.73 -12.15 -2.17
CA TYR A 94 9.80 -13.26 -2.34
C TYR A 94 8.83 -13.08 -3.50
N ASN A 95 8.21 -14.17 -3.90
CA ASN A 95 7.06 -14.11 -4.80
C ASN A 95 5.81 -14.37 -4.00
N GLY A 96 4.82 -13.50 -4.17
CA GLY A 96 3.61 -13.54 -3.38
C GLY A 96 2.38 -13.85 -4.21
N LEU A 97 1.49 -14.62 -3.63
CA LEU A 97 0.24 -15.01 -4.27
C LEU A 97 -0.90 -14.79 -3.29
N THR A 98 -1.90 -14.03 -3.69
CA THR A 98 -3.07 -13.87 -2.84
C THR A 98 -4.28 -14.53 -3.47
N LEU A 99 -4.88 -15.44 -2.72
CA LEU A 99 -6.11 -16.10 -3.16
C LEU A 99 -7.28 -15.46 -2.43
N ARG A 100 -8.18 -14.88 -3.19
CA ARG A 100 -9.36 -14.20 -2.67
C ARG A 100 -10.59 -15.10 -2.85
N PHE A 101 -11.26 -15.41 -1.74
CA PHE A 101 -12.43 -16.30 -1.77
C PHE A 101 -13.74 -15.58 -1.44
N LYS A 102 -14.85 -16.16 -1.90
CA LYS A 102 -16.16 -15.66 -1.54
C LYS A 102 -16.43 -15.88 -0.06
N LYS A 103 -17.22 -14.98 0.52
CA LYS A 103 -17.48 -14.85 1.97
C LYS A 103 -16.40 -14.05 2.69
N ASP A 104 -15.70 -13.19 1.94
CA ASP A 104 -14.84 -12.16 2.51
C ASP A 104 -13.61 -12.67 3.28
N TRP A 105 -12.96 -13.71 2.77
CA TRP A 105 -11.68 -14.16 3.34
C TRP A 105 -10.68 -14.50 2.23
N ASN A 106 -9.40 -14.26 2.52
CA ASN A 106 -8.31 -14.56 1.60
C ASN A 106 -7.27 -15.46 2.26
N VAL A 107 -6.43 -16.07 1.44
CA VAL A 107 -5.22 -16.71 1.94
C VAL A 107 -4.06 -16.20 1.11
N GLU A 108 -3.04 -15.69 1.81
CA GLU A 108 -1.82 -15.20 1.19
C GLU A 108 -0.70 -16.23 1.34
N PHE A 109 -0.02 -16.51 0.23
CA PHE A 109 1.14 -17.38 0.23
C PHE A 109 2.36 -16.55 -0.16
N ARG A 110 3.49 -16.82 0.45
CA ARG A 110 4.75 -16.21 0.03
C ARG A 110 5.78 -17.31 -0.20
N ALA A 111 6.53 -17.20 -1.28
CA ALA A 111 7.62 -18.13 -1.55
C ALA A 111 8.96 -17.41 -1.48
N TYR A 112 9.70 -17.67 -0.40
CA TYR A 112 11.07 -17.19 -0.25
C TYR A 112 12.06 -18.27 -0.64
N ASN A 113 13.31 -17.88 -0.87
CA ASN A 113 14.31 -18.87 -1.23
C ASN A 113 14.49 -19.87 -0.10
N ASP A 114 14.17 -19.46 1.13
CA ASP A 114 14.34 -20.35 2.29
C ASP A 114 13.06 -20.66 3.06
N GLY A 115 11.90 -20.55 2.40
CA GLY A 115 10.66 -20.95 3.05
C GLY A 115 9.37 -20.67 2.30
N ILE A 116 8.35 -21.44 2.62
CA ILE A 116 6.99 -21.18 2.20
C ILE A 116 6.20 -20.74 3.43
N ALA A 117 5.39 -19.69 3.29
CA ALA A 117 4.57 -19.20 4.39
C ALA A 117 3.17 -18.84 3.90
N TYR A 118 2.17 -19.06 4.74
CA TYR A 118 0.82 -18.63 4.41
C TYR A 118 0.11 -18.03 5.62
N ARG A 119 -0.91 -17.22 5.35
CA ARG A 119 -1.78 -16.72 6.41
C ARG A 119 -3.19 -16.49 5.86
N PHE A 120 -4.18 -16.70 6.73
CA PHE A 120 -5.54 -16.31 6.46
C PHE A 120 -5.71 -14.84 6.73
N VAL A 121 -6.64 -14.25 6.00
CA VAL A 121 -6.98 -12.84 6.15
C VAL A 121 -8.48 -12.67 6.25
N ASN A 122 -8.94 -12.03 7.33
CA ASN A 122 -10.35 -11.71 7.48
C ASN A 122 -10.68 -10.34 6.90
N GLN A 123 -11.60 -10.30 5.96
CA GLN A 123 -12.04 -9.01 5.44
C GLN A 123 -13.54 -8.86 5.69
N GLY A 124 -14.11 -9.79 6.46
CA GLY A 124 -15.51 -9.72 6.82
C GLY A 124 -15.75 -8.61 7.81
N LYS A 125 -16.95 -8.04 7.77
CA LYS A 125 -17.26 -6.87 8.60
C LYS A 125 -17.93 -7.28 9.91
N LYS A 126 -18.54 -8.46 9.87
CA LYS A 126 -19.33 -8.95 11.00
C LYS A 126 -18.44 -9.76 11.93
N PRO A 127 -18.55 -9.50 13.24
CA PRO A 127 -17.78 -10.23 14.25
C PRO A 127 -18.10 -11.72 14.21
N PHE A 128 -17.14 -12.55 14.61
CA PHE A 128 -17.36 -13.99 14.69
C PHE A 128 -16.33 -14.62 15.62
N ARG A 129 -16.36 -15.95 15.72
CA ARG A 129 -15.36 -16.66 16.52
C ARG A 129 -14.74 -17.83 15.76
N VAL A 130 -13.46 -18.07 15.99
CA VAL A 130 -12.80 -19.22 15.40
C VAL A 130 -12.94 -20.39 16.34
N VAL A 131 -13.61 -21.46 15.90
CA VAL A 131 -13.76 -22.65 16.74
C VAL A 131 -12.46 -23.44 16.80
N THR A 132 -11.98 -23.85 15.63
CA THR A 132 -10.70 -24.56 15.52
C THR A 132 -9.98 -24.14 14.26
N GLU A 133 -8.70 -24.49 14.15
CA GLU A 133 -7.96 -24.24 12.93
C GLU A 133 -7.15 -25.48 12.53
N VAL A 134 -7.29 -25.91 11.29
CA VAL A 134 -6.44 -26.97 10.78
C VAL A 134 -5.20 -26.41 10.11
N SER A 135 -4.04 -26.83 10.59
CA SER A 135 -2.80 -26.54 9.89
C SER A 135 -1.94 -27.79 9.93
N ASP A 136 -2.08 -28.62 8.89
CA ASP A 136 -1.40 -29.90 8.86
C ASP A 136 -0.08 -29.83 8.13
N TYR A 137 0.84 -30.69 8.56
CA TYR A 137 2.14 -30.85 7.91
C TYR A 137 2.34 -32.32 7.57
N CYS A 138 2.06 -32.66 6.33
CA CYS A 138 2.12 -34.03 5.86
C CYS A 138 3.43 -34.29 5.14
N PHE A 139 4.26 -35.17 5.68
CA PHE A 139 5.57 -35.50 5.11
C PHE A 139 5.48 -36.80 4.34
N PRO A 140 6.33 -37.00 3.32
CA PRO A 140 6.25 -38.19 2.47
C PRO A 140 6.85 -39.47 3.07
N SER A 141 7.59 -39.32 4.16
CA SER A 141 8.23 -40.48 4.78
C SER A 141 8.39 -40.28 6.29
N ASP A 142 8.87 -41.31 6.95
CA ASP A 142 9.04 -41.29 8.41
C ASP A 142 10.33 -40.57 8.80
N MET A 143 10.31 -39.25 8.62
CA MET A 143 11.46 -38.38 8.84
C MET A 143 11.77 -38.18 10.33
N THR A 144 12.99 -37.72 10.61
CA THR A 144 13.44 -37.53 11.97
C THR A 144 13.20 -36.09 12.42
N ALA A 145 12.39 -35.94 13.46
CA ALA A 145 12.04 -34.64 13.99
C ALA A 145 12.82 -34.30 15.26
N SER A 146 13.16 -33.03 15.43
CA SER A 146 13.68 -32.52 16.69
C SER A 146 12.68 -31.54 17.27
N VAL A 147 12.06 -31.92 18.40
CA VAL A 147 10.92 -31.20 18.91
C VAL A 147 11.07 -30.84 20.39
N PRO A 148 10.53 -29.68 20.80
CA PRO A 148 10.46 -29.41 22.23
C PRO A 148 9.07 -29.72 22.78
N TYR A 149 8.95 -30.82 23.50
CA TYR A 149 7.67 -31.13 24.14
C TYR A 149 7.30 -30.09 25.21
N VAL A 150 6.00 -29.81 25.35
CA VAL A 150 5.53 -29.12 26.54
C VAL A 150 6.04 -29.95 27.70
N LYS A 151 6.66 -29.30 28.67
CA LYS A 151 7.31 -30.01 29.77
C LYS A 151 6.31 -30.47 30.83
N SER A 152 5.36 -29.61 31.16
CA SER A 152 4.44 -29.91 32.25
C SER A 152 3.15 -30.60 31.78
N GLY A 153 2.33 -31.03 32.75
CA GLY A 153 1.08 -31.68 32.43
C GLY A 153 1.17 -33.17 32.16
N LYS A 154 0.01 -33.82 32.06
CA LYS A 154 -0.05 -35.25 31.82
C LYS A 154 -0.41 -35.56 30.37
N ASP A 155 0.11 -36.70 29.88
CA ASP A 155 -0.19 -37.16 28.52
C ASP A 155 -1.68 -37.26 28.31
N GLY A 156 -2.18 -36.76 27.19
CA GLY A 156 -3.59 -36.85 26.87
C GLY A 156 -4.48 -35.81 27.52
N ASP A 157 -3.94 -35.06 28.47
CA ASP A 157 -4.67 -33.97 29.09
C ASP A 157 -4.14 -32.65 28.53
N TYR A 158 -4.73 -32.19 27.43
CA TYR A 158 -4.11 -31.08 26.75
C TYR A 158 -4.33 -29.78 27.51
N ASN A 159 -5.44 -29.68 28.25
CA ASN A 159 -5.64 -28.48 29.03
C ASN A 159 -4.62 -28.37 30.14
N SER A 160 -4.13 -29.49 30.65
CA SER A 160 -3.06 -29.45 31.65
C SER A 160 -1.75 -29.05 30.99
N GLN A 161 -1.66 -29.22 29.67
CA GLN A 161 -0.43 -28.90 28.95
C GLN A 161 -0.42 -27.44 28.48
N PHE A 162 -1.60 -26.86 28.27
CA PHE A 162 -1.67 -25.47 27.80
C PHE A 162 -1.08 -24.49 28.82
N PHE A 163 -1.12 -24.86 30.09
CA PHE A 163 -0.51 -24.08 31.17
C PHE A 163 0.95 -24.52 31.30
N ASN A 164 1.86 -23.82 30.64
CA ASN A 164 3.26 -24.21 30.63
C ASN A 164 4.16 -23.01 30.33
N SER A 165 5.43 -23.15 30.64
CA SER A 165 6.36 -22.02 30.57
C SER A 165 7.23 -22.03 29.30
N PHE A 166 6.94 -22.95 28.38
CA PHE A 166 7.60 -22.99 27.06
C PHE A 166 9.12 -23.12 27.13
N GLU A 167 9.59 -23.86 28.15
CA GLU A 167 11.00 -24.10 28.40
C GLU A 167 11.27 -25.60 28.42
N ASN A 168 11.94 -26.10 27.39
CA ASN A 168 12.33 -27.50 27.39
C ASN A 168 13.44 -27.77 26.39
N THR A 169 14.14 -28.88 26.61
CA THR A 169 15.16 -29.38 25.68
C THR A 169 14.50 -30.09 24.50
N TYR A 170 15.30 -30.45 23.49
CA TYR A 170 14.76 -31.09 22.30
C TYR A 170 14.82 -32.59 22.39
N THR A 171 13.74 -33.23 21.94
CA THR A 171 13.70 -34.66 21.78
C THR A 171 13.78 -34.95 20.29
N THR A 172 14.67 -35.87 19.92
CA THR A 172 14.90 -36.17 18.52
C THR A 172 14.44 -37.61 18.22
N ASP A 173 13.48 -37.75 17.31
CA ASP A 173 12.84 -39.03 17.06
C ASP A 173 12.16 -39.02 15.69
N LYS A 174 11.97 -40.20 15.12
CA LYS A 174 11.16 -40.29 13.90
C LYS A 174 9.73 -39.87 14.19
N LEU A 175 9.04 -39.37 13.17
CA LEU A 175 7.66 -38.91 13.34
C LEU A 175 6.79 -40.00 13.99
N SER A 176 6.97 -41.24 13.54
CA SER A 176 6.19 -42.37 14.04
C SER A 176 6.53 -42.74 15.48
N LYS A 177 7.63 -42.19 16.00
CA LYS A 177 8.11 -42.53 17.32
C LYS A 177 7.83 -41.44 18.36
N LEU A 178 7.29 -40.32 17.92
CA LEU A 178 6.98 -39.22 18.83
C LEU A 178 5.83 -39.62 19.77
N ASN A 179 5.79 -39.01 20.94
CA ASN A 179 4.65 -39.16 21.85
C ASN A 179 3.37 -38.60 21.19
N LYS A 180 2.38 -39.46 20.95
CA LYS A 180 1.17 -39.02 20.25
C LYS A 180 0.21 -38.29 21.17
N GLN A 181 0.59 -38.16 22.45
CA GLN A 181 -0.32 -37.55 23.42
C GLN A 181 0.30 -36.37 24.15
N ARG A 182 1.40 -35.85 23.60
CA ARG A 182 2.02 -34.67 24.19
C ARG A 182 2.29 -33.62 23.12
N LEU A 183 1.84 -32.40 23.40
CA LEU A 183 2.00 -31.30 22.46
C LEU A 183 3.46 -30.85 22.36
N MET A 184 3.80 -30.30 21.21
CA MET A 184 5.11 -29.73 20.96
C MET A 184 4.94 -28.26 20.61
N PHE A 185 5.71 -27.39 21.25
CA PHE A 185 5.61 -25.98 20.88
C PHE A 185 6.63 -25.65 19.81
N LEU A 186 6.59 -24.41 19.34
CA LEU A 186 7.34 -24.01 18.19
C LEU A 186 8.47 -23.08 18.60
N PRO A 187 9.53 -23.00 17.78
CA PRO A 187 9.75 -23.76 16.53
C PRO A 187 10.14 -25.21 16.76
N LEU A 188 9.92 -26.07 15.76
CA LEU A 188 10.51 -27.42 15.79
C LEU A 188 11.02 -27.73 14.39
N VAL A 189 11.87 -28.75 14.28
CA VAL A 189 12.53 -29.05 13.02
C VAL A 189 12.24 -30.47 12.58
N VAL A 190 12.00 -30.63 11.28
CA VAL A 190 11.93 -31.95 10.65
C VAL A 190 13.06 -32.08 9.63
N ASP A 191 13.86 -33.14 9.80
CA ASP A 191 14.98 -33.45 8.95
C ASP A 191 14.44 -34.17 7.72
N ALA A 192 14.52 -33.52 6.57
CA ALA A 192 13.93 -34.07 5.35
C ALA A 192 14.95 -34.94 4.61
N GLY A 193 16.12 -35.13 5.21
CA GLY A 193 17.16 -35.94 4.61
C GLY A 193 17.93 -35.23 3.50
N ASP A 194 19.11 -35.74 3.21
CA ASP A 194 20.01 -35.17 2.21
C ASP A 194 20.33 -33.69 2.54
N GLY A 195 20.45 -33.39 3.83
CA GLY A 195 20.84 -32.08 4.30
C GLY A 195 19.75 -31.02 4.31
N VAL A 196 18.53 -31.43 3.97
CA VAL A 196 17.40 -30.49 3.94
C VAL A 196 16.70 -30.47 5.31
N LYS A 197 16.41 -29.27 5.81
CA LYS A 197 15.70 -29.11 7.07
C LYS A 197 14.40 -28.33 6.84
N VAL A 198 13.32 -28.75 7.49
CA VAL A 198 12.12 -27.93 7.58
C VAL A 198 11.98 -27.42 9.01
N CYS A 199 11.90 -26.10 9.17
CA CYS A 199 11.67 -25.55 10.50
C CYS A 199 10.32 -24.88 10.51
N ILE A 200 9.41 -25.39 11.35
CA ILE A 200 8.05 -24.86 11.44
C ILE A 200 7.93 -23.84 12.56
N THR A 201 7.44 -22.66 12.22
CA THR A 201 7.18 -21.65 13.22
C THR A 201 6.05 -20.73 12.74
N GLU A 202 5.73 -19.71 13.54
CA GLU A 202 4.71 -18.75 13.17
C GLU A 202 5.16 -17.36 13.58
N SER A 203 4.57 -16.33 12.97
CA SER A 203 4.91 -14.96 13.34
C SER A 203 3.70 -14.04 13.21
N ASP A 204 3.84 -12.82 13.73
CA ASP A 204 2.71 -11.91 13.93
C ASP A 204 1.63 -12.57 14.82
N LEU A 205 2.07 -13.06 15.97
CA LEU A 205 1.18 -13.76 16.90
C LEU A 205 0.57 -12.76 17.90
N GLU A 206 -0.31 -11.91 17.38
CA GLU A 206 -0.99 -10.90 18.18
C GLU A 206 -2.44 -11.29 18.34
N ASN A 207 -2.92 -11.33 19.58
CA ASN A 207 -4.33 -11.55 19.86
C ASN A 207 -4.86 -12.78 19.12
N TYR A 208 -4.10 -13.88 19.21
CA TYR A 208 -4.49 -15.13 18.59
C TYR A 208 -3.73 -16.21 19.31
N PRO A 209 -4.38 -17.34 19.59
CA PRO A 209 -3.69 -18.38 20.37
C PRO A 209 -2.48 -18.96 19.64
N GLY A 210 -1.43 -19.32 20.40
CA GLY A 210 -0.25 -19.89 19.78
C GLY A 210 -0.52 -21.29 19.27
N LEU A 211 0.19 -21.68 18.20
CA LEU A 211 0.03 -22.99 17.57
C LEU A 211 0.98 -24.07 18.11
N TYR A 212 0.40 -25.13 18.67
CA TYR A 212 1.17 -26.34 19.00
C TYR A 212 1.03 -27.34 17.85
N LEU A 213 2.00 -28.23 17.69
CA LEU A 213 1.83 -29.34 16.76
C LEU A 213 1.66 -30.64 17.56
N SER A 214 1.02 -31.62 16.94
CA SER A 214 0.65 -32.87 17.58
C SER A 214 0.92 -34.03 16.64
N ALA A 215 1.30 -35.17 17.21
CA ALA A 215 1.55 -36.37 16.41
C ALA A 215 0.38 -37.33 16.51
N SER A 216 -0.74 -36.83 17.05
CA SER A 216 -1.89 -37.68 17.37
C SER A 216 -2.68 -38.16 16.15
N GLU A 217 -2.59 -37.43 15.05
CA GLU A 217 -3.40 -37.76 13.88
C GLU A 217 -2.58 -38.16 12.67
N GLY A 218 -2.89 -39.32 12.09
CA GLY A 218 -2.33 -39.69 10.80
C GLY A 218 -0.91 -40.24 10.79
N ALA A 219 -0.42 -40.52 9.59
CA ALA A 219 0.91 -41.08 9.39
C ALA A 219 1.86 -40.03 8.87
N ASN A 220 3.04 -39.95 9.48
CA ASN A 220 4.05 -38.96 9.09
C ASN A 220 3.47 -37.55 9.04
N ARG A 221 2.59 -37.25 9.99
CA ARG A 221 1.84 -36.01 9.98
C ARG A 221 1.90 -35.28 11.31
N LEU A 222 2.25 -33.99 11.26
CA LEU A 222 2.13 -33.12 12.42
C LEU A 222 0.91 -32.23 12.24
N SER A 223 0.03 -32.22 13.23
CA SER A 223 -1.19 -31.42 13.12
C SER A 223 -1.32 -30.43 14.27
N SER A 224 -2.09 -29.38 14.00
CA SER A 224 -2.20 -28.25 14.89
C SER A 224 -3.10 -28.51 16.09
N MET A 225 -2.86 -27.74 17.15
CA MET A 225 -3.79 -27.65 18.27
C MET A 225 -3.63 -26.29 18.93
N HIS A 226 -4.73 -25.68 19.35
CA HIS A 226 -4.67 -24.37 20.00
C HIS A 226 -5.34 -24.42 21.36
N ALA A 227 -4.81 -23.65 22.31
CA ALA A 227 -5.45 -23.53 23.61
C ALA A 227 -6.75 -22.77 23.46
N PRO A 228 -7.84 -23.28 24.07
CA PRO A 228 -9.15 -22.62 23.98
C PRO A 228 -9.20 -21.29 24.73
N TYR A 229 -10.12 -20.43 24.31
CA TYR A 229 -10.33 -19.14 24.95
C TYR A 229 -10.73 -19.38 26.39
N PRO A 230 -10.17 -18.59 27.33
CA PRO A 230 -10.49 -18.78 28.75
C PRO A 230 -11.87 -18.28 29.14
N LYS A 231 -12.63 -19.10 29.86
CA LYS A 231 -13.94 -18.68 30.36
C LYS A 231 -13.84 -18.20 31.81
N ARG A 232 -13.01 -18.87 32.62
CA ARG A 232 -12.79 -18.44 33.99
C ARG A 232 -11.32 -18.64 34.37
N THR A 233 -10.68 -17.55 34.78
CA THR A 233 -9.30 -17.60 35.27
C THR A 233 -9.30 -17.23 36.74
N VAL A 234 -8.41 -17.84 37.51
CA VAL A 234 -8.32 -17.60 38.95
C VAL A 234 -6.89 -17.29 39.38
N GLN A 235 -6.73 -16.33 40.28
CA GLN A 235 -5.40 -15.96 40.76
C GLN A 235 -4.77 -17.11 41.57
N GLY A 236 -3.52 -17.43 41.27
CA GLY A 236 -2.85 -18.50 41.98
C GLY A 236 -1.46 -18.78 41.44
N GLY A 237 -1.07 -20.05 41.44
CA GLY A 237 0.25 -20.46 40.97
C GLY A 237 1.39 -19.80 41.72
N HIS A 238 2.47 -19.52 41.00
CA HIS A 238 3.70 -19.00 41.59
C HIS A 238 3.51 -17.71 42.38
N ASN A 239 3.57 -17.85 43.71
CA ASN A 239 3.45 -16.72 44.64
C ASN A 239 2.26 -15.81 44.35
N GLN A 240 1.16 -16.42 43.94
CA GLN A 240 -0.10 -15.73 43.66
C GLN A 240 0.02 -14.68 42.55
N LEU A 241 0.94 -14.93 41.61
CA LEU A 241 1.19 -13.98 40.52
C LEU A 241 0.66 -14.49 39.17
N GLN A 242 0.05 -15.66 39.17
CA GLN A 242 -0.44 -16.23 37.92
C GLN A 242 -1.96 -16.25 37.84
N MET A 243 -2.49 -16.23 36.60
CA MET A 243 -3.92 -16.38 36.39
C MET A 243 -4.17 -17.70 35.68
N LEU A 244 -4.72 -18.65 36.43
CA LEU A 244 -4.88 -20.03 35.94
C LEU A 244 -6.21 -20.25 35.23
N VAL A 245 -6.15 -20.79 34.02
CA VAL A 245 -7.35 -21.12 33.27
C VAL A 245 -8.03 -22.34 33.89
N LYS A 246 -9.21 -22.14 34.47
CA LYS A 246 -9.95 -23.24 35.11
C LYS A 246 -11.11 -23.73 34.25
N GLU A 247 -11.66 -22.82 33.47
CA GLU A 247 -12.75 -23.13 32.53
C GLU A 247 -12.43 -22.50 31.19
N HIS A 248 -12.83 -23.15 30.11
CA HIS A 248 -12.55 -22.67 28.76
C HIS A 248 -13.78 -22.69 27.86
N GLU A 249 -13.81 -21.78 26.89
CA GLU A 249 -14.91 -21.71 25.92
C GLU A 249 -14.80 -22.81 24.86
N ASP A 250 -15.84 -22.93 24.03
CA ASP A 250 -15.85 -23.90 22.93
C ASP A 250 -15.34 -23.26 21.63
N TYR A 251 -14.41 -22.33 21.76
CA TYR A 251 -13.78 -21.69 20.61
C TYR A 251 -12.39 -21.25 21.00
N ILE A 252 -11.55 -20.92 20.03
CA ILE A 252 -10.17 -20.54 20.36
C ILE A 252 -9.86 -19.05 20.17
N ALA A 253 -10.72 -18.31 19.47
CA ALA A 253 -10.43 -16.91 19.22
C ALA A 253 -11.66 -16.06 18.93
N LYS A 254 -11.67 -14.85 19.49
CA LYS A 254 -12.69 -13.87 19.15
C LYS A 254 -12.15 -13.02 18.00
N VAL A 255 -12.98 -12.79 17.00
CA VAL A 255 -12.62 -11.92 15.89
C VAL A 255 -13.72 -10.89 15.73
N ASP A 256 -13.38 -9.62 15.96
CA ASP A 256 -14.35 -8.56 15.96
C ASP A 256 -14.20 -7.62 14.77
N LYS A 257 -13.02 -7.66 14.14
CA LYS A 257 -12.73 -6.74 13.04
C LYS A 257 -11.98 -7.45 11.91
N PRO A 258 -11.91 -6.79 10.74
CA PRO A 258 -10.99 -7.29 9.71
C PRO A 258 -9.56 -7.36 10.26
N ARG A 259 -8.81 -8.39 9.87
CA ARG A 259 -7.45 -8.54 10.34
C ARG A 259 -6.64 -9.57 9.55
N ASN A 260 -5.33 -9.47 9.67
CA ASN A 260 -4.46 -10.57 9.30
C ASN A 260 -4.43 -11.58 10.44
N PHE A 261 -4.36 -12.87 10.12
CA PHE A 261 -4.08 -13.90 11.13
C PHE A 261 -2.59 -14.24 11.06
N PRO A 262 -2.05 -14.95 12.07
CA PRO A 262 -0.61 -15.16 12.02
C PRO A 262 -0.10 -16.01 10.84
N TRP A 263 1.10 -15.70 10.38
CA TRP A 263 1.77 -16.49 9.35
C TRP A 263 2.10 -17.91 9.84
N ARG A 264 1.84 -18.89 8.99
CA ARG A 264 2.33 -20.25 9.23
C ARG A 264 3.55 -20.45 8.34
N ILE A 265 4.71 -20.67 8.98
CA ILE A 265 6.00 -20.61 8.31
C ILE A 265 6.70 -21.96 8.25
N ALA A 266 6.94 -22.43 7.03
CA ALA A 266 7.80 -23.60 6.83
C ALA A 266 9.13 -23.15 6.28
N VAL A 267 10.09 -22.91 7.16
CA VAL A 267 11.45 -22.62 6.71
C VAL A 267 12.01 -23.86 6.03
N VAL A 268 12.59 -23.69 4.86
CA VAL A 268 13.17 -24.83 4.15
C VAL A 268 14.62 -24.54 3.76
N THR A 269 15.57 -25.28 4.32
CA THR A 269 16.96 -24.99 4.02
C THR A 269 17.71 -26.20 3.52
N THR A 270 18.76 -25.93 2.74
CA THR A 270 19.60 -26.98 2.17
C THR A 270 20.93 -27.08 2.90
N THR A 271 21.24 -26.09 3.73
CA THR A 271 22.38 -26.16 4.65
C THR A 271 21.96 -25.61 6.00
N ASP A 272 22.52 -26.18 7.08
CA ASP A 272 22.08 -25.82 8.43
C ASP A 272 22.40 -24.38 8.80
N LYS A 273 23.45 -23.80 8.22
CA LYS A 273 23.75 -22.42 8.54
C LYS A 273 22.68 -21.45 8.01
N ASP A 274 21.98 -21.84 6.93
CA ASP A 274 20.91 -21.01 6.38
C ASP A 274 19.69 -21.04 7.30
N LEU A 275 19.53 -22.15 8.02
CA LEU A 275 18.48 -22.27 9.01
C LEU A 275 18.71 -21.31 10.17
N ALA A 276 19.92 -21.34 10.71
CA ALA A 276 20.27 -20.45 11.81
C ALA A 276 20.13 -18.99 11.35
N ALA A 277 20.42 -18.74 10.08
CA ALA A 277 20.45 -17.36 9.57
C ALA A 277 19.10 -16.80 9.10
N THR A 278 18.10 -17.66 8.89
CA THR A 278 16.88 -17.20 8.23
C THR A 278 16.24 -16.03 8.99
N ASN A 279 15.77 -15.04 8.22
CA ASN A 279 15.15 -13.83 8.77
C ASN A 279 13.64 -13.85 8.78
N LEU A 280 13.05 -15.00 8.42
CA LEU A 280 11.65 -15.05 8.09
C LEU A 280 10.74 -14.62 9.24
N SER A 281 11.12 -14.92 10.47
CA SER A 281 10.29 -14.59 11.63
C SER A 281 10.15 -13.06 11.77
N TYR A 282 11.26 -12.35 11.71
CA TYR A 282 11.19 -10.89 11.79
C TYR A 282 10.48 -10.30 10.55
N LEU A 283 10.79 -10.84 9.37
CA LEU A 283 10.22 -10.36 8.11
C LEU A 283 8.70 -10.48 8.09
N LEU A 284 8.18 -11.48 8.79
CA LEU A 284 6.75 -11.76 8.78
C LEU A 284 6.02 -11.25 10.03
N GLY A 285 6.75 -10.61 10.94
CA GLY A 285 6.11 -9.88 12.02
C GLY A 285 5.45 -8.61 11.50
N ALA A 286 4.42 -8.14 12.19
CA ALA A 286 3.76 -6.89 11.81
C ALA A 286 4.75 -5.75 11.95
N PRO A 287 4.70 -4.77 11.03
CA PRO A 287 5.63 -3.63 11.02
C PRO A 287 5.60 -2.84 12.31
N SER A 288 6.69 -2.15 12.62
CA SER A 288 6.80 -1.33 13.83
C SER A 288 5.61 -0.40 14.02
N ARG A 289 5.11 -0.30 15.24
CA ARG A 289 4.05 0.64 15.54
C ARG A 289 4.59 1.81 16.32
N MET A 290 5.90 2.02 16.26
CA MET A 290 6.51 3.10 17.01
C MET A 290 7.29 4.05 16.12
N SER A 291 7.08 5.34 16.34
CA SER A 291 7.74 6.35 15.54
C SER A 291 9.09 6.71 16.14
N ASP A 292 9.08 7.09 17.41
CA ASP A 292 10.30 7.51 18.09
C ASP A 292 10.99 6.33 18.76
N LEU A 293 12.17 5.97 18.27
CA LEU A 293 12.94 4.85 18.83
C LEU A 293 14.14 5.33 19.65
N SER A 294 14.40 6.64 19.62
CA SER A 294 15.61 7.19 20.21
C SER A 294 15.76 6.92 21.70
N TRP A 295 14.65 6.63 22.38
CA TRP A 295 14.71 6.42 23.83
C TRP A 295 15.02 4.96 24.20
N ILE A 296 14.93 4.05 23.23
CA ILE A 296 15.18 2.64 23.53
C ILE A 296 16.68 2.38 23.59
N LYS A 297 17.16 1.88 24.72
CA LYS A 297 18.59 1.64 24.91
C LYS A 297 18.84 0.18 25.21
N PRO A 298 19.34 -0.56 24.20
CA PRO A 298 19.76 -1.94 24.45
C PRO A 298 21.00 -1.98 25.35
N GLY A 299 21.30 -3.14 25.91
CA GLY A 299 22.46 -3.24 26.76
C GLY A 299 22.46 -4.45 27.66
N LYS A 300 23.27 -4.41 28.71
CA LYS A 300 23.45 -5.57 29.55
C LYS A 300 23.04 -5.34 31.00
N VAL A 301 22.92 -6.45 31.73
CA VAL A 301 22.51 -6.40 33.12
C VAL A 301 23.53 -7.07 34.04
N ALA A 302 23.94 -6.37 35.09
CA ALA A 302 24.62 -7.02 36.23
C ALA A 302 23.53 -7.70 37.05
N TRP A 303 23.19 -8.91 36.65
CA TRP A 303 22.01 -9.60 37.16
C TRP A 303 22.20 -10.13 38.58
N ASP A 304 21.09 -10.14 39.32
CA ASP A 304 21.10 -10.48 40.72
C ASP A 304 20.65 -11.92 40.95
N TRP A 305 19.69 -12.37 40.16
CA TRP A 305 18.92 -13.57 40.54
C TRP A 305 19.63 -14.88 40.33
N TRP A 306 20.26 -15.06 39.17
CA TRP A 306 20.98 -16.31 38.88
C TRP A 306 21.98 -16.66 39.97
N ASN A 307 22.78 -15.67 40.35
CA ASN A 307 23.85 -15.86 41.32
C ASN A 307 23.37 -15.71 42.77
N ASP A 308 22.05 -15.57 42.95
CA ASP A 308 21.43 -15.64 44.28
C ASP A 308 21.94 -14.59 45.24
N TRP A 309 22.20 -13.38 44.73
CA TRP A 309 22.66 -12.25 45.54
C TRP A 309 23.93 -12.61 46.31
N ASN A 310 24.64 -13.64 45.87
CA ASN A 310 25.64 -14.25 46.74
C ASN A 310 27.04 -13.66 46.59
N LEU A 311 27.15 -12.37 46.90
CA LEU A 311 28.42 -11.65 46.93
C LEU A 311 29.33 -12.11 48.07
N ASP A 312 30.64 -12.02 47.85
CA ASP A 312 31.59 -12.19 48.93
C ASP A 312 32.47 -10.95 48.98
N GLY A 313 33.19 -10.78 50.09
CA GLY A 313 34.09 -9.66 50.28
C GLY A 313 33.42 -8.33 50.59
N VAL A 314 32.19 -8.37 51.11
CA VAL A 314 31.51 -7.14 51.50
C VAL A 314 31.21 -7.18 52.99
N ASP A 315 30.88 -6.02 53.55
CA ASP A 315 30.73 -5.89 55.00
C ASP A 315 29.27 -5.87 55.47
N PHE A 316 28.35 -6.14 54.56
CA PHE A 316 26.93 -6.22 54.88
C PHE A 316 26.39 -7.59 54.50
N VAL A 317 25.30 -8.02 55.12
CA VAL A 317 24.66 -9.29 54.76
C VAL A 317 23.90 -9.14 53.44
N THR A 318 24.20 -10.00 52.47
CA THR A 318 23.60 -9.88 51.15
C THR A 318 22.19 -10.45 51.08
N GLY A 319 21.40 -9.88 50.18
CA GLY A 319 20.04 -10.32 49.93
C GLY A 319 19.27 -9.23 49.21
N VAL A 320 17.94 -9.33 49.24
CA VAL A 320 17.11 -8.27 48.67
C VAL A 320 17.08 -7.10 49.64
N ASN A 321 18.12 -6.27 49.55
CA ASN A 321 18.26 -5.10 50.41
C ASN A 321 19.08 -4.02 49.67
N ASN A 322 19.06 -2.80 50.21
CA ASN A 322 19.73 -1.67 49.55
C ASN A 322 21.26 -1.80 49.37
N PRO A 323 22.01 -2.19 50.43
CA PRO A 323 23.46 -2.26 50.19
C PRO A 323 23.85 -3.28 49.12
N THR A 324 23.09 -4.37 48.98
CA THR A 324 23.42 -5.38 47.97
C THR A 324 23.19 -4.80 46.58
N TYR A 325 22.06 -4.14 46.36
CA TYR A 325 21.78 -3.61 45.02
C TYR A 325 22.72 -2.47 44.66
N LYS A 326 23.13 -1.68 45.65
CA LYS A 326 24.14 -0.66 45.44
C LYS A 326 25.46 -1.26 44.94
N ALA A 327 25.81 -2.45 45.43
CA ALA A 327 27.01 -3.15 44.98
C ALA A 327 26.90 -3.61 43.53
N TYR A 328 25.72 -4.12 43.17
CA TYR A 328 25.49 -4.49 41.78
C TYR A 328 25.55 -3.26 40.90
N ILE A 329 25.00 -2.15 41.40
CA ILE A 329 24.99 -0.90 40.66
C ILE A 329 26.41 -0.38 40.44
N ASP A 330 27.20 -0.38 41.50
CA ASP A 330 28.62 -0.01 41.42
C ASP A 330 29.35 -0.84 40.40
N PHE A 331 29.17 -2.15 40.48
CA PHE A 331 29.84 -3.05 39.56
C PHE A 331 29.40 -2.78 38.12
N ALA A 332 28.10 -2.61 37.91
CA ALA A 332 27.61 -2.34 36.57
C ALA A 332 28.28 -1.09 36.04
N SER A 333 28.32 -0.08 36.88
CA SER A 333 28.81 1.24 36.51
C SER A 333 30.30 1.26 36.17
N ALA A 334 31.09 0.62 37.02
CA ALA A 334 32.54 0.58 36.84
C ALA A 334 32.92 -0.11 35.53
N ASN A 335 32.03 -0.94 35.03
CA ASN A 335 32.33 -1.70 33.82
C ASN A 335 31.48 -1.31 32.62
N GLY A 336 30.74 -0.20 32.74
CA GLY A 336 29.97 0.33 31.63
C GLY A 336 28.74 -0.47 31.30
N ILE A 337 28.34 -1.34 32.23
CA ILE A 337 27.15 -2.15 32.05
C ILE A 337 25.92 -1.26 32.29
N GLU A 338 24.92 -1.40 31.44
CA GLU A 338 23.83 -0.43 31.39
C GLU A 338 22.77 -0.54 32.49
N TYR A 339 22.50 -1.77 32.92
CA TYR A 339 21.32 -1.99 33.75
C TYR A 339 21.54 -2.85 34.96
N VAL A 340 20.71 -2.60 35.96
CA VAL A 340 20.51 -3.54 37.05
C VAL A 340 19.03 -3.88 37.18
N ILE A 341 18.77 -5.17 37.21
CA ILE A 341 17.45 -5.68 37.47
C ILE A 341 17.24 -5.90 38.97
N LEU A 342 16.10 -5.45 39.48
CA LEU A 342 15.65 -5.94 40.78
C LEU A 342 14.69 -7.09 40.43
N ASP A 343 15.17 -8.33 40.61
CA ASP A 343 14.38 -9.49 40.22
C ASP A 343 13.33 -9.81 41.29
N GLU A 344 12.71 -10.99 41.22
CA GLU A 344 11.66 -11.33 42.17
C GLU A 344 12.12 -11.25 43.61
N GLY A 345 11.39 -10.49 44.43
CA GLY A 345 11.74 -10.34 45.82
C GLY A 345 11.54 -8.94 46.38
N TRP A 346 11.55 -7.94 45.49
CA TRP A 346 11.45 -6.56 45.94
C TRP A 346 10.03 -6.16 46.35
N ALA A 347 9.02 -6.82 45.79
CA ALA A 347 7.63 -6.50 46.15
C ALA A 347 7.15 -7.50 47.20
N VAL A 348 6.32 -7.05 48.12
CA VAL A 348 5.89 -7.90 49.24
C VAL A 348 5.25 -9.17 48.70
N ASN A 349 5.77 -10.32 49.13
CA ASN A 349 5.36 -11.61 48.56
C ASN A 349 3.90 -11.93 48.81
N LEU A 350 3.28 -12.60 47.83
CA LEU A 350 1.88 -13.06 47.87
C LEU A 350 0.82 -11.95 47.73
N GLN A 351 1.23 -10.69 47.73
CA GLN A 351 0.26 -9.58 47.60
C GLN A 351 -0.10 -9.31 46.14
N ALA A 352 0.78 -9.72 45.22
CA ALA A 352 0.63 -9.42 43.80
C ALA A 352 0.36 -7.94 43.59
N ASP A 353 1.13 -7.12 44.28
CA ASP A 353 0.92 -5.70 44.35
C ASP A 353 2.25 -5.00 44.21
N LEU A 354 2.44 -4.34 43.08
CA LEU A 354 3.71 -3.71 42.77
C LEU A 354 3.91 -2.40 43.52
N MET A 355 2.92 -1.99 44.31
CA MET A 355 3.04 -0.77 45.11
C MET A 355 3.45 -1.10 46.55
N GLN A 356 3.55 -2.39 46.86
CA GLN A 356 3.97 -2.80 48.20
C GLN A 356 5.44 -3.25 48.19
N VAL A 357 6.33 -2.36 48.60
CA VAL A 357 7.76 -2.61 48.57
C VAL A 357 8.20 -3.17 49.92
N VAL A 358 9.01 -4.25 49.88
CA VAL A 358 9.50 -4.85 51.12
C VAL A 358 10.32 -3.81 51.86
N LYS A 359 10.31 -3.91 53.19
CA LYS A 359 10.94 -2.93 54.06
C LYS A 359 12.44 -2.75 53.86
N GLU A 360 13.12 -3.77 53.35
CA GLU A 360 14.56 -3.69 53.19
C GLU A 360 14.99 -2.94 51.91
N ILE A 361 14.02 -2.48 51.13
CA ILE A 361 14.26 -1.82 49.85
C ILE A 361 13.64 -0.41 49.75
N ASP A 362 14.41 0.54 49.20
CA ASP A 362 13.90 1.88 48.86
C ASP A 362 14.14 2.14 47.37
N LEU A 363 13.09 1.94 46.57
CA LEU A 363 13.23 2.07 45.11
C LEU A 363 13.76 3.43 44.74
N LYS A 364 13.22 4.47 45.38
CA LYS A 364 13.61 5.84 45.11
C LYS A 364 15.10 6.04 45.36
N GLU A 365 15.58 5.58 46.51
CA GLU A 365 17.01 5.63 46.81
C GLU A 365 17.78 4.91 45.71
N LEU A 366 17.32 3.71 45.35
CA LEU A 366 18.03 2.90 44.37
C LEU A 366 18.01 3.47 42.95
N VAL A 367 16.85 3.94 42.51
CA VAL A 367 16.76 4.46 41.16
C VAL A 367 17.64 5.69 41.06
N ASP A 368 17.54 6.57 42.05
CA ASP A 368 18.33 7.79 42.05
C ASP A 368 19.84 7.47 42.16
N TYR A 369 20.21 6.55 43.05
CA TYR A 369 21.61 6.15 43.17
C TYR A 369 22.13 5.58 41.85
N ALA A 370 21.35 4.70 41.24
CA ALA A 370 21.70 4.12 39.95
C ALA A 370 21.87 5.21 38.90
N ALA A 371 20.98 6.20 38.92
CA ALA A 371 21.03 7.30 37.96
C ALA A 371 22.33 8.09 38.11
N SER A 372 22.71 8.40 39.35
CA SER A 372 23.96 9.10 39.61
C SER A 372 25.20 8.28 39.21
N LYS A 373 25.00 7.00 38.87
CA LYS A 373 26.11 6.14 38.46
C LYS A 373 26.01 5.69 37.00
N ASN A 374 25.13 6.33 36.23
CA ASN A 374 24.87 5.98 34.82
C ASN A 374 24.34 4.55 34.64
N VAL A 375 23.47 4.12 35.55
CA VAL A 375 22.88 2.79 35.52
C VAL A 375 21.35 2.88 35.56
N GLY A 376 20.67 2.14 34.69
CA GLY A 376 19.23 2.11 34.70
C GLY A 376 18.69 0.96 35.54
N ILE A 377 17.51 1.17 36.12
CA ILE A 377 16.89 0.13 36.93
C ILE A 377 15.73 -0.49 36.17
N ILE A 378 15.71 -1.81 36.17
CA ILE A 378 14.64 -2.61 35.57
C ILE A 378 13.93 -3.35 36.68
N LEU A 379 12.62 -3.22 36.75
CA LEU A 379 11.87 -3.87 37.82
C LEU A 379 11.21 -5.13 37.31
N TRP A 380 11.36 -6.21 38.07
CA TRP A 380 10.71 -7.48 37.83
C TRP A 380 9.29 -7.47 38.40
N ALA A 381 8.36 -8.06 37.67
CA ALA A 381 6.98 -8.15 38.09
C ALA A 381 6.35 -9.46 37.64
N GLY A 382 5.57 -10.09 38.49
CA GLY A 382 4.79 -11.26 38.09
C GLY A 382 3.61 -10.80 37.26
N TYR A 383 3.13 -11.67 36.36
CA TYR A 383 2.06 -11.32 35.43
C TYR A 383 0.91 -10.54 36.04
N HIS A 384 0.26 -11.15 37.02
CA HIS A 384 -0.97 -10.57 37.56
C HIS A 384 -0.72 -9.23 38.25
N ALA A 385 0.43 -9.10 38.91
CA ALA A 385 0.74 -7.85 39.60
C ALA A 385 0.95 -6.74 38.57
N PHE A 386 1.44 -7.12 37.41
CA PHE A 386 1.69 -6.15 36.36
C PHE A 386 0.39 -5.84 35.61
N GLU A 387 -0.35 -6.88 35.24
CA GLU A 387 -1.54 -6.70 34.41
C GLU A 387 -2.66 -5.94 35.12
N ARG A 388 -2.78 -6.14 36.44
CA ARG A 388 -4.00 -5.70 37.13
C ARG A 388 -4.21 -4.19 37.17
N ASP A 389 -3.12 -3.43 37.17
CA ASP A 389 -3.22 -1.97 37.25
C ASP A 389 -2.12 -1.41 36.35
N MET A 390 -2.04 -1.97 35.15
CA MET A 390 -0.89 -1.84 34.27
C MET A 390 -0.49 -0.39 34.01
N GLU A 391 -1.46 0.40 33.50
CA GLU A 391 -1.20 1.78 33.11
C GLU A 391 -0.71 2.60 34.29
N ASN A 392 -1.40 2.49 35.42
CA ASN A 392 -1.00 3.26 36.60
C ASN A 392 0.39 2.88 37.10
N VAL A 393 0.70 1.58 37.09
CA VAL A 393 2.01 1.06 37.47
C VAL A 393 3.12 1.60 36.56
N CYS A 394 2.89 1.55 35.26
CA CYS A 394 3.86 2.03 34.29
C CYS A 394 4.10 3.54 34.46
N ARG A 395 3.02 4.31 34.57
CA ARG A 395 3.15 5.74 34.81
C ARG A 395 3.96 6.02 36.08
N HIS A 396 3.56 5.40 37.18
CA HIS A 396 4.16 5.66 38.48
C HIS A 396 5.65 5.39 38.48
N TYR A 397 6.05 4.26 37.92
CA TYR A 397 7.46 3.90 37.95
C TYR A 397 8.27 4.62 36.87
N ALA A 398 7.65 4.88 35.71
CA ALA A 398 8.35 5.66 34.69
C ALA A 398 8.68 7.03 35.23
N GLU A 399 7.76 7.57 36.02
CA GLU A 399 7.93 8.89 36.60
C GLU A 399 9.06 8.90 37.62
N MET A 400 9.15 7.82 38.39
CA MET A 400 10.21 7.64 39.38
C MET A 400 11.57 7.52 38.69
N GLY A 401 11.56 7.16 37.40
CA GLY A 401 12.78 7.09 36.62
C GLY A 401 13.23 5.69 36.23
N VAL A 402 12.42 4.69 36.58
CA VAL A 402 12.63 3.30 36.15
C VAL A 402 12.67 3.19 34.62
N LYS A 403 13.55 2.35 34.08
CA LYS A 403 13.73 2.29 32.63
C LYS A 403 12.95 1.17 31.94
N GLY A 404 12.39 0.25 32.71
CA GLY A 404 11.68 -0.85 32.10
C GLY A 404 11.27 -1.94 33.08
N PHE A 405 10.64 -2.98 32.54
CA PHE A 405 10.13 -4.10 33.33
C PHE A 405 10.51 -5.44 32.73
N LYS A 406 10.76 -6.39 33.61
CA LYS A 406 10.82 -7.78 33.24
C LYS A 406 9.57 -8.47 33.81
N VAL A 407 8.71 -8.95 32.92
CA VAL A 407 7.40 -9.47 33.32
C VAL A 407 7.36 -10.97 33.11
N GLY A 408 6.99 -11.72 34.13
CA GLY A 408 7.14 -13.16 34.05
C GLY A 408 5.95 -13.96 34.54
N PHE A 409 6.05 -15.27 34.34
CA PHE A 409 5.08 -16.25 34.83
C PHE A 409 3.70 -16.17 34.19
N MET A 410 3.62 -15.66 32.95
CA MET A 410 2.38 -15.72 32.18
C MET A 410 2.00 -17.19 31.95
N ASP A 411 2.96 -17.99 31.50
CA ASP A 411 2.79 -19.43 31.28
C ASP A 411 1.51 -19.80 30.52
N ARG A 412 1.16 -19.00 29.51
CA ARG A 412 -0.06 -19.18 28.73
C ARG A 412 0.16 -18.64 27.31
N ASP A 413 -0.54 -19.19 26.33
CA ASP A 413 -0.51 -18.57 25.00
C ASP A 413 -1.88 -18.70 24.33
N ASP A 414 -2.93 -18.71 25.14
CA ASP A 414 -4.28 -18.52 24.63
C ASP A 414 -4.38 -17.08 24.13
N GLN A 415 -5.48 -16.76 23.44
CA GLN A 415 -5.67 -15.45 22.82
C GLN A 415 -5.55 -14.31 23.81
N GLU A 416 -6.08 -14.50 25.01
CA GLU A 416 -6.05 -13.46 26.02
C GLU A 416 -4.61 -13.12 26.39
N MET A 417 -3.73 -14.11 26.48
CA MET A 417 -2.35 -13.84 26.87
C MET A 417 -1.51 -13.27 25.72
N THR A 418 -1.75 -13.70 24.48
CA THR A 418 -1.01 -13.10 23.36
C THR A 418 -1.50 -11.67 23.11
N ALA A 419 -2.77 -11.41 23.42
CA ALA A 419 -3.25 -10.03 23.36
C ALA A 419 -2.52 -9.22 24.44
N PHE A 420 -2.33 -9.81 25.63
CA PHE A 420 -1.63 -9.12 26.71
C PHE A 420 -0.17 -8.74 26.36
N ASN A 421 0.55 -9.62 25.70
CA ASN A 421 1.91 -9.29 25.27
C ASN A 421 1.97 -7.98 24.51
N TYR A 422 1.08 -7.85 23.53
CA TYR A 422 1.08 -6.66 22.70
C TYR A 422 0.57 -5.44 23.45
N ARG A 423 -0.45 -5.63 24.27
CA ARG A 423 -0.98 -4.55 25.11
C ARG A 423 0.10 -4.06 26.09
N ALA A 424 0.84 -5.01 26.66
CA ALA A 424 1.92 -4.65 27.58
C ALA A 424 3.04 -3.89 26.86
N ALA A 425 3.42 -4.38 25.69
CA ALA A 425 4.46 -3.74 24.91
C ALA A 425 4.10 -2.29 24.54
N GLU A 426 2.86 -2.08 24.11
CA GLU A 426 2.34 -0.74 23.79
C GLU A 426 2.33 0.18 25.02
N MET A 427 1.81 -0.33 26.13
CA MET A 427 1.74 0.45 27.37
C MET A 427 3.14 0.80 27.88
N CYS A 428 4.09 -0.12 27.74
CA CYS A 428 5.46 0.19 28.11
C CYS A 428 5.98 1.26 27.14
N ALA A 429 5.67 1.09 25.86
CA ALA A 429 6.11 2.05 24.82
C ALA A 429 5.58 3.45 25.09
N LYS A 430 4.31 3.54 25.49
CA LYS A 430 3.67 4.82 25.79
C LYS A 430 4.44 5.58 26.87
N TYR A 431 5.02 4.85 27.82
CA TYR A 431 5.70 5.47 28.96
C TYR A 431 7.23 5.33 28.89
N LYS A 432 7.72 5.07 27.69
CA LYS A 432 9.16 4.99 27.41
C LYS A 432 9.86 3.99 28.33
N LEU A 433 9.27 2.79 28.40
CA LEU A 433 9.81 1.69 29.18
C LEU A 433 10.20 0.52 28.29
N ILE A 434 11.32 -0.13 28.57
CA ILE A 434 11.65 -1.34 27.81
C ILE A 434 11.01 -2.57 28.48
N LEU A 435 10.95 -3.69 27.77
CA LEU A 435 10.22 -4.86 28.25
C LEU A 435 10.95 -6.16 27.90
N ASP A 436 11.03 -7.03 28.91
CA ASP A 436 11.62 -8.36 28.81
C ASP A 436 10.56 -9.37 29.27
N LEU A 437 10.19 -10.32 28.43
CA LEU A 437 9.09 -11.23 28.77
C LEU A 437 9.61 -12.62 29.15
N HIS A 438 9.27 -13.06 30.36
CA HIS A 438 9.67 -14.38 30.87
C HIS A 438 8.44 -15.22 31.14
N GLY A 439 8.64 -16.54 31.25
CA GLY A 439 7.52 -17.45 31.35
C GLY A 439 6.61 -17.24 30.13
N THR A 440 7.22 -17.17 28.95
CA THR A 440 6.49 -16.84 27.71
C THR A 440 7.00 -17.74 26.58
N HIS A 441 6.37 -17.64 25.43
CA HIS A 441 6.65 -18.49 24.28
C HIS A 441 7.57 -17.80 23.28
N LYS A 442 7.82 -18.44 22.15
CA LYS A 442 8.66 -17.83 21.10
C LYS A 442 8.13 -16.44 20.71
N PRO A 443 9.03 -15.49 20.43
CA PRO A 443 8.72 -14.08 20.14
C PRO A 443 7.73 -13.91 18.99
N ALA A 444 7.93 -14.65 17.91
CA ALA A 444 6.99 -14.65 16.78
C ALA A 444 6.69 -13.25 16.26
N GLY A 445 7.71 -12.41 16.13
CA GLY A 445 7.51 -11.11 15.51
C GLY A 445 7.28 -9.91 16.41
N LEU A 446 7.01 -10.14 17.70
CA LEU A 446 6.66 -9.03 18.60
C LEU A 446 7.76 -7.97 18.66
N ASN A 447 9.04 -8.36 18.58
CA ASN A 447 10.11 -7.34 18.65
C ASN A 447 10.25 -6.47 17.39
N ARG A 448 9.60 -6.86 16.29
CA ARG A 448 9.53 -5.93 15.16
C ARG A 448 8.43 -4.90 15.42
N THR A 449 7.26 -5.39 15.83
CA THR A 449 6.08 -4.54 15.97
C THR A 449 6.25 -3.52 17.10
N TYR A 450 6.88 -3.94 18.18
CA TYR A 450 7.25 -3.07 19.30
C TYR A 450 8.71 -3.30 19.68
N PRO A 451 9.63 -2.53 19.05
CA PRO A 451 11.07 -2.72 19.28
C PRO A 451 11.54 -2.48 20.73
N ASN A 452 10.68 -1.98 21.61
CA ASN A 452 11.07 -1.78 23.00
C ASN A 452 11.02 -3.10 23.74
N VAL A 453 10.45 -4.13 23.12
CA VAL A 453 10.52 -5.44 23.74
C VAL A 453 11.84 -6.08 23.33
N LEU A 454 12.83 -5.92 24.22
CA LEU A 454 14.21 -6.25 23.89
C LEU A 454 14.62 -7.69 24.17
N ASN A 455 13.78 -8.47 24.86
CA ASN A 455 14.07 -9.90 24.93
C ASN A 455 12.89 -10.73 25.41
N PHE A 456 13.00 -12.03 25.17
CA PHE A 456 11.95 -13.02 25.39
C PHE A 456 12.62 -14.26 25.97
N GLU A 457 11.96 -14.96 26.88
CA GLU A 457 12.53 -16.22 27.35
C GLU A 457 12.06 -17.33 26.43
N GLY A 458 11.22 -18.24 26.94
CA GLY A 458 10.78 -19.34 26.10
C GLY A 458 11.98 -20.15 25.66
N VAL A 459 12.89 -20.35 26.60
CA VAL A 459 14.15 -21.03 26.33
C VAL A 459 14.56 -21.70 27.61
N ASN A 460 15.13 -22.89 27.49
CA ASN A 460 15.63 -23.63 28.66
C ASN A 460 17.02 -23.12 29.02
N GLY A 461 17.07 -21.93 29.61
CA GLY A 461 18.31 -21.19 29.76
C GLY A 461 19.19 -21.59 30.94
N LEU A 462 20.23 -20.80 31.21
CA LEU A 462 21.26 -21.21 32.16
C LEU A 462 20.75 -21.26 33.61
N GLU A 463 19.57 -20.68 33.88
CA GLU A 463 18.96 -20.80 35.19
C GLU A 463 18.71 -22.27 35.52
N GLN A 464 18.57 -23.10 34.49
CA GLN A 464 18.36 -24.52 34.71
C GLN A 464 19.51 -25.17 35.49
N MET A 465 20.70 -24.57 35.47
CA MET A 465 21.87 -25.12 36.20
C MET A 465 21.74 -24.92 37.71
N LYS A 466 20.70 -24.20 38.12
CA LYS A 466 20.50 -23.97 39.53
C LYS A 466 19.82 -25.18 40.20
N TRP A 467 19.22 -26.07 39.42
CA TRP A 467 18.43 -27.16 39.99
C TRP A 467 18.44 -28.44 39.14
N SER A 468 18.91 -28.36 37.89
CA SER A 468 18.84 -29.53 37.00
C SER A 468 19.83 -30.65 37.35
N SER A 469 19.31 -31.87 37.31
CA SER A 469 20.11 -33.07 37.37
C SER A 469 21.10 -33.08 36.21
N PRO A 470 22.25 -33.75 36.38
CA PRO A 470 23.23 -33.83 35.30
C PRO A 470 22.71 -34.52 34.03
N SER A 471 21.54 -35.15 34.08
CA SER A 471 20.99 -35.72 32.86
C SER A 471 20.59 -34.61 31.88
N VAL A 472 20.48 -33.39 32.38
CA VAL A 472 20.16 -32.25 31.51
C VAL A 472 21.45 -31.79 30.84
N ASP A 473 21.47 -31.94 29.52
CA ASP A 473 22.65 -31.67 28.72
C ASP A 473 22.58 -30.27 28.12
N GLN A 474 23.11 -29.31 28.86
CA GLN A 474 23.06 -27.89 28.49
C GLN A 474 23.95 -27.59 27.27
N VAL A 475 25.07 -28.28 27.19
CA VAL A 475 26.03 -28.16 26.08
C VAL A 475 25.36 -28.57 24.78
N LYS A 476 24.65 -29.69 24.79
CA LYS A 476 23.90 -30.11 23.61
C LYS A 476 22.80 -29.11 23.28
N TYR A 477 22.13 -28.61 24.30
CA TYR A 477 21.02 -27.67 24.10
C TYR A 477 21.52 -26.40 23.40
N ASP A 478 22.71 -25.94 23.80
CA ASP A 478 23.28 -24.73 23.22
C ASP A 478 23.51 -24.82 21.73
N VAL A 479 23.80 -26.00 21.19
CA VAL A 479 24.03 -26.12 19.75
C VAL A 479 22.76 -26.54 19.02
N MET A 480 21.68 -26.68 19.77
CA MET A 480 20.37 -26.90 19.15
C MET A 480 19.65 -25.57 18.92
N ILE A 481 19.56 -24.73 19.96
CA ILE A 481 18.71 -23.54 19.83
C ILE A 481 19.10 -22.48 18.77
N PRO A 482 20.39 -22.37 18.37
CA PRO A 482 20.63 -21.40 17.29
C PRO A 482 19.91 -21.77 16.00
N PHE A 483 19.55 -23.04 15.89
CA PHE A 483 18.90 -23.56 14.73
C PHE A 483 17.41 -23.73 14.90
N ILE A 484 16.91 -23.57 16.12
CA ILE A 484 15.51 -23.88 16.35
C ILE A 484 14.82 -22.70 17.04
N ARG A 485 14.92 -22.64 18.37
CA ARG A 485 14.25 -21.58 19.11
C ARG A 485 14.67 -20.19 18.65
N GLN A 486 15.96 -19.97 18.39
CA GLN A 486 16.42 -18.64 17.99
C GLN A 486 15.89 -18.21 16.61
N VAL A 487 15.43 -19.17 15.82
CA VAL A 487 14.84 -18.84 14.52
C VAL A 487 13.62 -17.91 14.71
N SER A 488 12.97 -17.97 15.88
CA SER A 488 11.79 -17.15 16.12
C SER A 488 12.11 -15.72 16.54
N GLY A 489 13.25 -15.52 17.18
CA GLY A 489 13.62 -14.18 17.62
C GLY A 489 14.61 -14.29 18.75
N PRO A 490 14.99 -13.15 19.33
CA PRO A 490 15.97 -13.05 20.42
C PRO A 490 15.64 -13.94 21.63
N MET A 491 16.68 -14.34 22.36
CA MET A 491 16.53 -15.19 23.56
C MET A 491 17.15 -14.55 24.78
N ASP A 492 16.43 -14.58 25.89
CA ASP A 492 17.01 -14.19 27.19
C ASP A 492 17.46 -15.49 27.88
N TYR A 493 18.64 -15.98 27.46
CA TYR A 493 19.18 -17.27 27.90
C TYR A 493 19.97 -17.15 29.22
N THR A 494 20.48 -15.94 29.45
CA THR A 494 21.19 -15.54 30.69
C THR A 494 22.48 -16.35 30.95
N GLN A 495 23.46 -16.15 30.06
CA GLN A 495 24.77 -16.78 30.18
C GLN A 495 25.76 -15.87 30.92
N GLY A 496 27.03 -16.31 31.00
CA GLY A 496 28.08 -15.52 31.64
C GLY A 496 28.69 -16.18 32.86
N ALA A 497 28.55 -17.50 32.99
CA ALA A 497 29.07 -18.22 34.18
C ALA A 497 30.59 -18.22 34.21
N MET A 498 31.17 -17.89 35.37
CA MET A 498 32.62 -17.96 35.54
C MET A 498 33.06 -19.30 36.12
N ARG A 499 32.10 -20.01 36.70
CA ARG A 499 32.29 -21.36 37.16
C ARG A 499 31.86 -22.29 36.03
N ASN A 500 32.82 -23.05 35.50
CA ASN A 500 32.64 -23.87 34.29
C ASN A 500 33.03 -25.32 34.48
N ALA A 501 32.06 -26.22 34.31
CA ALA A 501 32.27 -27.63 34.64
C ALA A 501 32.46 -28.50 33.38
N SER A 502 33.66 -29.06 33.25
CA SER A 502 33.93 -30.02 32.20
C SER A 502 33.08 -31.26 32.44
N LYS A 503 33.07 -32.17 31.47
CA LYS A 503 32.14 -33.30 31.51
C LYS A 503 32.30 -34.11 32.77
N GLY A 504 31.18 -34.37 33.45
CA GLY A 504 31.21 -35.14 34.68
C GLY A 504 31.40 -34.30 35.92
N ASN A 505 31.71 -33.01 35.77
CA ASN A 505 31.96 -32.18 36.95
C ASN A 505 30.79 -31.27 37.32
N TYR A 506 29.76 -31.25 36.47
CA TYR A 506 28.57 -30.46 36.79
C TYR A 506 27.70 -31.08 37.88
N TYR A 507 27.20 -30.22 38.76
N TYR A 507 27.21 -30.23 38.78
CA TYR A 507 26.13 -30.57 39.68
CA TYR A 507 26.11 -30.60 39.66
C TYR A 507 25.25 -29.35 39.91
C TYR A 507 25.25 -29.37 39.94
N PRO A 508 23.94 -29.55 40.14
CA PRO A 508 23.10 -28.36 40.38
C PRO A 508 23.43 -27.70 41.71
N CYS A 509 23.68 -26.39 41.68
CA CYS A 509 23.97 -25.66 42.91
C CYS A 509 23.23 -24.32 42.86
N TYR A 510 22.21 -24.17 43.71
CA TYR A 510 21.30 -23.04 43.59
C TYR A 510 22.00 -21.70 43.84
N SER A 511 22.88 -21.66 44.85
CA SER A 511 23.47 -20.39 45.27
C SER A 511 24.87 -20.16 44.72
N GLU A 512 25.49 -21.21 44.19
CA GLU A 512 26.77 -21.09 43.48
C GLU A 512 26.76 -21.93 42.19
N PRO A 513 25.88 -21.58 41.23
CA PRO A 513 25.77 -22.42 40.03
C PRO A 513 26.98 -22.34 39.11
N MET A 514 27.05 -23.31 38.21
CA MET A 514 28.06 -23.36 37.18
C MET A 514 27.43 -23.62 35.81
N SER A 515 28.17 -23.32 34.74
CA SER A 515 27.79 -23.79 33.41
C SER A 515 28.40 -25.16 33.10
N GLN A 516 27.83 -25.85 32.10
CA GLN A 516 28.44 -27.07 31.57
C GLN A 516 29.33 -26.67 30.42
N GLY A 517 30.49 -27.31 30.32
CA GLY A 517 31.47 -26.97 29.30
C GLY A 517 32.46 -25.94 29.80
N THR A 518 32.98 -25.13 28.89
CA THR A 518 34.17 -24.33 29.16
C THR A 518 33.91 -22.86 29.33
N ARG A 519 34.93 -22.12 29.79
CA ARG A 519 34.81 -20.68 29.91
C ARG A 519 34.52 -20.05 28.55
N CYS A 520 35.23 -20.50 27.53
CA CYS A 520 35.11 -19.87 26.22
C CYS A 520 33.75 -20.14 25.58
N ARG A 521 33.09 -21.23 25.98
CA ARG A 521 31.72 -21.44 25.54
C ARG A 521 30.87 -20.27 25.96
N GLN A 522 30.98 -19.87 27.24
CA GLN A 522 30.19 -18.78 27.79
C GLN A 522 30.48 -17.49 27.06
N LEU A 523 31.76 -17.23 26.80
CA LEU A 523 32.12 -16.03 26.07
C LEU A 523 31.55 -16.04 24.63
N ALA A 524 31.62 -17.19 23.97
CA ALA A 524 31.13 -17.33 22.59
C ALA A 524 29.63 -17.05 22.46
N LEU A 525 28.89 -17.37 23.52
CA LEU A 525 27.43 -17.23 23.50
C LEU A 525 27.01 -15.77 23.33
N TYR A 526 27.88 -14.84 23.68
CA TYR A 526 27.53 -13.44 23.52
C TYR A 526 27.55 -13.03 22.04
N VAL A 527 28.15 -13.88 21.20
CA VAL A 527 28.04 -13.72 19.75
C VAL A 527 27.04 -14.69 19.19
N VAL A 528 27.08 -15.93 19.68
CA VAL A 528 26.26 -16.97 19.10
C VAL A 528 24.78 -16.72 19.33
N PHE A 529 24.44 -16.30 20.55
CA PHE A 529 23.05 -16.02 20.92
C PHE A 529 22.68 -14.56 20.68
N GLU A 530 21.46 -14.34 20.23
CA GLU A 530 20.98 -12.97 20.02
C GLU A 530 20.18 -12.50 21.23
N SER A 531 20.66 -11.44 21.86
CA SER A 531 20.06 -10.96 23.11
C SER A 531 20.25 -9.46 23.26
N PRO A 532 19.37 -8.66 22.63
CA PRO A 532 19.55 -7.20 22.69
C PRO A 532 19.58 -6.68 24.12
N PHE A 533 18.84 -7.35 25.01
CA PHE A 533 18.83 -7.09 26.45
C PHE A 533 19.43 -8.32 27.13
N ASN A 534 20.68 -8.21 27.57
CA ASN A 534 21.52 -9.39 27.83
C ASN A 534 22.09 -9.48 29.24
N MET A 535 22.06 -10.68 29.85
CA MET A 535 22.54 -10.80 31.23
C MET A 535 24.03 -11.10 31.34
N LEU A 536 24.64 -10.54 32.39
CA LEU A 536 25.80 -11.14 33.05
C LEU A 536 25.26 -11.88 34.26
N CYS A 537 25.21 -13.22 34.16
CA CYS A 537 24.48 -13.99 35.14
C CYS A 537 25.20 -14.10 36.49
N ASP A 538 26.53 -13.94 36.51
CA ASP A 538 27.31 -14.28 37.70
C ASP A 538 27.43 -13.10 38.68
N THR A 539 27.93 -13.36 39.89
CA THR A 539 28.12 -12.31 40.89
C THR A 539 29.15 -11.30 40.43
N PRO A 540 29.01 -10.03 40.83
CA PRO A 540 30.13 -9.10 40.65
C PRO A 540 31.44 -9.65 41.23
N SER A 541 31.36 -10.38 42.33
CA SER A 541 32.55 -10.93 42.97
C SER A 541 33.33 -11.83 42.01
N ASN A 542 32.60 -12.68 41.29
CA ASN A 542 33.22 -13.61 40.37
C ASN A 542 33.78 -12.87 39.16
N TYR A 543 33.07 -11.84 38.70
CA TYR A 543 33.54 -11.07 37.55
C TYR A 543 34.79 -10.29 37.90
N MET A 544 34.86 -9.75 39.10
CA MET A 544 36.03 -8.97 39.46
C MET A 544 37.29 -9.83 39.67
N ARG A 545 37.10 -11.12 39.92
CA ARG A 545 38.23 -12.06 39.94
C ARG A 545 38.62 -12.51 38.54
N GLU A 546 37.82 -12.11 37.54
CA GLU A 546 38.05 -12.48 36.14
C GLU A 546 38.09 -11.25 35.23
N PRO A 547 39.12 -10.40 35.40
CA PRO A 547 39.21 -9.14 34.66
C PRO A 547 39.10 -9.31 33.15
N GLU A 548 39.89 -10.21 32.56
CA GLU A 548 39.89 -10.39 31.11
C GLU A 548 38.52 -10.80 30.58
N SER A 549 37.90 -11.79 31.21
CA SER A 549 36.59 -12.24 30.76
C SER A 549 35.55 -11.12 30.83
N THR A 550 35.52 -10.45 31.97
CA THR A 550 34.55 -9.40 32.21
C THR A 550 34.68 -8.27 31.20
N ALA A 551 35.92 -7.88 30.90
CA ALA A 551 36.16 -6.82 29.93
C ALA A 551 35.55 -7.20 28.58
N PHE A 552 35.81 -8.43 28.15
CA PHE A 552 35.28 -8.88 26.87
C PHE A 552 33.75 -8.82 26.85
N ILE A 553 33.13 -9.31 27.92
CA ILE A 553 31.68 -9.33 27.99
C ILE A 553 31.10 -7.90 28.07
N ALA A 554 31.71 -7.06 28.91
CA ALA A 554 31.21 -5.69 29.06
C ALA A 554 31.20 -4.90 27.75
N GLU A 555 32.19 -5.16 26.90
CA GLU A 555 32.43 -4.36 25.69
C GLU A 555 31.63 -4.82 24.48
N ILE A 556 31.33 -6.11 24.39
CA ILE A 556 30.71 -6.62 23.18
C ILE A 556 29.28 -6.07 22.97
N PRO A 557 28.94 -5.65 21.75
CA PRO A 557 27.59 -5.15 21.48
C PRO A 557 26.53 -6.21 21.74
N THR A 558 25.28 -5.78 21.90
CA THR A 558 24.16 -6.72 21.95
C THR A 558 23.29 -6.53 20.72
N VAL A 559 23.57 -5.48 19.96
CA VAL A 559 22.84 -5.13 18.75
C VAL A 559 23.85 -4.96 17.63
N TRP A 560 23.48 -5.42 16.43
CA TRP A 560 24.46 -5.57 15.35
C TRP A 560 24.05 -4.93 14.03
N ASP A 561 25.05 -4.62 13.21
CA ASP A 561 24.82 -4.05 11.88
C ASP A 561 24.79 -5.12 10.78
N GLU A 562 25.51 -6.21 11.01
CA GLU A 562 25.59 -7.28 10.03
C GLU A 562 25.85 -8.61 10.73
N SER A 563 25.23 -9.68 10.26
CA SER A 563 25.48 -11.01 10.84
C SER A 563 25.61 -12.06 9.76
N ILE A 564 26.64 -12.89 9.90
CA ILE A 564 26.88 -14.00 8.99
C ILE A 564 27.11 -15.29 9.76
N VAL A 565 26.30 -16.32 9.52
CA VAL A 565 26.61 -17.63 10.08
C VAL A 565 27.59 -18.31 9.14
N LEU A 566 28.83 -18.47 9.60
CA LEU A 566 29.91 -18.97 8.75
C LEU A 566 29.79 -20.47 8.45
N ASP A 567 29.39 -21.24 9.47
CA ASP A 567 29.27 -22.69 9.29
C ASP A 567 28.42 -23.25 10.41
N GLY A 568 27.96 -24.48 10.25
CA GLY A 568 27.25 -25.14 11.33
C GLY A 568 26.56 -26.43 10.94
N LYS A 569 26.37 -27.29 11.95
CA LYS A 569 25.51 -28.45 11.85
C LYS A 569 24.63 -28.50 13.09
N MET A 570 23.33 -28.63 12.88
CA MET A 570 22.37 -28.62 13.98
C MET A 570 22.73 -29.63 15.08
N GLY A 571 22.83 -29.14 16.33
CA GLY A 571 23.11 -30.00 17.46
C GLY A 571 24.55 -30.46 17.54
N GLU A 572 25.43 -29.89 16.72
CA GLU A 572 26.83 -30.28 16.73
C GLU A 572 27.77 -29.08 16.89
N TYR A 573 27.58 -28.04 16.08
CA TYR A 573 28.39 -26.83 16.19
C TYR A 573 27.82 -25.70 15.33
N ILE A 574 28.28 -24.48 15.62
CA ILE A 574 27.93 -23.32 14.82
C ILE A 574 29.03 -22.29 15.04
N VAL A 575 29.32 -21.55 13.97
CA VAL A 575 30.31 -20.48 13.99
C VAL A 575 29.70 -19.23 13.40
N THR A 576 29.70 -18.13 14.15
CA THR A 576 28.96 -16.94 13.74
C THR A 576 29.78 -15.68 13.90
N ALA A 577 29.74 -14.85 12.85
CA ALA A 577 30.44 -13.56 12.81
C ALA A 577 29.43 -12.42 12.73
N ARG A 578 29.67 -11.35 13.49
CA ARG A 578 28.76 -10.22 13.54
C ARG A 578 29.57 -8.94 13.55
N ARG A 579 29.03 -7.91 12.90
CA ARG A 579 29.72 -6.64 12.71
C ARG A 579 29.02 -5.50 13.45
N LYS A 580 29.81 -4.60 14.03
CA LYS A 580 29.30 -3.40 14.66
C LYS A 580 30.25 -2.27 14.32
N GLY A 581 29.82 -1.39 13.40
CA GLY A 581 30.69 -0.35 12.88
C GLY A 581 31.79 -0.99 12.06
N ASP A 582 33.04 -0.71 12.42
CA ASP A 582 34.19 -1.33 11.76
C ASP A 582 34.79 -2.46 12.62
N VAL A 583 34.08 -2.91 13.64
CA VAL A 583 34.55 -4.00 14.49
C VAL A 583 33.80 -5.31 14.22
N TRP A 584 34.52 -6.42 14.10
CA TRP A 584 33.87 -7.72 13.95
C TRP A 584 34.06 -8.60 15.18
N TYR A 585 33.04 -9.41 15.48
CA TYR A 585 33.17 -10.44 16.49
C TYR A 585 32.81 -11.78 15.87
N VAL A 586 33.54 -12.82 16.26
CA VAL A 586 33.21 -14.19 15.87
C VAL A 586 33.13 -15.09 17.11
N GLY A 587 32.07 -15.89 17.21
CA GLY A 587 31.95 -16.85 18.28
C GLY A 587 31.67 -18.22 17.71
N GLY A 588 32.22 -19.25 18.34
CA GLY A 588 31.94 -20.61 17.91
C GLY A 588 31.72 -21.49 19.12
N ILE A 589 30.83 -22.47 18.99
CA ILE A 589 30.68 -23.48 20.04
C ILE A 589 30.54 -24.87 19.42
N THR A 590 30.91 -25.88 20.20
CA THR A 590 30.78 -27.27 19.77
C THR A 590 29.94 -28.07 20.79
N ASP A 591 29.57 -29.30 20.43
CA ASP A 591 28.83 -30.15 21.35
C ASP A 591 29.83 -30.81 22.29
N TRP A 592 29.55 -32.02 22.75
CA TRP A 592 30.50 -32.65 23.67
C TRP A 592 31.71 -33.26 22.95
N SER A 593 31.75 -33.19 21.61
CA SER A 593 32.92 -33.61 20.84
C SER A 593 33.91 -32.46 20.70
N ALA A 594 35.19 -32.73 20.99
CA ALA A 594 36.27 -31.79 20.65
C ALA A 594 36.21 -31.57 19.13
N ARG A 595 36.56 -30.37 18.68
CA ARG A 595 36.40 -30.06 17.26
C ARG A 595 37.40 -29.01 16.80
N ASP A 596 37.87 -29.16 15.56
CA ASP A 596 38.77 -28.19 14.97
C ASP A 596 38.03 -27.37 13.94
N ILE A 597 38.11 -26.05 14.10
CA ILE A 597 37.38 -25.11 13.25
C ILE A 597 38.35 -24.20 12.52
N GLU A 598 37.99 -23.79 11.31
CA GLU A 598 38.76 -22.79 10.58
C GLU A 598 37.87 -21.58 10.32
N VAL A 599 38.36 -20.38 10.62
CA VAL A 599 37.58 -19.17 10.36
C VAL A 599 38.12 -18.44 9.14
N ASP A 600 37.32 -18.42 8.07
CA ASP A 600 37.66 -17.70 6.85
C ASP A 600 37.34 -16.22 7.06
N CYS A 601 38.36 -15.39 7.07
CA CYS A 601 38.17 -13.98 7.41
C CYS A 601 37.92 -13.10 6.19
N SER A 602 37.35 -13.68 5.13
CA SER A 602 37.07 -12.92 3.92
C SER A 602 35.91 -11.94 4.13
N PHE A 603 35.28 -11.97 5.29
CA PHE A 603 34.20 -11.04 5.60
C PHE A 603 34.75 -9.67 5.98
N LEU A 604 36.05 -9.61 6.21
CA LEU A 604 36.71 -8.38 6.63
C LEU A 604 36.84 -7.39 5.49
N GLY A 605 37.18 -6.14 5.82
CA GLY A 605 37.52 -5.16 4.82
C GLY A 605 38.95 -5.38 4.37
N ASP A 606 39.56 -4.37 3.75
CA ASP A 606 40.91 -4.51 3.23
C ASP A 606 41.98 -3.86 4.13
N LYS A 607 41.51 -3.17 5.16
CA LYS A 607 42.37 -2.57 6.17
C LYS A 607 43.15 -3.67 6.91
N SER A 608 44.16 -3.27 7.68
CA SER A 608 44.89 -4.22 8.53
C SER A 608 44.30 -4.22 9.94
N TYR A 609 44.03 -5.40 10.47
CA TYR A 609 43.27 -5.50 11.72
C TYR A 609 44.03 -6.20 12.85
N HIS A 610 43.65 -5.86 14.08
CA HIS A 610 44.17 -6.52 15.29
C HIS A 610 43.15 -7.49 15.88
N ALA A 611 43.55 -8.74 16.04
CA ALA A 611 42.67 -9.76 16.61
C ALA A 611 42.94 -10.01 18.09
N THR A 612 41.88 -10.19 18.86
CA THR A 612 41.97 -10.67 20.24
C THR A 612 41.17 -11.96 20.34
N LEU A 613 41.83 -13.05 20.70
CA LEU A 613 41.19 -14.37 20.67
C LEU A 613 41.15 -15.05 22.03
N PHE A 614 39.95 -15.45 22.44
CA PHE A 614 39.79 -16.33 23.61
C PHE A 614 39.55 -17.76 23.15
N LYS A 615 40.47 -18.67 23.45
CA LYS A 615 40.33 -20.06 23.03
C LYS A 615 40.44 -20.98 24.24
N ASP A 616 39.85 -22.17 24.15
CA ASP A 616 39.93 -23.15 25.22
C ASP A 616 41.38 -23.47 25.53
N GLY A 617 41.70 -23.56 26.82
CA GLY A 617 43.04 -23.93 27.24
C GLY A 617 43.28 -25.39 26.92
N VAL A 618 44.53 -25.82 26.90
CA VAL A 618 44.84 -27.20 26.54
C VAL A 618 44.34 -28.22 27.59
N ASN A 619 43.95 -27.77 28.77
CA ASN A 619 43.38 -28.67 29.75
C ASN A 619 41.91 -28.39 30.01
N ALA A 620 41.27 -27.67 29.08
CA ALA A 620 39.87 -27.30 29.22
C ALA A 620 38.96 -28.51 29.23
N HIS A 621 39.48 -29.66 28.79
CA HIS A 621 38.71 -30.89 28.82
C HIS A 621 38.64 -31.47 30.25
N ARG A 622 39.53 -30.99 31.13
CA ARG A 622 39.56 -31.44 32.53
C ARG A 622 39.18 -30.34 33.53
N ALA A 623 39.49 -29.10 33.15
CA ALA A 623 39.11 -27.92 33.94
C ALA A 623 38.44 -26.92 33.02
N GLY A 624 37.12 -26.86 33.08
CA GLY A 624 36.33 -26.04 32.16
C GLY A 624 36.75 -24.58 32.09
N ARG A 625 37.22 -24.04 33.21
CA ARG A 625 37.61 -22.63 33.31
C ARG A 625 38.82 -22.25 32.49
N ASP A 626 39.57 -23.23 32.05
CA ASP A 626 40.86 -23.00 31.41
C ASP A 626 40.73 -22.34 30.04
N TYR A 627 41.35 -21.17 29.89
CA TYR A 627 41.33 -20.48 28.62
C TYR A 627 42.67 -19.86 28.32
N LYS A 628 42.85 -19.44 27.08
CA LYS A 628 44.05 -18.72 26.68
C LYS A 628 43.63 -17.53 25.82
N CYS A 629 44.18 -16.37 26.14
CA CYS A 629 43.90 -15.15 25.40
C CYS A 629 45.13 -14.73 24.57
N GLU A 630 44.98 -14.69 23.24
CA GLU A 630 46.08 -14.32 22.32
C GLU A 630 45.76 -13.07 21.50
N SER A 631 46.82 -12.31 21.17
CA SER A 631 46.71 -11.17 20.25
C SER A 631 47.60 -11.36 19.04
N PHE A 632 47.08 -11.01 17.86
CA PHE A 632 47.85 -11.08 16.63
C PHE A 632 47.16 -10.27 15.53
N PRO A 633 47.95 -9.76 14.57
CA PRO A 633 47.39 -9.04 13.42
C PRO A 633 46.71 -9.96 12.42
N ILE A 634 45.67 -9.48 11.75
CA ILE A 634 45.01 -10.29 10.73
C ILE A 634 44.33 -9.43 9.65
N LYS A 635 44.09 -10.04 8.49
CA LYS A 635 43.39 -9.37 7.39
C LYS A 635 42.56 -10.37 6.58
N LYS A 636 41.93 -9.86 5.52
CA LYS A 636 40.92 -10.59 4.75
C LYS A 636 41.30 -12.00 4.32
N ASP A 637 42.57 -12.21 3.97
CA ASP A 637 43.02 -13.52 3.51
C ASP A 637 43.17 -14.51 4.65
N GLY A 638 42.98 -14.02 5.89
CA GLY A 638 43.24 -14.81 7.07
C GLY A 638 42.39 -16.05 7.16
N LYS A 639 43.02 -17.16 7.54
CA LYS A 639 42.31 -18.41 7.76
C LYS A 639 42.71 -19.01 9.11
N LEU A 640 42.01 -18.58 10.15
CA LEU A 640 42.35 -18.92 11.51
C LEU A 640 41.84 -20.30 11.93
N LYS A 641 42.77 -21.15 12.35
CA LYS A 641 42.44 -22.45 12.91
C LYS A 641 42.25 -22.31 14.42
N VAL A 642 41.15 -22.85 14.91
CA VAL A 642 40.85 -22.85 16.33
C VAL A 642 40.46 -24.25 16.75
N HIS A 643 41.07 -24.72 17.84
CA HIS A 643 40.66 -25.97 18.45
C HIS A 643 39.63 -25.72 19.55
N LEU A 644 38.53 -26.45 19.51
CA LEU A 644 37.51 -26.34 20.56
C LEU A 644 37.51 -27.61 21.40
N ALA A 645 37.58 -27.44 22.72
CA ALA A 645 37.53 -28.56 23.64
C ALA A 645 36.10 -29.10 23.74
N PRO A 646 35.93 -30.30 24.32
CA PRO A 646 34.56 -30.79 24.58
C PRO A 646 33.75 -29.75 25.33
N GLY A 647 32.52 -29.49 24.88
CA GLY A 647 31.69 -28.49 25.51
C GLY A 647 32.28 -27.08 25.46
N GLY A 648 33.21 -26.86 24.53
CA GLY A 648 33.92 -25.61 24.48
C GLY A 648 33.49 -24.64 23.37
N GLY A 649 34.40 -23.75 23.02
CA GLY A 649 34.13 -22.73 22.04
C GLY A 649 35.27 -21.73 22.00
N PHE A 650 35.05 -20.62 21.33
CA PHE A 650 36.03 -19.55 21.26
C PHE A 650 35.31 -18.24 21.00
N ALA A 651 35.95 -17.13 21.37
CA ALA A 651 35.38 -15.82 21.09
C ALA A 651 36.47 -14.91 20.53
N LEU A 652 36.17 -14.28 19.39
CA LEU A 652 37.17 -13.57 18.62
C LEU A 652 36.72 -12.15 18.33
N LYS A 653 37.59 -11.18 18.62
CA LYS A 653 37.32 -9.80 18.27
C LYS A 653 38.38 -9.28 17.30
N ILE A 654 37.93 -8.67 16.22
CA ILE A 654 38.81 -8.19 15.16
C ILE A 654 38.54 -6.70 14.93
N LYS A 655 39.52 -5.88 15.27
CA LYS A 655 39.39 -4.43 15.26
C LYS A 655 40.48 -3.78 14.42
N ILE B 12 24.92 -0.22 -14.69
CA ILE B 12 24.34 -1.50 -14.26
C ILE B 12 23.64 -1.40 -12.90
N GLU B 13 23.97 -0.37 -12.12
CA GLU B 13 23.26 -0.12 -10.86
C GLU B 13 22.27 1.03 -11.04
N GLY B 14 21.30 1.13 -10.12
CA GLY B 14 20.33 2.20 -10.13
C GLY B 14 19.41 2.27 -11.35
N ARG B 15 19.39 1.22 -12.16
CA ARG B 15 18.57 1.20 -13.37
C ARG B 15 17.44 0.19 -13.29
N HIS B 16 16.21 0.69 -13.48
CA HIS B 16 15.03 -0.17 -13.47
C HIS B 16 14.22 -0.03 -14.75
N MET B 17 13.88 -1.14 -15.38
CA MET B 17 13.14 -1.12 -16.63
C MET B 17 11.78 -1.77 -16.52
N GLU B 18 10.81 -1.20 -17.23
CA GLU B 18 9.48 -1.77 -17.27
C GLU B 18 8.94 -1.74 -18.70
N LEU B 19 8.27 -2.81 -19.09
CA LEU B 19 7.76 -2.96 -20.45
C LEU B 19 6.24 -3.17 -20.50
N SER B 20 5.63 -2.74 -21.59
CA SER B 20 4.21 -2.99 -21.81
C SER B 20 3.96 -4.47 -22.05
N PRO B 21 2.72 -4.92 -21.85
CA PRO B 21 2.44 -6.33 -22.09
C PRO B 21 2.83 -6.80 -23.50
N ASP B 22 2.69 -5.95 -24.54
CA ASP B 22 3.07 -6.41 -25.88
C ASP B 22 4.56 -6.19 -26.13
N GLY B 23 5.25 -5.60 -25.16
CA GLY B 23 6.70 -5.47 -25.21
C GLY B 23 7.24 -4.34 -26.09
N ASN B 24 6.35 -3.61 -26.74
CA ASN B 24 6.72 -2.54 -27.66
C ASN B 24 6.97 -1.16 -27.02
N LEU B 25 6.40 -0.93 -25.84
CA LEU B 25 6.61 0.32 -25.10
C LEU B 25 7.41 0.02 -23.83
N LYS B 26 8.48 0.78 -23.61
CA LYS B 26 9.30 0.56 -22.42
C LYS B 26 9.84 1.85 -21.83
N THR B 27 9.94 1.89 -20.50
CA THR B 27 10.53 3.02 -19.80
C THR B 27 11.71 2.58 -18.96
N THR B 28 12.77 3.38 -18.99
CA THR B 28 13.94 3.15 -18.16
C THR B 28 13.98 4.22 -17.06
N ILE B 29 13.91 3.76 -15.82
CA ILE B 29 13.93 4.66 -14.68
C ILE B 29 15.29 4.64 -14.01
N THR B 30 15.93 5.80 -13.93
CA THR B 30 17.27 5.87 -13.35
C THR B 30 17.27 6.65 -12.04
N ILE B 31 17.84 6.03 -11.01
CA ILE B 31 17.96 6.66 -9.70
C ILE B 31 19.38 7.17 -9.47
N GLY B 32 19.56 8.49 -9.53
CA GLY B 32 20.86 9.09 -9.26
C GLY B 32 20.74 10.33 -8.39
N ASP B 33 21.55 11.35 -8.69
CA ASP B 33 21.41 12.66 -8.05
C ASP B 33 19.97 13.15 -8.26
N ARG B 34 19.42 12.81 -9.43
CA ARG B 34 18.01 13.07 -9.74
C ARG B 34 17.33 11.75 -10.08
N LEU B 35 16.00 11.76 -10.09
CA LEU B 35 15.21 10.59 -10.45
C LEU B 35 14.61 10.81 -11.84
N THR B 36 14.92 9.94 -12.82
CA THR B 36 14.42 10.17 -14.18
C THR B 36 13.74 8.95 -14.80
N TYR B 37 12.94 9.19 -15.83
CA TYR B 37 12.38 8.13 -16.65
C TYR B 37 12.34 8.57 -18.11
N ASP B 38 12.45 7.60 -19.03
CA ASP B 38 12.41 7.90 -20.46
C ASP B 38 11.35 7.03 -21.10
N ILE B 39 11.09 7.22 -22.38
CA ILE B 39 10.14 6.36 -23.07
C ILE B 39 10.68 5.92 -24.41
N THR B 40 10.61 4.62 -24.65
CA THR B 40 11.04 4.09 -25.92
C THR B 40 9.87 3.39 -26.60
N CYS B 41 9.63 3.74 -27.86
CA CYS B 41 8.57 3.15 -28.64
C CYS B 41 9.16 2.39 -29.83
N ASN B 42 8.95 1.09 -29.85
CA ASN B 42 9.51 0.23 -30.91
C ASN B 42 10.99 0.50 -31.16
N GLY B 43 11.74 0.71 -30.10
CA GLY B 43 13.17 0.89 -30.24
C GLY B 43 13.61 2.35 -30.29
N ARG B 44 12.66 3.25 -30.57
CA ARG B 44 12.99 4.67 -30.70
C ARG B 44 12.72 5.42 -29.40
N GLN B 45 13.73 6.15 -28.91
CA GLN B 45 13.57 6.90 -27.67
C GLN B 45 12.84 8.21 -27.96
N ILE B 46 11.58 8.30 -27.56
CA ILE B 46 10.78 9.48 -27.89
C ILE B 46 10.73 10.45 -26.72
N LEU B 47 11.04 9.95 -25.54
CA LEU B 47 11.22 10.81 -24.38
C LEU B 47 12.57 10.48 -23.78
N THR B 48 13.44 11.47 -23.68
CA THR B 48 14.77 11.27 -23.11
C THR B 48 14.57 11.29 -21.60
N PRO B 49 15.60 10.86 -20.82
CA PRO B 49 15.44 10.81 -19.36
C PRO B 49 14.91 12.11 -18.77
N SER B 50 13.70 11.99 -18.22
CA SER B 50 12.96 13.14 -17.75
C SER B 50 12.83 13.12 -16.23
N PRO B 51 13.31 14.19 -15.58
CA PRO B 51 13.36 14.27 -14.12
C PRO B 51 11.99 14.40 -13.47
N ILE B 52 11.79 13.72 -12.35
CA ILE B 52 10.56 13.88 -11.57
C ILE B 52 10.92 14.11 -10.13
N SER B 53 10.15 14.96 -9.45
CA SER B 53 10.41 15.21 -8.03
C SER B 53 9.28 15.99 -7.37
N MET B 54 9.25 15.94 -6.03
CA MET B 54 8.34 16.75 -5.21
C MET B 54 9.10 17.37 -4.06
N THR B 55 9.05 18.69 -3.96
CA THR B 55 9.75 19.44 -2.92
C THR B 55 8.82 19.73 -1.77
N LEU B 56 9.25 19.39 -0.56
CA LEU B 56 8.43 19.54 0.64
C LEU B 56 8.84 20.77 1.47
N ASP B 57 7.96 21.22 2.36
CA ASP B 57 8.22 22.43 3.15
C ASP B 57 9.27 22.23 4.24
N ASN B 58 9.52 20.98 4.64
CA ASN B 58 10.57 20.72 5.62
C ASN B 58 11.92 20.53 4.96
N GLY B 59 12.01 20.89 3.69
CA GLY B 59 13.27 20.82 2.96
C GLY B 59 13.52 19.52 2.22
N THR B 60 12.79 18.47 2.59
CA THR B 60 12.93 17.19 1.90
C THR B 60 12.55 17.32 0.43
N VAL B 61 13.38 16.77 -0.46
CA VAL B 61 13.06 16.73 -1.87
C VAL B 61 13.02 15.29 -2.37
N TRP B 62 11.82 14.73 -2.46
CA TRP B 62 11.63 13.39 -3.01
C TRP B 62 12.12 13.34 -4.46
N GLY B 63 13.20 12.63 -4.72
CA GLY B 63 13.66 12.49 -6.09
C GLY B 63 15.06 13.05 -6.28
N GLU B 64 15.54 13.75 -5.25
CA GLU B 64 16.94 14.17 -5.20
C GLU B 64 17.71 13.28 -4.20
N ASN B 65 18.78 12.66 -4.68
CA ASN B 65 19.57 11.71 -3.89
C ASN B 65 18.68 10.64 -3.27
N ALA B 66 17.72 10.16 -4.05
CA ALA B 66 16.72 9.23 -3.54
C ALA B 66 17.39 7.95 -3.11
N LYS B 67 16.99 7.45 -1.95
CA LYS B 67 17.56 6.23 -1.42
C LYS B 67 16.51 5.13 -1.52
N LEU B 68 16.71 4.23 -2.48
CA LEU B 68 15.78 3.12 -2.71
C LEU B 68 15.80 2.11 -1.56
N SER B 69 14.63 1.75 -1.04
CA SER B 69 14.55 0.77 0.04
C SER B 69 13.94 -0.55 -0.45
N GLY B 70 13.26 -0.52 -1.60
CA GLY B 70 12.70 -1.74 -2.15
C GLY B 70 11.94 -1.56 -3.46
N THR B 71 11.63 -2.69 -4.11
CA THR B 71 10.80 -2.67 -5.32
C THR B 71 9.73 -3.74 -5.24
N SER B 72 8.68 -3.57 -6.02
CA SER B 72 7.72 -4.64 -6.23
C SER B 72 7.13 -4.52 -7.63
N ARG B 73 6.88 -5.66 -8.25
CA ARG B 73 6.36 -5.71 -9.60
C ARG B 73 5.10 -6.56 -9.63
N LYS B 74 4.22 -6.25 -10.56
CA LYS B 74 3.01 -7.01 -10.77
C LYS B 74 2.61 -6.96 -12.23
N SER B 75 1.81 -7.94 -12.64
CA SER B 75 1.26 -7.98 -13.99
C SER B 75 -0.25 -8.08 -13.88
N VAL B 76 -0.92 -7.07 -14.40
CA VAL B 76 -2.37 -6.94 -14.23
C VAL B 76 -3.10 -7.02 -15.58
N ASP B 77 -4.13 -7.86 -15.64
CA ASP B 77 -5.05 -7.89 -16.76
C ASP B 77 -6.43 -8.11 -16.19
N GLU B 78 -7.20 -7.03 -16.10
CA GLU B 78 -8.50 -7.08 -15.44
C GLU B 78 -9.46 -6.16 -16.16
N MET B 79 -10.75 -6.38 -15.98
CA MET B 79 -11.78 -5.52 -16.57
C MET B 79 -12.35 -4.55 -15.53
N ILE B 80 -12.40 -3.26 -15.90
CA ILE B 80 -12.95 -2.22 -15.06
C ILE B 80 -14.34 -1.82 -15.54
N PRO B 81 -15.36 -1.91 -14.66
CA PRO B 81 -16.70 -1.44 -15.03
C PRO B 81 -16.71 0.05 -15.34
N SER B 82 -17.34 0.44 -16.44
CA SER B 82 -17.38 1.85 -16.86
C SER B 82 -18.80 2.33 -17.15
N PRO B 83 -19.61 2.45 -16.10
CA PRO B 83 -20.98 2.90 -16.40
C PRO B 83 -21.05 4.33 -16.93
N PHE B 84 -22.09 4.61 -17.70
CA PHE B 84 -22.31 5.94 -18.23
C PHE B 84 -21.11 6.47 -18.99
N TYR B 85 -20.54 5.65 -19.86
CA TYR B 85 -19.35 6.07 -20.60
C TYR B 85 -19.34 5.47 -22.00
N ARG B 86 -18.16 5.07 -22.48
CA ARG B 86 -18.01 4.64 -23.88
C ARG B 86 -18.17 3.14 -24.10
N ALA B 87 -18.25 2.38 -23.01
CA ALA B 87 -18.37 0.92 -23.07
C ALA B 87 -18.84 0.40 -21.72
N SER B 88 -19.34 -0.82 -21.69
CA SER B 88 -19.84 -1.39 -20.45
C SER B 88 -18.71 -1.61 -19.43
N GLU B 89 -17.54 -1.93 -19.97
CA GLU B 89 -16.36 -2.10 -19.16
C GLU B 89 -15.11 -1.87 -20.00
N LEU B 90 -14.01 -1.58 -19.33
CA LEU B 90 -12.75 -1.28 -20.00
C LEU B 90 -11.64 -2.20 -19.53
N ARG B 91 -10.78 -2.58 -20.47
CA ARG B 91 -9.69 -3.48 -20.14
C ARG B 91 -8.52 -2.72 -19.54
N ASN B 92 -8.05 -3.21 -18.39
CA ASN B 92 -6.93 -2.66 -17.65
C ASN B 92 -5.77 -3.66 -17.69
N HIS B 93 -4.81 -3.45 -18.60
CA HIS B 93 -3.79 -4.45 -18.92
C HIS B 93 -2.41 -3.81 -18.90
N TYR B 94 -1.61 -4.12 -17.89
CA TYR B 94 -0.33 -3.42 -17.74
C TYR B 94 0.66 -4.19 -16.90
N ASN B 95 1.92 -3.81 -17.01
CA ASN B 95 2.94 -4.24 -16.06
C ASN B 95 3.25 -3.06 -15.16
N GLY B 96 3.26 -3.30 -13.86
CA GLY B 96 3.47 -2.27 -12.87
C GLY B 96 4.74 -2.48 -12.08
N LEU B 97 5.40 -1.38 -11.77
CA LEU B 97 6.61 -1.39 -10.98
C LEU B 97 6.47 -0.33 -9.91
N THR B 98 6.65 -0.71 -8.65
CA THR B 98 6.61 0.24 -7.55
C THR B 98 7.97 0.39 -6.90
N LEU B 99 8.46 1.62 -6.84
CA LEU B 99 9.70 1.93 -6.16
C LEU B 99 9.42 2.57 -4.81
N ARG B 100 9.92 1.92 -3.75
CA ARG B 100 9.76 2.40 -2.37
C ARG B 100 11.05 3.03 -1.87
N PHE B 101 10.96 4.27 -1.39
CA PHE B 101 12.13 4.99 -0.94
C PHE B 101 12.06 5.24 0.56
N LYS B 102 13.24 5.43 1.16
CA LYS B 102 13.34 5.79 2.56
C LYS B 102 12.77 7.18 2.75
N LYS B 103 12.20 7.41 3.94
CA LYS B 103 11.39 8.59 4.28
C LYS B 103 9.94 8.43 3.81
N ASP B 104 9.50 7.18 3.68
CA ASP B 104 8.08 6.85 3.57
C ASP B 104 7.38 7.39 2.32
N TRP B 105 8.06 7.33 1.18
CA TRP B 105 7.41 7.71 -0.06
C TRP B 105 7.75 6.71 -1.17
N ASN B 106 6.83 6.52 -2.11
CA ASN B 106 7.03 5.63 -3.23
C ASN B 106 6.76 6.34 -4.54
N VAL B 107 7.17 5.71 -5.64
CA VAL B 107 6.65 6.09 -6.98
C VAL B 107 6.19 4.82 -7.67
N GLU B 108 4.96 4.82 -8.16
CA GLU B 108 4.41 3.68 -8.90
C GLU B 108 4.48 3.99 -10.39
N PHE B 109 5.03 3.06 -11.16
CA PHE B 109 5.06 3.17 -12.60
C PHE B 109 4.19 2.10 -13.23
N ARG B 110 3.48 2.45 -14.29
CA ARG B 110 2.75 1.46 -15.06
C ARG B 110 3.10 1.57 -16.55
N ALA B 111 3.30 0.42 -17.19
CA ALA B 111 3.53 0.37 -18.62
C ALA B 111 2.35 -0.31 -19.31
N TYR B 112 1.53 0.48 -19.98
CA TYR B 112 0.43 -0.02 -20.80
C TYR B 112 0.90 -0.11 -22.24
N ASN B 113 0.19 -0.86 -23.07
CA ASN B 113 0.56 -0.94 -24.47
C ASN B 113 0.46 0.45 -25.12
N ASP B 114 -0.41 1.30 -24.57
CA ASP B 114 -0.61 2.63 -25.14
C ASP B 114 -0.22 3.77 -24.20
N GLY B 115 0.66 3.52 -23.24
CA GLY B 115 1.16 4.61 -22.41
C GLY B 115 2.06 4.25 -21.25
N ILE B 116 2.90 5.22 -20.86
CA ILE B 116 3.64 5.12 -19.60
C ILE B 116 2.99 6.12 -18.64
N ALA B 117 2.79 5.70 -17.40
CA ALA B 117 2.22 6.56 -16.36
C ALA B 117 2.92 6.36 -15.02
N TYR B 118 3.06 7.42 -14.24
CA TYR B 118 3.59 7.29 -12.88
C TYR B 118 2.82 8.21 -11.90
N ARG B 119 2.92 7.90 -10.61
CA ARG B 119 2.42 8.76 -9.54
C ARG B 119 3.27 8.59 -8.28
N PHE B 120 3.44 9.68 -7.52
CA PHE B 120 4.02 9.61 -6.19
C PHE B 120 2.96 9.15 -5.24
N VAL B 121 3.41 8.49 -4.16
CA VAL B 121 2.52 8.01 -3.11
C VAL B 121 3.11 8.41 -1.76
N ASN B 122 2.31 9.08 -0.94
CA ASN B 122 2.70 9.44 0.41
C ASN B 122 2.30 8.36 1.41
N GLN B 123 3.26 7.84 2.17
CA GLN B 123 2.91 6.87 3.20
C GLN B 123 3.29 7.34 4.59
N GLY B 124 3.74 8.58 4.69
CA GLY B 124 4.08 9.19 5.97
C GLY B 124 2.86 9.53 6.80
N LYS B 125 3.01 9.52 8.12
CA LYS B 125 1.90 9.85 9.02
C LYS B 125 1.88 11.31 9.43
N LYS B 126 3.01 11.99 9.32
CA LYS B 126 3.08 13.37 9.79
C LYS B 126 2.72 14.34 8.66
N PRO B 127 1.85 15.32 8.95
CA PRO B 127 1.43 16.31 7.95
C PRO B 127 2.59 17.10 7.39
N PHE B 128 2.45 17.58 6.16
CA PHE B 128 3.45 18.43 5.55
C PHE B 128 2.81 19.23 4.42
N ARG B 129 3.61 20.00 3.70
CA ARG B 129 3.13 20.74 2.55
C ARG B 129 4.05 20.52 1.36
N VAL B 130 3.46 20.47 0.16
CA VAL B 130 4.25 20.39 -1.05
C VAL B 130 4.51 21.79 -1.55
N VAL B 131 5.78 22.17 -1.63
CA VAL B 131 6.13 23.49 -2.13
C VAL B 131 5.98 23.53 -3.65
N THR B 132 6.70 22.67 -4.35
CA THR B 132 6.58 22.56 -5.81
C THR B 132 6.71 21.11 -6.25
N GLU B 133 6.39 20.83 -7.49
CA GLU B 133 6.60 19.52 -8.06
C GLU B 133 7.23 19.60 -9.44
N VAL B 134 8.32 18.87 -9.65
CA VAL B 134 8.91 18.79 -10.97
C VAL B 134 8.33 17.61 -11.73
N SER B 135 7.76 17.90 -12.89
CA SER B 135 7.38 16.86 -13.84
C SER B 135 7.75 17.34 -15.22
N ASP B 136 8.96 17.02 -15.65
CA ASP B 136 9.46 17.55 -16.91
C ASP B 136 9.31 16.52 -18.03
N TYR B 137 9.15 17.00 -19.26
CA TYR B 137 9.08 16.11 -20.41
C TYR B 137 10.12 16.54 -21.41
N CYS B 138 11.25 15.83 -21.43
CA CYS B 138 12.37 16.17 -22.27
C CYS B 138 12.33 15.36 -23.54
N PHE B 139 12.21 16.06 -24.66
CA PHE B 139 12.15 15.42 -25.97
C PHE B 139 13.50 15.54 -26.67
N PRO B 140 13.82 14.55 -27.55
CA PRO B 140 15.14 14.46 -28.20
C PRO B 140 15.30 15.39 -29.42
N SER B 141 14.21 15.97 -29.91
CA SER B 141 14.26 16.84 -31.08
C SER B 141 13.19 17.92 -31.01
N ASP B 142 13.20 18.82 -31.98
CA ASP B 142 12.25 19.93 -32.00
C ASP B 142 10.92 19.45 -32.58
N MET B 143 10.19 18.67 -31.78
CA MET B 143 8.95 18.06 -32.23
C MET B 143 7.83 19.09 -32.32
N THR B 144 6.77 18.75 -33.06
CA THR B 144 5.66 19.66 -33.21
C THR B 144 4.59 19.35 -32.17
N ALA B 145 4.28 20.34 -31.33
CA ALA B 145 3.28 20.22 -30.27
C ALA B 145 1.93 20.81 -30.69
N SER B 146 0.84 20.19 -30.27
CA SER B 146 -0.48 20.81 -30.39
C SER B 146 -0.99 21.06 -28.97
N VAL B 147 -1.09 22.33 -28.62
CA VAL B 147 -1.30 22.71 -27.23
C VAL B 147 -2.43 23.72 -27.08
N PRO B 148 -3.15 23.65 -25.96
CA PRO B 148 -4.12 24.71 -25.64
C PRO B 148 -3.55 25.70 -24.62
N TYR B 149 -3.12 26.88 -25.08
CA TYR B 149 -2.65 27.91 -24.15
C TYR B 149 -3.80 28.33 -23.24
N VAL B 150 -3.47 28.68 -22.00
CA VAL B 150 -4.40 29.42 -21.16
C VAL B 150 -4.78 30.66 -21.94
N LYS B 151 -6.07 30.93 -22.06
CA LYS B 151 -6.56 32.00 -22.93
C LYS B 151 -6.39 33.39 -22.30
N SER B 152 -6.68 33.52 -21.01
CA SER B 152 -6.67 34.82 -20.33
C SER B 152 -5.34 35.13 -19.64
N GLY B 153 -5.24 36.35 -19.13
CA GLY B 153 -4.06 36.80 -18.40
C GLY B 153 -2.96 37.27 -19.33
N LYS B 154 -1.93 37.92 -18.77
CA LYS B 154 -0.83 38.43 -19.56
C LYS B 154 0.40 37.54 -19.48
N ASP B 155 1.17 37.53 -20.57
CA ASP B 155 2.40 36.76 -20.70
C ASP B 155 3.35 37.04 -19.54
N GLY B 156 3.92 35.98 -18.97
CA GLY B 156 4.88 36.16 -17.90
C GLY B 156 4.26 36.40 -16.54
N ASP B 157 2.95 36.66 -16.51
CA ASP B 157 2.21 36.82 -15.25
C ASP B 157 1.41 35.57 -14.94
N TYR B 158 2.01 34.63 -14.22
CA TYR B 158 1.39 33.31 -14.10
C TYR B 158 0.17 33.33 -13.18
N ASN B 159 0.13 34.23 -12.20
CA ASN B 159 -1.05 34.33 -11.36
C ASN B 159 -2.26 34.87 -12.14
N SER B 160 -2.01 35.70 -13.15
CA SER B 160 -3.11 36.19 -13.99
C SER B 160 -3.60 35.06 -14.87
N GLN B 161 -2.78 34.03 -15.05
CA GLN B 161 -3.17 32.91 -15.90
C GLN B 161 -3.86 31.76 -15.16
N PHE B 162 -3.54 31.59 -13.87
CA PHE B 162 -4.16 30.53 -13.07
C PHE B 162 -5.65 30.73 -12.95
N PHE B 163 -6.09 31.97 -13.06
CA PHE B 163 -7.51 32.28 -13.06
C PHE B 163 -8.04 32.19 -14.50
N ASN B 164 -8.56 31.03 -14.88
CA ASN B 164 -8.99 30.84 -16.27
C ASN B 164 -10.02 29.71 -16.39
N SER B 165 -10.72 29.66 -17.51
CA SER B 165 -11.85 28.74 -17.65
C SER B 165 -11.51 27.49 -18.46
N PHE B 166 -10.23 27.33 -18.79
CA PHE B 166 -9.73 26.14 -19.48
C PHE B 166 -10.42 25.90 -20.81
N GLU B 167 -10.72 26.98 -21.50
CA GLU B 167 -11.40 26.92 -22.78
C GLU B 167 -10.53 27.59 -23.83
N ASN B 168 -9.97 26.80 -24.73
CA ASN B 168 -9.22 27.39 -25.82
C ASN B 168 -9.04 26.42 -26.98
N THR B 169 -8.81 26.99 -28.17
CA THR B 169 -8.43 26.21 -29.32
C THR B 169 -6.94 25.84 -29.23
N TYR B 170 -6.48 24.97 -30.13
CA TYR B 170 -5.10 24.49 -30.08
C TYR B 170 -4.15 25.26 -30.97
N THR B 171 -2.94 25.49 -30.46
CA THR B 171 -1.87 26.04 -31.27
C THR B 171 -0.87 24.94 -31.62
N THR B 172 -0.52 24.86 -32.89
CA THR B 172 0.41 23.83 -33.34
C THR B 172 1.69 24.47 -33.82
N ASP B 173 2.78 24.10 -33.16
CA ASP B 173 4.08 24.72 -33.33
C ASP B 173 5.16 23.76 -32.87
N LYS B 174 6.37 23.92 -33.39
CA LYS B 174 7.52 23.19 -32.87
C LYS B 174 7.77 23.66 -31.43
N LEU B 175 8.35 22.81 -30.57
CA LEU B 175 8.64 23.21 -29.17
C LEU B 175 9.42 24.52 -29.07
N SER B 176 10.41 24.68 -29.94
CA SER B 176 11.26 25.87 -29.86
C SER B 176 10.47 27.13 -30.28
N LYS B 177 9.29 26.92 -30.85
CA LYS B 177 8.48 28.02 -31.36
C LYS B 177 7.33 28.35 -30.41
N LEU B 178 7.17 27.57 -29.34
CA LEU B 178 6.08 27.85 -28.39
C LEU B 178 6.37 29.12 -27.59
N ASN B 179 5.29 29.75 -27.13
CA ASN B 179 5.36 30.89 -26.23
C ASN B 179 5.97 30.44 -24.91
N LYS B 180 7.13 30.99 -24.55
CA LYS B 180 7.82 30.54 -23.34
C LYS B 180 7.23 31.19 -22.07
N GLN B 181 6.22 32.03 -22.22
CA GLN B 181 5.67 32.79 -21.09
C GLN B 181 4.17 32.62 -20.87
N ARG B 182 3.59 31.62 -21.52
CA ARG B 182 2.18 31.36 -21.35
C ARG B 182 2.01 29.89 -21.06
N LEU B 183 1.21 29.59 -20.04
CA LEU B 183 0.97 28.22 -19.64
C LEU B 183 0.11 27.46 -20.63
N MET B 184 0.30 26.15 -20.66
CA MET B 184 -0.54 25.27 -21.45
C MET B 184 -1.25 24.28 -20.52
N PHE B 185 -2.57 24.15 -20.65
CA PHE B 185 -3.25 23.14 -19.83
C PHE B 185 -3.34 21.82 -20.59
N LEU B 186 -3.86 20.80 -19.91
CA LEU B 186 -3.85 19.44 -20.41
C LEU B 186 -5.24 18.96 -20.77
N PRO B 187 -5.35 17.97 -21.66
CA PRO B 187 -4.28 17.28 -22.40
C PRO B 187 -3.64 18.10 -23.50
N LEU B 188 -2.41 17.75 -23.85
CA LEU B 188 -1.82 18.29 -25.08
C LEU B 188 -1.07 17.16 -25.78
N VAL B 189 -0.76 17.39 -27.06
CA VAL B 189 -0.12 16.35 -27.85
C VAL B 189 1.22 16.81 -28.41
N VAL B 190 2.20 15.92 -28.37
CA VAL B 190 3.46 16.16 -29.06
C VAL B 190 3.61 15.09 -30.15
N ASP B 191 3.82 15.53 -31.38
CA ASP B 191 4.00 14.65 -32.54
C ASP B 191 5.46 14.16 -32.60
N ALA B 192 5.65 12.86 -32.39
CA ALA B 192 6.98 12.31 -32.32
C ALA B 192 7.51 11.87 -33.69
N GLY B 193 6.75 12.18 -34.75
CA GLY B 193 7.14 11.82 -36.10
C GLY B 193 6.88 10.36 -36.40
N ASP B 194 6.80 10.02 -37.68
CA ASP B 194 6.53 8.66 -38.11
C ASP B 194 5.22 8.14 -37.50
N GLY B 195 4.25 9.04 -37.38
CA GLY B 195 2.91 8.66 -36.94
C GLY B 195 2.78 8.43 -35.45
N VAL B 196 3.85 8.67 -34.69
CA VAL B 196 3.81 8.46 -33.24
C VAL B 196 3.41 9.75 -32.51
N LYS B 197 2.46 9.61 -31.59
CA LYS B 197 1.97 10.74 -30.80
C LYS B 197 2.19 10.50 -29.32
N VAL B 198 2.64 11.54 -28.60
CA VAL B 198 2.62 11.55 -27.13
C VAL B 198 1.52 12.48 -26.67
N CYS B 199 0.58 11.98 -25.87
CA CYS B 199 -0.43 12.84 -25.29
C CYS B 199 -0.27 12.85 -23.78
N ILE B 200 0.00 14.03 -23.24
CA ILE B 200 0.22 14.22 -21.82
C ILE B 200 -1.05 14.67 -21.13
N THR B 201 -1.43 13.95 -20.08
CA THR B 201 -2.56 14.33 -19.26
C THR B 201 -2.34 13.76 -17.85
N GLU B 202 -3.31 13.97 -16.98
CA GLU B 202 -3.24 13.44 -15.62
C GLU B 202 -4.62 12.92 -15.21
N SER B 203 -4.67 12.05 -14.23
CA SER B 203 -5.94 11.54 -13.77
C SER B 203 -5.88 11.30 -12.26
N ASP B 204 -7.04 11.04 -11.66
CA ASP B 204 -7.23 11.04 -10.22
C ASP B 204 -6.79 12.40 -9.64
N LEU B 205 -7.36 13.48 -10.20
CA LEU B 205 -7.00 14.83 -9.77
C LEU B 205 -7.88 15.32 -8.61
N GLU B 206 -7.70 14.70 -7.45
CA GLU B 206 -8.48 15.06 -6.27
C GLU B 206 -7.62 15.78 -5.24
N ASN B 207 -8.06 16.95 -4.82
CA ASN B 207 -7.38 17.67 -3.74
C ASN B 207 -5.89 17.86 -4.02
N TYR B 208 -5.60 18.32 -5.23
CA TYR B 208 -4.23 18.61 -5.64
C TYR B 208 -4.29 19.56 -6.84
N PRO B 209 -3.40 20.57 -6.90
CA PRO B 209 -3.48 21.52 -8.02
C PRO B 209 -3.25 20.85 -9.37
N GLY B 210 -3.94 21.35 -10.39
CA GLY B 210 -3.83 20.79 -11.72
C GLY B 210 -2.48 21.11 -12.31
N LEU B 211 -2.01 20.25 -13.20
CA LEU B 211 -0.68 20.43 -13.79
C LEU B 211 -0.73 21.19 -15.11
N TYR B 212 -0.08 22.35 -15.15
CA TYR B 212 0.21 23.05 -16.41
C TYR B 212 1.59 22.64 -16.90
N LEU B 213 1.79 22.73 -18.20
CA LEU B 213 3.13 22.58 -18.74
C LEU B 213 3.59 23.93 -19.29
N SER B 214 4.90 24.11 -19.37
CA SER B 214 5.50 25.38 -19.74
C SER B 214 6.68 25.17 -20.69
N ALA B 215 6.89 26.11 -21.61
CA ALA B 215 8.02 26.02 -22.52
C ALA B 215 9.18 26.92 -22.07
N SER B 216 9.09 27.42 -20.84
CA SER B 216 10.03 28.41 -20.32
C SER B 216 11.42 27.87 -19.99
N GLU B 217 11.53 26.58 -19.73
CA GLU B 217 12.82 26.04 -19.31
C GLU B 217 13.41 25.06 -20.31
N GLY B 218 14.64 25.34 -20.74
CA GLY B 218 15.40 24.39 -21.52
C GLY B 218 15.00 24.29 -22.98
N ALA B 219 15.65 23.38 -23.68
CA ALA B 219 15.44 23.16 -25.09
C ALA B 219 14.65 21.87 -25.31
N ASN B 220 13.63 21.96 -26.15
CA ASN B 220 12.74 20.85 -26.44
C ASN B 220 12.15 20.23 -25.17
N ARG B 221 11.84 21.08 -24.19
CA ARG B 221 11.38 20.61 -22.89
C ARG B 221 10.10 21.29 -22.42
N LEU B 222 9.12 20.47 -22.03
CA LEU B 222 7.92 20.96 -21.36
C LEU B 222 8.06 20.68 -19.87
N SER B 223 7.87 21.71 -19.04
CA SER B 223 8.08 21.54 -17.60
C SER B 223 6.82 21.88 -16.81
N SER B 224 6.74 21.35 -15.60
CA SER B 224 5.54 21.49 -14.79
C SER B 224 5.42 22.86 -14.17
N MET B 225 4.17 23.25 -13.91
CA MET B 225 3.84 24.40 -13.09
C MET B 225 2.46 24.18 -12.48
N HIS B 226 2.31 24.58 -11.23
CA HIS B 226 1.05 24.43 -10.50
C HIS B 226 0.62 25.74 -9.90
N ALA B 227 -0.69 25.94 -9.80
CA ALA B 227 -1.23 27.13 -9.12
C ALA B 227 -0.97 26.98 -7.63
N PRO B 228 -0.51 28.05 -6.97
CA PRO B 228 -0.22 28.01 -5.53
C PRO B 228 -1.49 27.91 -4.69
N TYR B 229 -1.38 27.39 -3.47
CA TYR B 229 -2.51 27.31 -2.55
C TYR B 229 -3.02 28.72 -2.23
N PRO B 230 -4.35 28.91 -2.18
CA PRO B 230 -4.90 30.24 -1.96
C PRO B 230 -4.76 30.70 -0.51
N LYS B 231 -4.29 31.94 -0.32
CA LYS B 231 -4.16 32.52 1.01
C LYS B 231 -5.39 33.38 1.35
N ARG B 232 -5.87 34.14 0.38
CA ARG B 232 -7.08 34.94 0.57
C ARG B 232 -7.89 35.03 -0.71
N THR B 233 -9.16 34.63 -0.66
CA THR B 233 -10.06 34.75 -1.83
C THR B 233 -11.17 35.76 -1.57
N VAL B 234 -11.59 36.45 -2.63
CA VAL B 234 -12.64 37.46 -2.50
C VAL B 234 -13.75 37.22 -3.52
N GLN B 235 -14.99 37.40 -3.07
CA GLN B 235 -16.15 37.23 -3.92
C GLN B 235 -16.24 38.32 -5.00
N GLY B 236 -16.43 37.89 -6.25
CA GLY B 236 -16.51 38.82 -7.36
C GLY B 236 -16.58 38.08 -8.69
N GLY B 237 -15.93 38.65 -9.69
CA GLY B 237 -15.96 38.06 -11.03
C GLY B 237 -17.38 38.02 -11.57
N HIS B 238 -17.68 36.98 -12.34
CA HIS B 238 -18.96 36.89 -13.06
C HIS B 238 -20.17 36.99 -12.14
N ASN B 239 -20.86 38.13 -12.17
CA ASN B 239 -22.07 38.31 -11.36
C ASN B 239 -21.95 37.90 -9.89
N GLN B 240 -20.80 38.20 -9.30
CA GLN B 240 -20.54 37.91 -7.88
C GLN B 240 -20.63 36.44 -7.52
N LEU B 241 -20.31 35.56 -8.48
CA LEU B 241 -20.41 34.12 -8.25
C LEU B 241 -19.04 33.44 -8.19
N GLN B 242 -17.98 34.22 -8.36
CA GLN B 242 -16.64 33.64 -8.37
C GLN B 242 -15.88 34.03 -7.10
N MET B 243 -14.94 33.19 -6.72
CA MET B 243 -14.05 33.50 -5.60
C MET B 243 -12.65 33.64 -6.16
N LEU B 244 -12.18 34.89 -6.22
CA LEU B 244 -10.93 35.23 -6.87
C LEU B 244 -9.74 35.17 -5.93
N VAL B 245 -8.68 34.48 -6.35
CA VAL B 245 -7.45 34.40 -5.57
C VAL B 245 -6.67 35.71 -5.63
N LYS B 246 -6.61 36.43 -4.52
CA LYS B 246 -5.87 37.69 -4.47
C LYS B 246 -4.52 37.51 -3.78
N GLU B 247 -4.46 36.53 -2.88
CA GLU B 247 -3.20 36.20 -2.20
C GLU B 247 -2.95 34.69 -2.18
N HIS B 248 -1.70 34.31 -2.25
CA HIS B 248 -1.34 32.89 -2.31
C HIS B 248 -0.24 32.50 -1.30
N GLU B 249 -0.27 31.25 -0.86
CA GLU B 249 0.75 30.73 0.05
C GLU B 249 2.04 30.39 -0.70
N ASP B 250 3.07 30.08 0.07
CA ASP B 250 4.36 29.72 -0.50
C ASP B 250 4.43 28.21 -0.74
N TYR B 251 3.27 27.61 -1.03
CA TYR B 251 3.23 26.20 -1.36
C TYR B 251 2.00 25.91 -2.22
N ILE B 252 1.97 24.74 -2.85
CA ILE B 252 0.88 24.39 -3.74
C ILE B 252 -0.09 23.36 -3.17
N ALA B 253 0.26 22.69 -2.08
CA ALA B 253 -0.61 21.64 -1.57
C ALA B 253 -0.43 21.30 -0.09
N LYS B 254 -1.55 21.10 0.59
CA LYS B 254 -1.53 20.54 1.93
C LYS B 254 -1.69 19.03 1.89
N VAL B 255 -0.86 18.32 2.67
CA VAL B 255 -0.97 16.88 2.78
C VAL B 255 -1.02 16.50 4.26
N ASP B 256 -2.14 15.94 4.70
CA ASP B 256 -2.34 15.65 6.11
C ASP B 256 -2.30 14.16 6.42
N LYS B 257 -2.47 13.32 5.39
CA LYS B 257 -2.52 11.88 5.57
C LYS B 257 -1.75 11.14 4.49
N PRO B 258 -1.56 9.82 4.65
CA PRO B 258 -1.09 9.05 3.50
C PRO B 258 -2.06 9.18 2.31
N ARG B 259 -1.53 9.21 1.10
CA ARG B 259 -2.40 9.34 -0.06
C ARG B 259 -1.68 9.01 -1.35
N ASN B 260 -2.47 8.69 -2.38
CA ASN B 260 -1.97 8.69 -3.74
C ASN B 260 -1.95 10.10 -4.24
N PHE B 261 -0.94 10.43 -5.02
CA PHE B 261 -0.95 11.68 -5.76
C PHE B 261 -1.42 11.35 -7.17
N PRO B 262 -1.79 12.37 -7.97
CA PRO B 262 -2.36 12.09 -9.28
C PRO B 262 -1.36 11.46 -10.26
N TRP B 263 -1.89 10.59 -11.13
CA TRP B 263 -1.11 10.01 -12.20
C TRP B 263 -0.64 11.04 -13.21
N ARG B 264 0.62 10.94 -13.62
CA ARG B 264 1.13 11.69 -14.77
C ARG B 264 1.21 10.72 -15.94
N ILE B 265 0.41 10.99 -16.97
CA ILE B 265 0.17 10.02 -18.04
C ILE B 265 0.74 10.48 -19.35
N ALA B 266 1.66 9.69 -19.89
CA ALA B 266 2.17 9.87 -21.23
C ALA B 266 1.58 8.82 -22.14
N VAL B 267 0.46 9.16 -22.77
CA VAL B 267 -0.16 8.27 -23.75
C VAL B 267 0.75 8.19 -24.95
N VAL B 268 1.03 6.98 -25.42
CA VAL B 268 1.87 6.83 -26.58
C VAL B 268 1.23 5.93 -27.62
N THR B 269 0.95 6.49 -28.80
CA THR B 269 0.30 5.73 -29.85
C THR B 269 1.07 5.77 -31.17
N THR B 270 0.89 4.73 -31.96
CA THR B 270 1.53 4.63 -33.25
C THR B 270 0.53 4.95 -34.37
N THR B 271 -0.76 4.99 -34.04
CA THR B 271 -1.79 5.45 -34.98
C THR B 271 -2.74 6.38 -34.23
N ASP B 272 -3.30 7.38 -34.94
CA ASP B 272 -4.09 8.39 -34.24
C ASP B 272 -5.39 7.85 -33.68
N LYS B 273 -5.96 6.84 -34.33
CA LYS B 273 -7.21 6.31 -33.82
C LYS B 273 -7.05 5.65 -32.45
N ASP B 274 -5.85 5.16 -32.14
CA ASP B 274 -5.62 4.56 -30.82
C ASP B 274 -5.55 5.64 -29.76
N LEU B 275 -5.14 6.84 -30.17
CA LEU B 275 -5.14 8.00 -29.26
C LEU B 275 -6.59 8.38 -28.85
N ALA B 276 -7.46 8.49 -29.84
CA ALA B 276 -8.86 8.80 -29.59
C ALA B 276 -9.50 7.72 -28.72
N ALA B 277 -9.03 6.49 -28.89
CA ALA B 277 -9.61 5.33 -28.24
C ALA B 277 -9.07 5.06 -26.83
N THR B 278 -7.94 5.65 -26.46
CA THR B 278 -7.31 5.25 -25.20
C THR B 278 -8.25 5.45 -24.01
N ASN B 279 -8.23 4.44 -23.14
CA ASN B 279 -9.05 4.40 -21.94
C ASN B 279 -8.28 4.80 -20.69
N LEU B 280 -7.04 5.28 -20.85
CA LEU B 280 -6.14 5.42 -19.71
C LEU B 280 -6.61 6.38 -18.64
N SER B 281 -7.29 7.44 -19.05
CA SER B 281 -7.74 8.45 -18.10
C SER B 281 -8.76 7.84 -17.12
N TYR B 282 -9.72 7.08 -17.66
CA TYR B 282 -10.70 6.42 -16.81
C TYR B 282 -10.05 5.33 -15.96
N LEU B 283 -9.14 4.57 -16.57
CA LEU B 283 -8.46 3.46 -15.89
C LEU B 283 -7.66 3.91 -14.68
N LEU B 284 -7.15 5.15 -14.75
CA LEU B 284 -6.27 5.67 -13.72
C LEU B 284 -6.98 6.63 -12.77
N GLY B 285 -8.28 6.84 -12.98
CA GLY B 285 -9.08 7.55 -11.99
C GLY B 285 -9.29 6.68 -10.77
N ALA B 286 -9.50 7.29 -9.60
CA ALA B 286 -9.78 6.54 -8.39
C ALA B 286 -11.09 5.79 -8.57
N PRO B 287 -11.18 4.56 -8.04
CA PRO B 287 -12.38 3.74 -8.19
C PRO B 287 -13.65 4.41 -7.67
N SER B 288 -14.80 3.95 -8.17
CA SER B 288 -16.09 4.45 -7.75
C SER B 288 -16.25 4.43 -6.23
N ARG B 289 -16.76 5.52 -5.68
CA ARG B 289 -17.03 5.59 -4.25
C ARG B 289 -18.51 5.50 -4.00
N MET B 290 -19.23 4.97 -4.99
CA MET B 290 -20.69 4.85 -4.92
C MET B 290 -21.13 3.41 -5.13
N SER B 291 -22.02 2.94 -4.26
CA SER B 291 -22.51 1.57 -4.36
C SER B 291 -23.74 1.50 -5.26
N ASP B 292 -24.73 2.32 -4.98
CA ASP B 292 -25.97 2.31 -5.75
C ASP B 292 -25.94 3.32 -6.91
N LEU B 293 -25.98 2.81 -8.13
CA LEU B 293 -25.97 3.67 -9.32
C LEU B 293 -27.32 3.74 -10.02
N SER B 294 -28.27 2.94 -9.54
CA SER B 294 -29.55 2.78 -10.23
C SER B 294 -30.34 4.09 -10.40
N TRP B 295 -30.05 5.10 -9.59
CA TRP B 295 -30.81 6.35 -9.68
C TRP B 295 -30.26 7.32 -10.73
N ILE B 296 -29.05 7.06 -11.22
CA ILE B 296 -28.43 7.96 -12.19
C ILE B 296 -28.99 7.72 -13.59
N LYS B 297 -29.53 8.79 -14.18
CA LYS B 297 -30.15 8.69 -15.50
C LYS B 297 -29.47 9.61 -16.49
N PRO B 298 -28.63 9.04 -17.35
CA PRO B 298 -28.03 9.84 -18.42
C PRO B 298 -29.10 10.27 -19.44
N GLY B 299 -28.79 11.25 -20.27
CA GLY B 299 -29.75 11.69 -21.27
C GLY B 299 -29.46 13.07 -21.81
N LYS B 300 -30.48 13.67 -22.43
CA LYS B 300 -30.28 14.92 -23.12
C LYS B 300 -31.14 16.06 -22.55
N VAL B 301 -30.79 17.27 -22.96
CA VAL B 301 -31.42 18.50 -22.50
C VAL B 301 -31.94 19.30 -23.69
N ALA B 302 -33.21 19.68 -23.64
CA ALA B 302 -33.72 20.73 -24.54
C ALA B 302 -33.22 22.05 -23.98
N TRP B 303 -31.99 22.41 -24.32
CA TRP B 303 -31.28 23.50 -23.64
C TRP B 303 -31.84 24.90 -23.95
N ASP B 304 -31.76 25.82 -22.97
CA ASP B 304 -32.37 27.15 -23.09
C ASP B 304 -31.36 28.22 -23.49
N TRP B 305 -30.15 28.11 -22.97
CA TRP B 305 -29.18 29.22 -22.96
C TRP B 305 -28.49 29.51 -24.30
N TRP B 306 -27.99 28.49 -24.99
CA TRP B 306 -27.29 28.71 -26.25
C TRP B 306 -28.14 29.53 -27.22
N ASN B 307 -29.40 29.12 -27.35
CA ASN B 307 -30.34 29.72 -28.28
C ASN B 307 -31.08 30.93 -27.68
N ASP B 308 -30.68 31.35 -26.48
CA ASP B 308 -31.08 32.63 -25.88
C ASP B 308 -32.59 32.74 -25.70
N TRP B 309 -33.23 31.63 -25.34
CA TRP B 309 -34.67 31.59 -25.07
C TRP B 309 -35.49 32.05 -26.27
N ASN B 310 -34.89 32.06 -27.44
CA ASN B 310 -35.45 32.82 -28.54
C ASN B 310 -36.41 32.00 -29.41
N LEU B 311 -37.50 31.54 -28.79
CA LEU B 311 -38.58 30.85 -29.49
C LEU B 311 -39.36 31.80 -30.40
N ASP B 312 -39.89 31.26 -31.50
CA ASP B 312 -40.87 31.98 -32.32
C ASP B 312 -42.14 31.14 -32.44
N GLY B 313 -43.22 31.75 -32.90
CA GLY B 313 -44.46 31.02 -33.07
C GLY B 313 -45.18 30.70 -31.77
N VAL B 314 -44.94 31.50 -30.73
CA VAL B 314 -45.68 31.33 -29.48
C VAL B 314 -46.40 32.61 -29.09
N ASP B 315 -47.35 32.53 -28.16
CA ASP B 315 -48.17 33.70 -27.85
C ASP B 315 -47.72 34.42 -26.57
N PHE B 316 -46.57 34.04 -26.03
CA PHE B 316 -46.03 34.73 -24.85
C PHE B 316 -44.64 35.29 -25.14
N VAL B 317 -44.25 36.33 -24.41
CA VAL B 317 -42.92 36.91 -24.55
C VAL B 317 -41.90 35.98 -23.90
N THR B 318 -40.89 35.60 -24.67
CA THR B 318 -39.88 34.64 -24.21
C THR B 318 -38.85 35.27 -23.29
N GLY B 319 -38.32 34.44 -22.39
CA GLY B 319 -37.30 34.86 -21.46
C GLY B 319 -37.23 33.90 -20.28
N VAL B 320 -36.58 34.33 -19.21
CA VAL B 320 -36.50 33.51 -18.00
C VAL B 320 -37.81 33.65 -17.24
N ASN B 321 -38.80 32.90 -17.70
CA ASN B 321 -40.14 32.95 -17.12
C ASN B 321 -40.83 31.60 -17.28
N ASN B 322 -41.93 31.43 -16.57
CA ASN B 322 -42.62 30.15 -16.54
C ASN B 322 -43.14 29.64 -17.89
N PRO B 323 -43.88 30.47 -18.65
CA PRO B 323 -44.38 29.89 -19.89
C PRO B 323 -43.26 29.49 -20.85
N THR B 324 -42.13 30.20 -20.82
CA THR B 324 -41.04 29.82 -21.71
C THR B 324 -40.46 28.46 -21.32
N TYR B 325 -40.26 28.18 -20.02
CA TYR B 325 -39.69 26.87 -19.64
C TYR B 325 -40.71 25.76 -19.89
N LYS B 326 -41.99 26.06 -19.69
CA LYS B 326 -43.03 25.09 -19.98
C LYS B 326 -43.01 24.67 -21.46
N ALA B 327 -42.67 25.60 -22.33
CA ALA B 327 -42.56 25.31 -23.77
C ALA B 327 -41.36 24.41 -24.05
N TYR B 328 -40.23 24.71 -23.42
CA TYR B 328 -39.08 23.83 -23.55
C TYR B 328 -39.39 22.45 -22.96
N ILE B 329 -40.14 22.40 -21.86
CA ILE B 329 -40.51 21.12 -21.27
C ILE B 329 -41.47 20.37 -22.21
N ASP B 330 -42.44 21.07 -22.78
CA ASP B 330 -43.37 20.44 -23.74
C ASP B 330 -42.60 19.76 -24.87
N PHE B 331 -41.63 20.49 -25.42
CA PHE B 331 -40.82 20.00 -26.53
C PHE B 331 -40.00 18.79 -26.14
N ALA B 332 -39.38 18.86 -24.97
CA ALA B 332 -38.58 17.73 -24.47
C ALA B 332 -39.46 16.51 -24.34
N SER B 333 -40.62 16.68 -23.73
CA SER B 333 -41.52 15.55 -23.48
C SER B 333 -42.04 14.93 -24.77
N ALA B 334 -42.44 15.78 -25.72
CA ALA B 334 -42.96 15.28 -26.99
C ALA B 334 -41.91 14.47 -27.75
N ASN B 335 -40.64 14.75 -27.49
CA ASN B 335 -39.56 14.06 -28.20
C ASN B 335 -38.74 13.09 -27.37
N GLY B 336 -39.20 12.82 -26.15
CA GLY B 336 -38.55 11.84 -25.28
C GLY B 336 -37.23 12.33 -24.69
N ILE B 337 -37.00 13.63 -24.76
CA ILE B 337 -35.79 14.19 -24.18
C ILE B 337 -35.95 14.28 -22.66
N GLU B 338 -34.91 13.86 -21.95
CA GLU B 338 -34.97 13.58 -20.53
C GLU B 338 -34.99 14.81 -19.62
N TYR B 339 -34.31 15.88 -20.04
CA TYR B 339 -34.06 17.00 -19.14
C TYR B 339 -34.31 18.40 -19.72
N VAL B 340 -34.63 19.35 -18.83
CA VAL B 340 -34.55 20.76 -19.14
C VAL B 340 -33.71 21.45 -18.06
N ILE B 341 -32.74 22.25 -18.49
CA ILE B 341 -31.94 23.06 -17.59
C ILE B 341 -32.53 24.46 -17.43
N LEU B 342 -32.58 24.95 -16.20
CA LEU B 342 -32.78 26.36 -15.98
C LEU B 342 -31.38 26.96 -15.84
N ASP B 343 -30.89 27.58 -16.91
CA ASP B 343 -29.52 28.06 -16.88
C ASP B 343 -29.44 29.38 -16.13
N GLU B 344 -28.33 30.10 -16.26
CA GLU B 344 -28.16 31.33 -15.49
C GLU B 344 -29.29 32.32 -15.74
N GLY B 345 -29.92 32.76 -14.65
CA GLY B 345 -31.00 33.72 -14.74
C GLY B 345 -32.15 33.48 -13.79
N TRP B 346 -32.33 32.23 -13.37
CA TRP B 346 -33.48 31.93 -12.51
C TRP B 346 -33.29 32.43 -11.08
N ALA B 347 -32.04 32.57 -10.64
CA ALA B 347 -31.77 33.05 -9.28
C ALA B 347 -31.48 34.54 -9.32
N VAL B 348 -31.94 35.28 -8.30
CA VAL B 348 -31.82 36.74 -8.31
C VAL B 348 -30.37 37.19 -8.47
N ASN B 349 -30.11 38.01 -9.48
CA ASN B 349 -28.74 38.33 -9.85
C ASN B 349 -28.03 39.13 -8.75
N LEU B 350 -26.71 38.89 -8.63
CA LEU B 350 -25.82 39.56 -7.68
C LEU B 350 -26.01 39.14 -6.21
N GLN B 351 -26.99 38.28 -5.93
CA GLN B 351 -27.17 37.80 -4.55
C GLN B 351 -26.27 36.60 -4.23
N ALA B 352 -25.88 35.86 -5.27
CA ALA B 352 -25.15 34.61 -5.15
C ALA B 352 -25.84 33.72 -4.12
N ASP B 353 -27.16 33.64 -4.24
CA ASP B 353 -28.01 32.96 -3.28
C ASP B 353 -29.05 32.13 -4.01
N LEU B 354 -28.92 30.82 -3.92
CA LEU B 354 -29.77 29.91 -4.68
C LEU B 354 -31.17 29.74 -4.10
N MET B 355 -31.47 30.43 -3.01
CA MET B 355 -32.82 30.36 -2.42
C MET B 355 -33.68 31.55 -2.84
N GLN B 356 -33.09 32.49 -3.57
CA GLN B 356 -33.82 33.67 -4.04
C GLN B 356 -34.15 33.53 -5.52
N VAL B 357 -35.41 33.17 -5.78
CA VAL B 357 -35.89 32.91 -7.13
C VAL B 357 -36.49 34.18 -7.71
N VAL B 358 -36.19 34.49 -8.97
CA VAL B 358 -36.75 35.69 -9.61
C VAL B 358 -38.27 35.61 -9.66
N LYS B 359 -38.96 36.74 -9.65
CA LYS B 359 -40.43 36.75 -9.54
C LYS B 359 -41.10 35.99 -10.68
N GLU B 360 -40.45 35.98 -11.85
CA GLU B 360 -41.03 35.39 -13.06
C GLU B 360 -40.89 33.87 -13.12
N ILE B 361 -40.28 33.28 -12.10
CA ILE B 361 -40.06 31.83 -12.12
C ILE B 361 -40.73 31.24 -10.90
N ASP B 362 -41.40 30.10 -11.08
CA ASP B 362 -41.91 29.32 -9.96
C ASP B 362 -41.34 27.90 -10.06
N LEU B 363 -40.26 27.64 -9.32
CA LEU B 363 -39.55 26.36 -9.41
C LEU B 363 -40.45 25.17 -9.13
N LYS B 364 -41.27 25.28 -8.10
CA LYS B 364 -42.15 24.19 -7.73
C LYS B 364 -43.09 23.85 -8.88
N GLU B 365 -43.75 24.87 -9.40
CA GLU B 365 -44.66 24.66 -10.53
C GLU B 365 -43.90 24.02 -11.71
N LEU B 366 -42.71 24.54 -12.01
CA LEU B 366 -41.95 24.02 -13.15
C LEU B 366 -41.51 22.56 -12.91
N VAL B 367 -41.10 22.23 -11.68
CA VAL B 367 -40.70 20.86 -11.38
C VAL B 367 -41.89 19.91 -11.53
N ASP B 368 -43.03 20.31 -10.99
CA ASP B 368 -44.23 19.49 -11.04
C ASP B 368 -44.77 19.36 -12.49
N TYR B 369 -44.78 20.47 -13.22
CA TYR B 369 -45.20 20.46 -14.62
C TYR B 369 -44.32 19.50 -15.42
N ALA B 370 -43.01 19.65 -15.27
CA ALA B 370 -42.04 18.78 -15.93
C ALA B 370 -42.21 17.31 -15.53
N ALA B 371 -42.49 17.07 -14.25
CA ALA B 371 -42.68 15.70 -13.75
C ALA B 371 -43.84 14.99 -14.46
N SER B 372 -44.96 15.70 -14.61
CA SER B 372 -46.12 15.14 -15.32
C SER B 372 -45.84 14.88 -16.81
N LYS B 373 -44.71 15.36 -17.32
CA LYS B 373 -44.34 15.18 -18.72
C LYS B 373 -43.12 14.27 -18.89
N ASN B 374 -42.74 13.56 -17.82
CA ASN B 374 -41.58 12.68 -17.84
C ASN B 374 -40.29 13.44 -18.19
N VAL B 375 -40.18 14.65 -17.65
CA VAL B 375 -38.98 15.46 -17.88
C VAL B 375 -38.41 15.89 -16.53
N GLY B 376 -37.11 15.74 -16.36
CA GLY B 376 -36.45 16.14 -15.13
C GLY B 376 -35.89 17.55 -15.24
N ILE B 377 -35.81 18.23 -14.10
CA ILE B 377 -35.28 19.58 -14.06
C ILE B 377 -33.87 19.61 -13.47
N ILE B 378 -32.97 20.29 -14.16
CA ILE B 378 -31.59 20.50 -13.70
C ILE B 378 -31.37 21.98 -13.45
N LEU B 379 -30.84 22.34 -12.28
CA LEU B 379 -30.63 23.75 -11.96
C LEU B 379 -29.18 24.21 -12.14
N TRP B 380 -29.00 25.36 -12.78
CA TRP B 380 -27.70 25.99 -12.90
C TRP B 380 -27.34 26.84 -11.67
N ALA B 381 -26.07 26.82 -11.28
CA ALA B 381 -25.64 27.61 -10.15
C ALA B 381 -24.22 28.10 -10.36
N GLY B 382 -23.94 29.34 -9.99
CA GLY B 382 -22.59 29.83 -9.99
C GLY B 382 -21.85 29.23 -8.81
N TYR B 383 -20.54 29.06 -8.96
CA TYR B 383 -19.69 28.40 -7.95
C TYR B 383 -19.99 28.84 -6.51
N HIS B 384 -19.89 30.15 -6.22
CA HIS B 384 -19.97 30.61 -4.84
C HIS B 384 -21.34 30.40 -4.20
N ALA B 385 -22.40 30.52 -5.00
CA ALA B 385 -23.76 30.32 -4.52
C ALA B 385 -24.01 28.84 -4.16
N PHE B 386 -23.36 27.95 -4.89
CA PHE B 386 -23.52 26.51 -4.66
C PHE B 386 -22.65 26.07 -3.48
N GLU B 387 -21.40 26.50 -3.47
CA GLU B 387 -20.43 26.05 -2.47
C GLU B 387 -20.78 26.56 -1.07
N ARG B 388 -21.31 27.78 -0.98
CA ARG B 388 -21.43 28.47 0.30
C ARG B 388 -22.41 27.80 1.27
N ASP B 389 -23.40 27.10 0.72
CA ASP B 389 -24.46 26.49 1.51
C ASP B 389 -24.81 25.14 0.91
N MET B 390 -23.77 24.38 0.56
CA MET B 390 -23.90 23.26 -0.35
C MET B 390 -24.91 22.19 0.07
N GLU B 391 -24.74 21.66 1.28
CA GLU B 391 -25.60 20.59 1.78
C GLU B 391 -27.06 20.99 1.84
N ASN B 392 -27.37 22.17 2.39
CA ASN B 392 -28.76 22.60 2.47
C ASN B 392 -29.40 22.83 1.09
N VAL B 393 -28.65 23.39 0.17
CA VAL B 393 -29.11 23.61 -1.20
C VAL B 393 -29.43 22.28 -1.87
N CYS B 394 -28.52 21.32 -1.76
CA CYS B 394 -28.74 19.99 -2.32
C CYS B 394 -29.93 19.31 -1.67
N ARG B 395 -29.99 19.35 -0.34
CA ARG B 395 -31.12 18.76 0.38
C ARG B 395 -32.46 19.37 -0.08
N HIS B 396 -32.54 20.70 -0.02
CA HIS B 396 -33.78 21.41 -0.34
C HIS B 396 -34.26 21.13 -1.77
N TYR B 397 -33.36 21.17 -2.75
CA TYR B 397 -33.84 21.01 -4.12
C TYR B 397 -34.06 19.55 -4.49
N ALA B 398 -33.27 18.64 -3.91
CA ALA B 398 -33.50 17.20 -4.08
C ALA B 398 -34.88 16.83 -3.55
N GLU B 399 -35.28 17.43 -2.42
CA GLU B 399 -36.60 17.19 -1.84
C GLU B 399 -37.72 17.75 -2.71
N MET B 400 -37.46 18.90 -3.32
CA MET B 400 -38.41 19.52 -4.24
C MET B 400 -38.54 18.66 -5.50
N GLY B 401 -37.52 17.86 -5.81
CA GLY B 401 -37.57 16.95 -6.94
C GLY B 401 -36.66 17.30 -8.11
N VAL B 402 -35.86 18.35 -7.94
CA VAL B 402 -34.80 18.70 -8.88
C VAL B 402 -33.89 17.49 -9.07
N LYS B 403 -33.46 17.24 -10.30
CA LYS B 403 -32.69 16.03 -10.59
C LYS B 403 -31.18 16.24 -10.59
N GLY B 404 -30.75 17.50 -10.59
CA GLY B 404 -29.33 17.75 -10.64
C GLY B 404 -28.94 19.21 -10.77
N PHE B 405 -27.64 19.44 -10.82
CA PHE B 405 -27.11 20.79 -10.89
C PHE B 405 -26.05 20.94 -11.97
N LYS B 406 -26.05 22.11 -12.60
CA LYS B 406 -24.94 22.52 -13.44
C LYS B 406 -24.22 23.66 -12.72
N VAL B 407 -22.98 23.42 -12.30
CA VAL B 407 -22.26 24.39 -11.48
C VAL B 407 -21.11 24.99 -12.30
N GLY B 408 -21.02 26.32 -12.33
CA GLY B 408 -20.14 26.96 -13.27
C GLY B 408 -19.30 28.08 -12.67
N PHE B 409 -18.35 28.55 -13.47
CA PHE B 409 -17.51 29.70 -13.14
C PHE B 409 -16.55 29.48 -11.98
N MET B 410 -16.16 28.23 -11.75
CA MET B 410 -15.09 27.97 -10.79
C MET B 410 -13.82 28.66 -11.33
N ASP B 411 -13.53 28.42 -12.60
CA ASP B 411 -12.35 29.02 -13.27
C ASP B 411 -11.05 28.93 -12.49
N ARG B 412 -10.84 27.81 -11.81
CA ARG B 412 -9.67 27.62 -10.96
C ARG B 412 -9.31 26.14 -10.86
N ASP B 413 -8.02 25.83 -10.66
CA ASP B 413 -7.63 24.44 -10.37
C ASP B 413 -6.50 24.31 -9.35
N ASP B 414 -6.44 25.24 -8.40
CA ASP B 414 -5.61 25.07 -7.21
C ASP B 414 -6.18 23.95 -6.33
N GLN B 415 -5.45 23.56 -5.29
CA GLN B 415 -5.88 22.40 -4.49
C GLN B 415 -7.31 22.55 -3.93
N GLU B 416 -7.65 23.76 -3.52
CA GLU B 416 -8.96 24.02 -2.93
C GLU B 416 -10.10 23.78 -3.93
N MET B 417 -9.89 24.14 -5.19
CA MET B 417 -10.97 23.94 -6.15
C MET B 417 -11.08 22.49 -6.59
N THR B 418 -9.96 21.78 -6.73
CA THR B 418 -10.05 20.36 -7.14
C THR B 418 -10.59 19.54 -5.99
N ALA B 419 -10.35 20.03 -4.78
CA ALA B 419 -10.96 19.43 -3.61
C ALA B 419 -12.48 19.68 -3.68
N PHE B 420 -12.85 20.91 -4.05
CA PHE B 420 -14.26 21.26 -4.18
C PHE B 420 -14.99 20.39 -5.20
N ASN B 421 -14.35 20.11 -6.34
CA ASN B 421 -14.96 19.26 -7.36
C ASN B 421 -15.45 17.94 -6.78
N TYR B 422 -14.58 17.30 -6.00
CA TYR B 422 -14.93 16.01 -5.38
C TYR B 422 -15.97 16.15 -4.27
N ARG B 423 -15.84 17.18 -3.44
CA ARG B 423 -16.82 17.43 -2.38
C ARG B 423 -18.23 17.71 -2.97
N ALA B 424 -18.28 18.42 -4.09
CA ALA B 424 -19.55 18.67 -4.79
C ALA B 424 -20.16 17.37 -5.34
N ALA B 425 -19.33 16.55 -6.00
CA ALA B 425 -19.78 15.27 -6.53
C ALA B 425 -20.35 14.39 -5.43
N GLU B 426 -19.63 14.32 -4.31
CA GLU B 426 -20.09 13.51 -3.19
C GLU B 426 -21.42 14.04 -2.61
N MET B 427 -21.51 15.35 -2.38
CA MET B 427 -22.72 15.93 -1.81
C MET B 427 -23.92 15.72 -2.73
N CYS B 428 -23.68 15.80 -4.05
CA CYS B 428 -24.75 15.51 -5.02
C CYS B 428 -25.16 14.03 -4.97
N ALA B 429 -24.18 13.14 -4.86
CA ALA B 429 -24.47 11.71 -4.79
C ALA B 429 -25.32 11.39 -3.54
N LYS B 430 -25.00 12.03 -2.43
CA LYS B 430 -25.71 11.82 -1.18
C LYS B 430 -27.21 12.09 -1.31
N TYR B 431 -27.56 13.09 -2.12
CA TYR B 431 -28.96 13.46 -2.29
C TYR B 431 -29.47 13.04 -3.66
N LYS B 432 -28.75 12.10 -4.27
CA LYS B 432 -29.13 11.49 -5.55
C LYS B 432 -29.37 12.55 -6.64
N LEU B 433 -28.41 13.44 -6.78
CA LEU B 433 -28.42 14.48 -7.78
C LEU B 433 -27.28 14.24 -8.79
N ILE B 434 -27.53 14.43 -10.09
CA ILE B 434 -26.44 14.35 -11.05
C ILE B 434 -25.77 15.72 -11.12
N LEU B 435 -24.59 15.77 -11.71
CA LEU B 435 -23.78 16.99 -11.70
C LEU B 435 -23.05 17.19 -13.02
N ASP B 436 -23.08 18.44 -13.50
CA ASP B 436 -22.40 18.87 -14.70
C ASP B 436 -21.50 20.04 -14.31
N LEU B 437 -20.20 19.95 -14.59
CA LEU B 437 -19.28 21.01 -14.18
C LEU B 437 -18.83 21.88 -15.36
N HIS B 438 -19.05 23.18 -15.24
CA HIS B 438 -18.64 24.16 -16.25
C HIS B 438 -17.66 25.16 -15.65
N GLY B 439 -16.93 25.87 -16.51
CA GLY B 439 -15.86 26.74 -16.08
C GLY B 439 -14.84 25.92 -15.31
N THR B 440 -14.50 24.77 -15.88
CA THR B 440 -13.65 23.83 -15.18
C THR B 440 -12.64 23.22 -16.16
N HIS B 441 -11.76 22.38 -15.62
CA HIS B 441 -10.67 21.79 -16.39
C HIS B 441 -11.03 20.40 -16.84
N LYS B 442 -10.07 19.71 -17.47
CA LYS B 442 -10.29 18.34 -17.93
C LYS B 442 -10.71 17.43 -16.75
N PRO B 443 -11.60 16.46 -17.03
CA PRO B 443 -12.24 15.62 -16.01
C PRO B 443 -11.24 14.88 -15.11
N ALA B 444 -10.19 14.33 -15.71
CA ALA B 444 -9.11 13.70 -14.96
C ALA B 444 -9.60 12.65 -13.96
N GLY B 445 -10.54 11.82 -14.38
CA GLY B 445 -10.95 10.68 -13.58
C GLY B 445 -12.18 10.83 -12.71
N LEU B 446 -12.66 12.05 -12.50
CA LEU B 446 -13.76 12.27 -11.58
C LEU B 446 -15.01 11.46 -11.94
N ASN B 447 -15.31 11.28 -13.23
CA ASN B 447 -16.52 10.54 -13.59
C ASN B 447 -16.42 9.03 -13.30
N ARG B 448 -15.23 8.53 -13.05
CA ARG B 448 -15.14 7.16 -12.52
C ARG B 448 -15.41 7.12 -11.02
N THR B 449 -14.77 8.03 -10.29
CA THR B 449 -14.87 8.01 -8.83
C THR B 449 -16.29 8.32 -8.40
N TYR B 450 -16.91 9.28 -9.08
CA TYR B 450 -18.31 9.64 -8.84
C TYR B 450 -19.07 9.69 -10.17
N PRO B 451 -19.64 8.55 -10.58
CA PRO B 451 -20.32 8.44 -11.87
C PRO B 451 -21.54 9.35 -12.02
N ASN B 452 -21.96 10.03 -10.95
CA ASN B 452 -23.08 10.96 -11.08
C ASN B 452 -22.68 12.28 -11.70
N VAL B 453 -21.38 12.50 -11.85
CA VAL B 453 -20.90 13.67 -12.57
C VAL B 453 -20.85 13.29 -14.03
N LEU B 454 -21.93 13.62 -14.75
CA LEU B 454 -22.14 13.09 -16.09
C LEU B 454 -21.50 13.91 -17.19
N ASN B 455 -20.99 15.08 -16.85
CA ASN B 455 -20.24 15.85 -17.84
C ASN B 455 -19.41 16.99 -17.28
N PHE B 456 -18.50 17.47 -18.12
CA PHE B 456 -17.49 18.45 -17.77
C PHE B 456 -17.33 19.39 -18.95
N GLU B 457 -17.06 20.67 -18.71
CA GLU B 457 -16.75 21.55 -19.82
C GLU B 457 -15.26 21.47 -20.10
N GLY B 458 -14.54 22.55 -19.87
CA GLY B 458 -13.11 22.54 -20.19
C GLY B 458 -12.89 22.30 -21.67
N VAL B 459 -13.72 22.95 -22.48
CA VAL B 459 -13.71 22.75 -23.90
C VAL B 459 -14.25 24.03 -24.56
N ASN B 460 -13.68 24.40 -25.70
CA ASN B 460 -14.09 25.59 -26.44
C ASN B 460 -15.30 25.22 -27.30
N GLY B 461 -16.44 25.04 -26.62
CA GLY B 461 -17.59 24.40 -27.20
C GLY B 461 -18.43 25.33 -28.05
N LEU B 462 -19.60 24.88 -28.46
CA LEU B 462 -20.35 25.62 -29.51
C LEU B 462 -20.89 26.98 -29.04
N GLU B 463 -20.89 27.23 -27.72
CA GLU B 463 -21.28 28.54 -27.20
C GLU B 463 -20.37 29.63 -27.77
N GLN B 464 -19.15 29.26 -28.15
CA GLN B 464 -18.23 30.24 -28.75
C GLN B 464 -18.83 30.88 -30.02
N MET B 465 -19.77 30.20 -30.66
CA MET B 465 -20.39 30.75 -31.87
C MET B 465 -21.33 31.91 -31.57
N LYS B 466 -21.54 32.20 -30.28
CA LYS B 466 -22.42 33.30 -29.92
C LYS B 466 -21.67 34.65 -29.96
N TRP B 467 -20.34 34.61 -29.98
CA TRP B 467 -19.54 35.83 -29.87
C TRP B 467 -18.20 35.81 -30.62
N SER B 468 -17.74 34.65 -31.05
CA SER B 468 -16.41 34.57 -31.67
C SER B 468 -16.38 35.14 -33.10
N SER B 469 -15.35 35.95 -33.36
CA SER B 469 -15.05 36.41 -34.70
C SER B 469 -14.79 35.21 -35.61
N PRO B 470 -15.00 35.39 -36.94
CA PRO B 470 -14.77 34.27 -37.86
C PRO B 470 -13.34 33.70 -37.86
N SER B 471 -12.41 34.39 -37.23
CA SER B 471 -11.05 33.84 -37.10
C SER B 471 -11.00 32.60 -36.19
N VAL B 472 -12.06 32.33 -35.42
CA VAL B 472 -12.10 31.11 -34.63
C VAL B 472 -12.62 29.94 -35.46
N ASP B 473 -11.77 28.92 -35.66
CA ASP B 473 -12.09 27.82 -36.55
C ASP B 473 -12.70 26.65 -35.79
N GLN B 474 -14.03 26.64 -35.71
CA GLN B 474 -14.72 25.63 -34.93
C GLN B 474 -14.61 24.25 -35.58
N VAL B 475 -14.64 24.22 -36.92
CA VAL B 475 -14.52 22.99 -37.68
C VAL B 475 -13.19 22.30 -37.41
N LYS B 476 -12.11 23.09 -37.42
CA LYS B 476 -10.79 22.55 -37.13
C LYS B 476 -10.75 22.03 -35.71
N TYR B 477 -11.38 22.77 -34.81
CA TYR B 477 -11.37 22.42 -33.41
C TYR B 477 -12.03 21.06 -33.17
N ASP B 478 -13.13 20.83 -33.88
CA ASP B 478 -13.89 19.59 -33.77
C ASP B 478 -13.09 18.33 -34.12
N VAL B 479 -12.15 18.42 -35.08
CA VAL B 479 -11.39 17.23 -35.43
C VAL B 479 -10.11 17.17 -34.59
N MET B 480 -9.93 18.15 -33.70
CA MET B 480 -8.81 18.11 -32.77
C MET B 480 -9.21 17.46 -31.45
N ILE B 481 -10.31 17.89 -30.83
CA ILE B 481 -10.61 17.42 -29.46
C ILE B 481 -10.90 15.93 -29.23
N PRO B 482 -11.35 15.17 -30.27
CA PRO B 482 -11.43 13.72 -30.01
C PRO B 482 -10.07 13.07 -29.73
N PHE B 483 -9.02 13.74 -30.16
CA PHE B 483 -7.68 13.21 -29.98
C PHE B 483 -6.96 13.84 -28.81
N ILE B 484 -7.56 14.89 -28.24
CA ILE B 484 -6.87 15.63 -27.22
C ILE B 484 -7.76 15.81 -25.98
N ARG B 485 -8.65 16.81 -25.96
CA ARG B 485 -9.48 17.04 -24.77
C ARG B 485 -10.33 15.82 -24.39
N GLN B 486 -10.92 15.15 -25.37
CA GLN B 486 -11.77 14.00 -25.04
C GLN B 486 -10.99 12.82 -24.39
N VAL B 487 -9.67 12.80 -24.55
CA VAL B 487 -8.83 11.73 -23.99
C VAL B 487 -8.97 11.70 -22.47
N SER B 488 -9.29 12.86 -21.90
CA SER B 488 -9.40 12.96 -20.46
C SER B 488 -10.73 12.51 -19.92
N GLY B 489 -11.78 12.60 -20.73
CA GLY B 489 -13.12 12.20 -20.34
C GLY B 489 -14.19 12.96 -21.13
N PRO B 490 -15.47 12.77 -20.79
CA PRO B 490 -16.63 13.38 -21.45
C PRO B 490 -16.54 14.91 -21.59
N MET B 491 -17.18 15.44 -22.63
CA MET B 491 -17.23 16.88 -22.91
C MET B 491 -18.67 17.38 -23.01
N ASP B 492 -18.94 18.50 -22.36
CA ASP B 492 -20.22 19.19 -22.56
C ASP B 492 -19.96 20.28 -23.61
N TYR B 493 -19.95 19.86 -24.86
CA TYR B 493 -19.59 20.72 -25.99
C TYR B 493 -20.81 21.53 -26.48
N THR B 494 -21.99 20.97 -26.25
CA THR B 494 -23.31 21.59 -26.53
C THR B 494 -23.52 21.88 -28.00
N GLN B 495 -23.59 20.80 -28.78
CA GLN B 495 -23.83 20.86 -30.22
C GLN B 495 -25.34 20.76 -30.51
N GLY B 496 -25.68 20.71 -31.80
CA GLY B 496 -27.05 20.51 -32.21
C GLY B 496 -27.63 21.66 -33.02
N ALA B 497 -26.77 22.48 -33.61
CA ALA B 497 -27.21 23.66 -34.36
C ALA B 497 -27.95 23.29 -35.62
N MET B 498 -29.09 23.96 -35.87
CA MET B 498 -29.83 23.78 -37.11
C MET B 498 -29.46 24.86 -38.14
N ARG B 499 -28.90 25.96 -37.66
CA ARG B 499 -28.35 26.98 -38.55
C ARG B 499 -26.88 26.63 -38.80
N ASN B 500 -26.56 26.29 -40.04
CA ASN B 500 -25.22 25.76 -40.37
C ASN B 500 -24.54 26.59 -41.46
N ALA B 501 -23.39 27.17 -41.13
CA ALA B 501 -22.73 28.11 -42.03
C ALA B 501 -21.52 27.48 -42.75
N SER B 502 -21.63 27.30 -44.06
CA SER B 502 -20.51 26.84 -44.88
C SER B 502 -19.42 27.90 -44.84
N LYS B 503 -18.24 27.58 -45.39
CA LYS B 503 -17.07 28.46 -45.23
C LYS B 503 -17.32 29.87 -45.72
N GLY B 504 -17.03 30.85 -44.87
CA GLY B 504 -17.21 32.24 -45.23
C GLY B 504 -18.58 32.79 -44.87
N ASN B 505 -19.51 31.93 -44.48
CA ASN B 505 -20.86 32.41 -44.16
C ASN B 505 -21.08 32.54 -42.66
N TYR B 506 -20.12 32.09 -41.86
CA TYR B 506 -20.26 32.22 -40.42
C TYR B 506 -20.07 33.66 -39.94
N TYR B 507 -20.90 34.09 -39.00
N TYR B 507 -20.89 34.06 -38.99
CA TYR B 507 -20.68 35.31 -38.24
CA TYR B 507 -20.71 35.31 -38.26
C TYR B 507 -21.25 35.11 -36.85
C TYR B 507 -21.26 35.10 -36.85
N PRO B 508 -20.65 35.75 -35.84
CA PRO B 508 -21.16 35.61 -34.46
C PRO B 508 -22.52 36.27 -34.28
N CYS B 509 -23.49 35.52 -33.77
CA CYS B 509 -24.80 36.09 -33.54
C CYS B 509 -25.35 35.54 -32.22
N TYR B 510 -25.44 36.41 -31.22
CA TYR B 510 -25.70 35.95 -29.86
C TYR B 510 -27.05 35.27 -29.68
N SER B 511 -28.08 35.85 -30.28
CA SER B 511 -29.46 35.38 -30.02
C SER B 511 -29.98 34.45 -31.11
N GLU B 512 -29.29 34.41 -32.24
CA GLU B 512 -29.58 33.42 -33.28
C GLU B 512 -28.28 32.80 -33.81
N PRO B 513 -27.53 32.10 -32.94
CA PRO B 513 -26.20 31.58 -33.34
C PRO B 513 -26.24 30.48 -34.37
N MET B 514 -25.10 30.24 -35.01
CA MET B 514 -24.99 29.14 -35.96
C MET B 514 -23.72 28.29 -35.71
N SER B 515 -23.71 27.06 -36.23
CA SER B 515 -22.46 26.32 -36.32
C SER B 515 -21.72 26.61 -37.63
N GLN B 516 -20.44 26.26 -37.64
CA GLN B 516 -19.62 26.24 -38.84
C GLN B 516 -19.67 24.84 -39.47
N GLY B 517 -19.71 24.77 -40.79
CA GLY B 517 -19.80 23.50 -41.46
C GLY B 517 -21.25 23.10 -41.68
N THR B 518 -21.51 21.81 -41.70
CA THR B 518 -22.78 21.32 -42.25
C THR B 518 -23.75 20.81 -41.21
N ARG B 519 -24.96 20.52 -41.65
CA ARG B 519 -25.95 19.90 -40.78
C ARG B 519 -25.45 18.56 -40.27
N CYS B 520 -24.90 17.74 -41.17
CA CYS B 520 -24.53 16.39 -40.81
C CYS B 520 -23.34 16.37 -39.86
N ARG B 521 -22.52 17.41 -39.89
CA ARG B 521 -21.47 17.52 -38.88
C ARG B 521 -22.11 17.52 -37.49
N GLN B 522 -23.14 18.35 -37.33
CA GLN B 522 -23.83 18.49 -36.06
C GLN B 522 -24.42 17.16 -35.62
N LEU B 523 -25.04 16.43 -36.54
CA LEU B 523 -25.59 15.13 -36.20
C LEU B 523 -24.50 14.11 -35.81
N ALA B 524 -23.40 14.15 -36.54
CA ALA B 524 -22.29 13.23 -36.32
C ALA B 524 -21.66 13.41 -34.93
N LEU B 525 -21.69 14.64 -34.41
CA LEU B 525 -21.04 14.92 -33.12
C LEU B 525 -21.70 14.14 -31.99
N TYR B 526 -22.94 13.71 -32.20
CA TYR B 526 -23.63 12.95 -31.16
C TYR B 526 -23.05 11.53 -31.07
N VAL B 527 -22.26 11.15 -32.08
CA VAL B 527 -21.49 9.91 -32.00
C VAL B 527 -20.01 10.19 -31.72
N VAL B 528 -19.44 11.19 -32.40
CA VAL B 528 -18.01 11.43 -32.29
C VAL B 528 -17.64 11.93 -30.87
N PHE B 529 -18.44 12.83 -30.32
CA PHE B 529 -18.17 13.34 -28.98
C PHE B 529 -18.85 12.47 -27.92
N GLU B 530 -18.16 12.27 -26.79
CA GLU B 530 -18.72 11.52 -25.66
C GLU B 530 -19.33 12.47 -24.64
N SER B 531 -20.63 12.33 -24.38
CA SER B 531 -21.41 13.27 -23.54
C SER B 531 -22.60 12.58 -22.87
N PRO B 532 -22.37 11.89 -21.75
CA PRO B 532 -23.46 11.17 -21.08
C PRO B 532 -24.64 12.06 -20.72
N PHE B 533 -24.34 13.33 -20.44
CA PHE B 533 -25.34 14.39 -20.24
C PHE B 533 -25.18 15.39 -21.39
N ASN B 534 -26.08 15.34 -22.38
CA ASN B 534 -25.83 15.93 -23.70
C ASN B 534 -26.84 17.00 -24.13
N MET B 535 -26.39 18.11 -24.70
CA MET B 535 -27.33 19.19 -25.04
C MET B 535 -27.95 19.05 -26.44
N LEU B 536 -29.21 19.46 -26.54
CA LEU B 536 -29.74 19.97 -27.81
C LEU B 536 -29.69 21.48 -27.72
N CYS B 537 -28.74 22.10 -28.41
CA CYS B 537 -28.46 23.51 -28.15
C CYS B 537 -29.51 24.48 -28.75
N ASP B 538 -30.23 24.06 -29.77
CA ASP B 538 -31.04 25.02 -30.55
C ASP B 538 -32.46 25.16 -29.97
N THR B 539 -33.22 26.12 -30.48
CA THR B 539 -34.61 26.28 -30.03
C THR B 539 -35.46 25.08 -30.42
N PRO B 540 -36.47 24.73 -29.59
CA PRO B 540 -37.55 23.84 -30.03
C PRO B 540 -38.18 24.29 -31.36
N SER B 541 -38.28 25.60 -31.56
CA SER B 541 -38.83 26.16 -32.79
C SER B 541 -38.04 25.63 -33.99
N ASN B 542 -36.72 25.70 -33.91
CA ASN B 542 -35.88 25.23 -35.01
C ASN B 542 -35.94 23.71 -35.17
N TYR B 543 -35.96 22.97 -34.06
CA TYR B 543 -36.01 21.52 -34.14
C TYR B 543 -37.32 21.05 -34.75
N MET B 544 -38.41 21.72 -34.40
CA MET B 544 -39.70 21.33 -34.93
C MET B 544 -39.82 21.66 -36.43
N ARG B 545 -39.00 22.59 -36.92
CA ARG B 545 -38.90 22.80 -38.36
C ARG B 545 -37.98 21.77 -39.01
N GLU B 546 -37.30 20.97 -38.18
CA GLU B 546 -36.37 19.95 -38.68
C GLU B 546 -36.67 18.57 -38.13
N PRO B 547 -37.80 17.98 -38.55
CA PRO B 547 -38.26 16.71 -37.98
C PRO B 547 -37.24 15.59 -38.04
N GLU B 548 -36.68 15.35 -39.21
CA GLU B 548 -35.75 14.24 -39.38
C GLU B 548 -34.54 14.36 -38.47
N SER B 549 -33.91 15.55 -38.47
CA SER B 549 -32.72 15.79 -37.67
C SER B 549 -33.03 15.61 -36.19
N THR B 550 -34.13 16.22 -35.75
CA THR B 550 -34.57 16.14 -34.36
C THR B 550 -34.82 14.70 -33.93
N ALA B 551 -35.48 13.93 -34.79
CA ALA B 551 -35.78 12.55 -34.48
C ALA B 551 -34.51 11.76 -34.25
N PHE B 552 -33.54 11.95 -35.14
CA PHE B 552 -32.26 11.25 -35.02
C PHE B 552 -31.57 11.61 -33.71
N ILE B 553 -31.50 12.91 -33.40
CA ILE B 553 -30.83 13.38 -32.20
C ILE B 553 -31.54 12.90 -30.93
N ALA B 554 -32.86 12.99 -30.92
CA ALA B 554 -33.65 12.58 -29.77
C ALA B 554 -33.44 11.10 -29.46
N GLU B 555 -33.25 10.29 -30.49
CA GLU B 555 -33.25 8.84 -30.33
C GLU B 555 -31.90 8.22 -29.96
N ILE B 556 -30.80 8.85 -30.39
CA ILE B 556 -29.47 8.26 -30.21
C ILE B 556 -29.05 8.22 -28.73
N PRO B 557 -28.47 7.08 -28.30
CA PRO B 557 -27.99 6.96 -26.91
C PRO B 557 -26.90 7.98 -26.57
N THR B 558 -26.70 8.27 -25.28
CA THR B 558 -25.58 9.09 -24.86
C THR B 558 -24.58 8.24 -24.08
N VAL B 559 -24.98 7.00 -23.77
CA VAL B 559 -24.14 6.05 -23.04
C VAL B 559 -24.07 4.77 -23.84
N TRP B 560 -22.89 4.15 -23.89
CA TRP B 560 -22.66 3.07 -24.84
C TRP B 560 -22.11 1.80 -24.19
N ASP B 561 -22.32 0.66 -24.86
CA ASP B 561 -21.84 -0.65 -24.41
C ASP B 561 -20.48 -1.00 -25.04
N GLU B 562 -20.22 -0.43 -26.21
CA GLU B 562 -18.99 -0.70 -26.96
C GLU B 562 -18.66 0.50 -27.84
N SER B 563 -17.37 0.82 -27.96
CA SER B 563 -16.94 1.89 -28.84
C SER B 563 -15.70 1.50 -29.63
N ILE B 564 -15.72 1.76 -30.93
CA ILE B 564 -14.58 1.51 -31.81
C ILE B 564 -14.27 2.74 -32.62
N VAL B 565 -13.06 3.26 -32.52
CA VAL B 565 -12.67 4.32 -33.44
C VAL B 565 -12.14 3.65 -34.70
N LEU B 566 -12.93 3.77 -35.79
CA LEU B 566 -12.62 3.06 -37.02
C LEU B 566 -11.41 3.64 -37.73
N ASP B 567 -11.29 4.96 -37.73
CA ASP B 567 -10.19 5.61 -38.42
C ASP B 567 -10.04 7.04 -37.93
N GLY B 568 -8.91 7.65 -38.22
CA GLY B 568 -8.76 9.06 -37.92
C GLY B 568 -7.35 9.57 -38.12
N LYS B 569 -7.25 10.87 -38.38
CA LYS B 569 -5.98 11.58 -38.36
C LYS B 569 -6.23 12.85 -37.59
N MET B 570 -5.40 13.10 -36.59
CA MET B 570 -5.59 14.24 -35.70
C MET B 570 -5.74 15.53 -36.49
N GLY B 571 -6.82 16.25 -36.23
CA GLY B 571 -7.05 17.54 -36.84
C GLY B 571 -7.45 17.44 -38.29
N GLU B 572 -7.76 16.24 -38.78
CA GLU B 572 -8.15 16.12 -40.18
C GLU B 572 -9.50 15.43 -40.31
N TYR B 573 -9.65 14.29 -39.63
CA TYR B 573 -10.91 13.56 -39.64
C TYR B 573 -10.94 12.45 -38.61
N ILE B 574 -12.14 11.95 -38.33
CA ILE B 574 -12.26 10.79 -37.44
C ILE B 574 -13.56 10.10 -37.78
N VAL B 575 -13.56 8.78 -37.73
CA VAL B 575 -14.75 7.99 -37.96
C VAL B 575 -14.90 7.03 -36.79
N THR B 576 -16.04 7.06 -36.13
CA THR B 576 -16.21 6.32 -34.87
C THR B 576 -17.54 5.55 -34.83
N ALA B 577 -17.48 4.28 -34.41
CA ALA B 577 -18.64 3.41 -34.30
C ALA B 577 -18.91 3.05 -32.84
N ARG B 578 -20.19 3.06 -32.43
CA ARG B 578 -20.55 2.76 -31.06
C ARG B 578 -21.79 1.90 -31.01
N ARG B 579 -21.83 1.01 -30.02
CA ARG B 579 -22.91 0.06 -29.89
C ARG B 579 -23.73 0.27 -28.62
N LYS B 580 -25.05 0.13 -28.73
CA LYS B 580 -25.94 0.13 -27.59
C LYS B 580 -26.98 -0.99 -27.78
N GLY B 581 -26.79 -2.08 -27.03
CA GLY B 581 -27.57 -3.27 -27.23
C GLY B 581 -27.18 -3.87 -28.57
N ASP B 582 -28.14 -4.09 -29.46
CA ASP B 582 -27.84 -4.60 -30.81
C ASP B 582 -27.94 -3.52 -31.90
N VAL B 583 -27.96 -2.26 -31.49
CA VAL B 583 -28.01 -1.14 -32.42
C VAL B 583 -26.65 -0.45 -32.51
N TRP B 584 -26.20 -0.16 -33.74
CA TRP B 584 -24.95 0.56 -33.95
C TRP B 584 -25.16 1.97 -34.51
N TYR B 585 -24.28 2.88 -34.11
CA TYR B 585 -24.21 4.23 -34.67
C TYR B 585 -22.81 4.49 -35.17
N VAL B 586 -22.71 5.19 -36.31
CA VAL B 586 -21.42 5.62 -36.84
C VAL B 586 -21.45 7.10 -37.15
N GLY B 587 -20.44 7.81 -36.69
CA GLY B 587 -20.33 9.21 -37.02
C GLY B 587 -18.96 9.51 -37.60
N GLY B 588 -18.92 10.43 -38.57
CA GLY B 588 -17.66 10.86 -39.11
C GLY B 588 -17.68 12.36 -39.28
N ILE B 589 -16.54 13.00 -39.07
CA ILE B 589 -16.42 14.43 -39.39
C ILE B 589 -15.09 14.69 -40.10
N THR B 590 -15.04 15.76 -40.89
CA THR B 590 -13.81 16.14 -41.57
C THR B 590 -13.43 17.57 -41.20
N ASP B 591 -12.25 18.01 -41.60
CA ASP B 591 -11.86 19.40 -41.43
C ASP B 591 -12.46 20.20 -42.61
N TRP B 592 -11.79 21.26 -43.04
CA TRP B 592 -12.37 22.05 -44.12
C TRP B 592 -12.15 21.44 -45.50
N SER B 593 -11.44 20.31 -45.57
CA SER B 593 -11.26 19.61 -46.84
C SER B 593 -12.41 18.63 -47.06
N ALA B 594 -13.01 18.65 -48.25
CA ALA B 594 -13.92 17.58 -48.62
C ALA B 594 -13.12 16.28 -48.62
N ARG B 595 -13.74 15.16 -48.27
CA ARG B 595 -12.98 13.92 -48.21
C ARG B 595 -13.94 12.73 -48.37
N ASP B 596 -13.45 11.67 -49.01
CA ASP B 596 -14.23 10.46 -49.18
C ASP B 596 -13.79 9.38 -48.19
N ILE B 597 -14.77 8.84 -47.47
CA ILE B 597 -14.52 7.90 -46.41
C ILE B 597 -15.21 6.60 -46.76
N GLU B 598 -14.63 5.48 -46.34
CA GLU B 598 -15.25 4.20 -46.50
C GLU B 598 -15.51 3.59 -45.13
N VAL B 599 -16.73 3.10 -44.91
CA VAL B 599 -17.03 2.46 -43.63
C VAL B 599 -17.07 0.94 -43.78
N ASP B 600 -16.10 0.28 -43.15
CA ASP B 600 -16.01 -1.18 -43.10
C ASP B 600 -16.95 -1.69 -42.00
N CYS B 601 -18.01 -2.38 -42.38
CA CYS B 601 -19.02 -2.77 -41.39
C CYS B 601 -18.76 -4.12 -40.73
N SER B 602 -17.50 -4.50 -40.61
CA SER B 602 -17.14 -5.80 -40.02
C SER B 602 -17.37 -5.86 -38.51
N PHE B 603 -17.74 -4.74 -37.91
CA PHE B 603 -18.03 -4.70 -36.48
C PHE B 603 -19.44 -5.24 -36.17
N LEU B 604 -20.25 -5.39 -37.21
CA LEU B 604 -21.62 -5.86 -37.04
C LEU B 604 -21.67 -7.36 -36.75
N GLY B 605 -22.83 -7.83 -36.32
CA GLY B 605 -23.08 -9.25 -36.17
C GLY B 605 -23.45 -9.85 -37.50
N ASP B 606 -24.12 -11.00 -37.48
CA ASP B 606 -24.50 -11.67 -38.72
C ASP B 606 -25.96 -11.41 -39.05
N LYS B 607 -26.64 -10.73 -38.13
CA LYS B 607 -28.03 -10.34 -38.31
C LYS B 607 -28.19 -9.47 -39.55
N SER B 608 -29.42 -9.32 -40.03
CA SER B 608 -29.70 -8.41 -41.13
C SER B 608 -30.19 -7.07 -40.61
N TYR B 609 -29.58 -5.99 -41.09
CA TYR B 609 -29.82 -4.67 -40.53
C TYR B 609 -30.37 -3.69 -41.55
N HIS B 610 -31.13 -2.72 -41.07
CA HIS B 610 -31.60 -1.61 -41.89
C HIS B 610 -30.79 -0.36 -41.54
N ALA B 611 -30.17 0.25 -42.54
CA ALA B 611 -29.36 1.45 -42.30
C ALA B 611 -30.14 2.74 -42.57
N THR B 612 -29.94 3.73 -41.72
CA THR B 612 -30.44 5.08 -41.93
C THR B 612 -29.24 6.03 -41.95
N LEU B 613 -29.03 6.70 -43.08
CA LEU B 613 -27.83 7.49 -43.27
C LEU B 613 -28.15 8.95 -43.51
N PHE B 614 -27.54 9.83 -42.71
CA PHE B 614 -27.56 11.26 -42.96
C PHE B 614 -26.23 11.63 -43.56
N LYS B 615 -26.25 12.09 -44.81
CA LYS B 615 -25.05 12.51 -45.50
C LYS B 615 -25.20 13.95 -46.02
N ASP B 616 -24.05 14.61 -46.19
CA ASP B 616 -24.02 15.96 -46.71
C ASP B 616 -24.69 16.00 -48.09
N GLY B 617 -25.50 17.02 -48.34
CA GLY B 617 -26.12 17.20 -49.65
C GLY B 617 -25.11 17.61 -50.70
N VAL B 618 -25.47 17.50 -51.99
CA VAL B 618 -24.50 17.82 -53.03
C VAL B 618 -24.09 19.30 -53.01
N ASN B 619 -24.87 20.15 -52.35
CA ASN B 619 -24.51 21.56 -52.24
C ASN B 619 -24.15 22.03 -50.83
N ALA B 620 -23.81 21.08 -49.95
CA ALA B 620 -23.44 21.40 -48.57
C ALA B 620 -22.19 22.27 -48.47
N HIS B 621 -21.44 22.37 -49.56
CA HIS B 621 -20.28 23.28 -49.59
C HIS B 621 -20.69 24.75 -49.76
N ARG B 622 -21.93 25.00 -50.18
CA ARG B 622 -22.42 26.37 -50.34
C ARG B 622 -23.57 26.70 -49.38
N ALA B 623 -24.35 25.69 -49.06
CA ALA B 623 -25.43 25.82 -48.10
C ALA B 623 -25.26 24.71 -47.07
N GLY B 624 -24.69 25.07 -45.91
CA GLY B 624 -24.32 24.13 -44.86
C GLY B 624 -25.43 23.21 -44.40
N ARG B 625 -26.66 23.73 -44.42
CA ARG B 625 -27.82 22.97 -43.95
C ARG B 625 -28.16 21.79 -44.86
N ASP B 626 -27.59 21.78 -46.07
CA ASP B 626 -28.00 20.80 -47.08
C ASP B 626 -27.61 19.39 -46.65
N TYR B 627 -28.60 18.51 -46.51
CA TYR B 627 -28.31 17.12 -46.17
C TYR B 627 -29.21 16.22 -46.98
N LYS B 628 -28.89 14.93 -46.97
CA LYS B 628 -29.72 13.91 -47.59
C LYS B 628 -29.84 12.72 -46.65
N CYS B 629 -31.06 12.26 -46.45
CA CYS B 629 -31.31 11.11 -45.60
C CYS B 629 -31.70 9.90 -46.46
N GLU B 630 -30.91 8.83 -46.39
CA GLU B 630 -31.17 7.62 -47.18
C GLU B 630 -31.41 6.39 -46.29
N SER B 631 -32.27 5.49 -46.73
CA SER B 631 -32.51 4.22 -46.05
C SER B 631 -32.15 3.06 -46.96
N PHE B 632 -31.48 2.06 -46.41
CA PHE B 632 -31.11 0.88 -47.19
C PHE B 632 -30.71 -0.27 -46.26
N PRO B 633 -30.87 -1.51 -46.72
CA PRO B 633 -30.41 -2.65 -45.92
C PRO B 633 -28.88 -2.75 -45.94
N ILE B 634 -28.31 -3.27 -44.86
CA ILE B 634 -26.87 -3.48 -44.80
C ILE B 634 -26.55 -4.66 -43.91
N LYS B 635 -25.38 -5.25 -44.12
CA LYS B 635 -24.95 -6.37 -43.32
C LYS B 635 -23.44 -6.33 -43.09
N LYS B 636 -22.94 -7.34 -42.38
CA LYS B 636 -21.56 -7.36 -41.90
C LYS B 636 -20.52 -7.13 -43.01
N ASP B 637 -20.82 -7.63 -44.21
CA ASP B 637 -19.87 -7.59 -45.32
C ASP B 637 -19.76 -6.19 -45.93
N GLY B 638 -20.65 -5.30 -45.50
CA GLY B 638 -20.81 -3.99 -46.09
C GLY B 638 -19.62 -3.04 -46.02
N LYS B 639 -19.36 -2.34 -47.11
CA LYS B 639 -18.33 -1.31 -47.15
C LYS B 639 -18.94 -0.05 -47.75
N LEU B 640 -19.53 0.77 -46.88
CA LEU B 640 -20.29 1.93 -47.31
C LEU B 640 -19.40 3.14 -47.62
N LYS B 641 -19.47 3.64 -48.84
CA LYS B 641 -18.72 4.83 -49.23
C LYS B 641 -19.54 6.09 -48.94
N VAL B 642 -18.92 7.06 -48.26
CA VAL B 642 -19.61 8.30 -47.94
C VAL B 642 -18.77 9.51 -48.33
N HIS B 643 -19.38 10.47 -49.02
CA HIS B 643 -18.67 11.72 -49.28
C HIS B 643 -18.96 12.74 -48.20
N LEU B 644 -17.91 13.36 -47.65
CA LEU B 644 -18.08 14.40 -46.66
C LEU B 644 -17.69 15.72 -47.28
N ALA B 645 -18.61 16.70 -47.21
CA ALA B 645 -18.37 18.05 -47.74
C ALA B 645 -17.39 18.80 -46.83
N PRO B 646 -16.84 19.94 -47.28
CA PRO B 646 -16.00 20.74 -46.39
C PRO B 646 -16.71 21.04 -45.08
N GLY B 647 -16.05 20.81 -43.95
CA GLY B 647 -16.66 21.05 -42.64
C GLY B 647 -17.87 20.16 -42.40
N GLY B 648 -17.91 19.05 -43.11
CA GLY B 648 -19.06 18.17 -43.05
C GLY B 648 -18.88 16.90 -42.25
N GLY B 649 -19.68 15.90 -42.56
CA GLY B 649 -19.65 14.66 -41.83
C GLY B 649 -20.84 13.81 -42.23
N PHE B 650 -21.07 12.74 -41.49
CA PHE B 650 -22.20 11.88 -41.78
C PHE B 650 -22.63 11.24 -40.48
N ALA B 651 -23.88 10.81 -40.40
CA ALA B 651 -24.36 10.09 -39.22
C ALA B 651 -25.18 8.91 -39.68
N LEU B 652 -24.84 7.74 -39.15
CA LEU B 652 -25.37 6.48 -39.63
C LEU B 652 -25.94 5.66 -38.48
N LYS B 653 -27.17 5.21 -38.62
CA LYS B 653 -27.81 4.35 -37.64
C LYS B 653 -28.12 3.00 -38.26
N ILE B 654 -27.72 1.94 -37.57
CA ILE B 654 -27.86 0.58 -38.05
C ILE B 654 -28.61 -0.26 -37.02
N LYS B 655 -29.82 -0.65 -37.36
CA LYS B 655 -30.72 -1.33 -36.43
C LYS B 655 -31.22 -2.63 -37.05
C2 BGC C . 11.85 -20.59 36.40
C3 BGC C . 11.41 -21.77 37.27
C4 BGC C . 11.94 -21.60 38.69
C5 BGC C . 11.38 -20.27 39.22
C6 BGC C . 11.71 -19.99 40.69
C1 BGC C . 11.50 -19.26 37.06
O1 BGC C . 12.21 -18.24 36.36
O2 BGC C . 11.26 -20.66 35.10
O3 BGC C . 11.89 -22.98 36.68
O4 BGC C . 11.49 -22.65 39.55
O5 BGC C . 11.91 -19.22 38.43
O6 BGC C . 11.31 -18.63 40.93
C1 GLA C . 11.59 -16.97 36.25
C2 GLA C . 12.49 -16.18 35.33
C3 GLA C . 13.86 -16.02 35.98
C4 GLA C . 13.67 -15.24 37.27
C5 GLA C . 12.76 -16.04 38.18
C6 GLA C . 12.51 -15.34 39.52
O2 GLA C . 12.67 -16.93 34.12
O3 GLA C . 14.72 -15.29 35.12
O4 GLA C . 13.06 -13.98 36.97
O5 GLA C . 11.52 -16.31 37.53
O6 GLA C . 11.66 -16.17 40.32
C1 GAL C . 12.30 -23.82 39.58
C2 GAL C . 12.29 -24.42 40.99
C3 GAL C . 13.02 -25.75 40.96
C4 GAL C . 12.44 -26.67 39.90
C5 GAL C . 12.41 -25.99 38.55
C6 GAL C . 11.71 -26.92 37.58
O2 GAL C . 13.01 -23.54 41.87
O3 GAL C . 12.88 -26.43 42.20
O4 GAL C . 11.11 -27.04 40.28
O5 GAL C . 11.71 -24.76 38.67
O6 GAL C . 11.58 -26.29 36.31
C2 BGC D . -18.72 31.35 -21.08
C3 BGC D . -18.20 32.76 -21.30
C4 BGC D . -19.37 33.70 -21.55
C5 BGC D . -20.34 33.61 -20.37
C6 BGC D . -21.52 34.55 -20.57
C1 BGC D . -19.79 31.31 -20.00
O1 BGC D . -20.41 30.03 -20.10
O2 BGC D . -17.66 30.45 -20.75
O3 BGC D . -17.33 32.69 -22.43
O4 BGC D . -19.00 35.08 -21.65
O5 BGC D . -20.82 32.29 -20.24
O6 BGC D . -22.47 34.36 -19.52
C1 GLA D . -20.87 29.43 -18.89
C2 GLA D . -21.33 28.01 -19.25
C3 GLA D . -22.46 28.13 -20.27
C4 GLA D . -23.62 28.88 -19.60
C5 GLA D . -23.16 30.25 -19.17
C6 GLA D . -24.23 30.92 -18.32
O2 GLA D . -20.24 27.28 -19.82
O3 GLA D . -22.89 26.83 -20.65
O4 GLA D . -23.98 28.18 -18.41
O5 GLA D . -21.99 30.16 -18.37
O6 GLA D . -23.92 32.32 -18.28
C1 GAL D . -18.55 35.48 -22.95
C2 GAL D . -19.02 36.90 -23.22
C3 GAL D . -18.47 37.39 -24.57
C4 GAL D . -16.98 37.17 -24.65
C5 GAL D . -16.60 35.74 -24.24
C6 GAL D . -15.08 35.54 -24.17
O2 GAL D . -20.44 36.93 -23.27
O3 GAL D . -18.74 38.79 -24.71
O4 GAL D . -16.31 38.15 -23.84
O5 GAL D . -17.13 35.42 -22.95
O6 GAL D . -14.80 34.16 -23.88
CA CA E . 12.30 -19.04 33.43
C1 GOL F . 25.83 -33.45 30.71
O1 GOL F . 26.08 -32.27 29.99
C2 GOL F . 26.52 -33.19 32.04
O2 GOL F . 25.87 -33.96 33.03
C3 GOL F . 27.99 -33.57 31.94
O3 GOL F . 28.65 -33.10 33.10
CA CA G . -18.23 28.03 -20.81
C1 GOL H . -13.55 29.42 -40.03
O1 GOL H . -13.85 28.15 -39.48
C2 GOL H . -14.88 30.10 -40.38
O2 GOL H . -14.64 31.49 -40.39
C3 GOL H . -15.37 29.65 -41.76
O3 GOL H . -16.49 30.38 -42.21
C1 GOL I . -1.22 2.48 -29.74
O1 GOL I . -0.86 2.86 -31.05
C2 GOL I . -1.08 0.98 -29.60
O2 GOL I . -0.78 0.66 -28.26
C3 GOL I . 0.06 0.48 -30.47
O3 GOL I . 0.37 -0.80 -29.98
#